data_1OUR
# 
_entry.id   1OUR 
# 
_audit_conform.dict_name       mmcif_pdbx.dic 
_audit_conform.dict_version    5.387 
_audit_conform.dict_location   http://mmcif.pdb.org/dictionaries/ascii/mmcif_pdbx.dic 
# 
loop_
_database_2.database_id 
_database_2.database_code 
_database_2.pdbx_database_accession 
_database_2.pdbx_DOI 
PDB   1OUR         pdb_00001our 10.2210/pdb1our/pdb 
RCSB  RCSB018684   ?            ?                   
WWPDB D_1000018684 ?            ?                   
# 
loop_
_pdbx_audit_revision_history.ordinal 
_pdbx_audit_revision_history.data_content_type 
_pdbx_audit_revision_history.major_revision 
_pdbx_audit_revision_history.minor_revision 
_pdbx_audit_revision_history.revision_date 
1 'Structure model' 1 0 2003-09-09 
2 'Structure model' 1 1 2008-04-29 
3 'Structure model' 1 2 2011-07-13 
4 'Structure model' 1 3 2020-07-29 
5 'Structure model' 1 4 2024-03-13 
# 
loop_
_pdbx_audit_revision_details.ordinal 
_pdbx_audit_revision_details.revision_ordinal 
_pdbx_audit_revision_details.data_content_type 
_pdbx_audit_revision_details.provider 
_pdbx_audit_revision_details.type 
_pdbx_audit_revision_details.description 
_pdbx_audit_revision_details.details 
1 1 'Structure model' repository 'Initial release' ?                          ? 
2 4 'Structure model' repository Remediation       'Carbohydrate remediation' ? 
# 
loop_
_pdbx_audit_revision_group.ordinal 
_pdbx_audit_revision_group.revision_ordinal 
_pdbx_audit_revision_group.data_content_type 
_pdbx_audit_revision_group.group 
1 2 'Structure model' 'Version format compliance' 
2 3 'Structure model' 'Version format compliance' 
3 4 'Structure model' Advisory                    
4 4 'Structure model' 'Data collection'           
5 4 'Structure model' 'Derived calculations'      
6 4 'Structure model' 'Structure summary'         
7 5 'Structure model' 'Data collection'           
8 5 'Structure model' 'Database references'       
9 5 'Structure model' 'Structure summary'         
# 
loop_
_pdbx_audit_revision_category.ordinal 
_pdbx_audit_revision_category.revision_ordinal 
_pdbx_audit_revision_category.data_content_type 
_pdbx_audit_revision_category.category 
1  4 'Structure model' chem_comp                 
2  4 'Structure model' database_PDB_caveat       
3  4 'Structure model' diffrn_source             
4  4 'Structure model' entity                    
5  4 'Structure model' pdbx_chem_comp_identifier 
6  4 'Structure model' pdbx_entity_nonpoly       
7  4 'Structure model' pdbx_struct_conn_angle    
8  4 'Structure model' struct_conn               
9  4 'Structure model' struct_site               
10 4 'Structure model' struct_site_gen           
11 5 'Structure model' chem_comp                 
12 5 'Structure model' chem_comp_atom            
13 5 'Structure model' chem_comp_bond            
14 5 'Structure model' database_2                
# 
loop_
_pdbx_audit_revision_item.ordinal 
_pdbx_audit_revision_item.revision_ordinal 
_pdbx_audit_revision_item.data_content_type 
_pdbx_audit_revision_item.item 
1  4 'Structure model' '_chem_comp.name'                             
2  4 'Structure model' '_chem_comp.type'                             
3  4 'Structure model' '_diffrn_source.pdbx_synchrotron_site'        
4  4 'Structure model' '_entity.pdbx_description'                    
5  4 'Structure model' '_pdbx_entity_nonpoly.name'                   
6  4 'Structure model' '_pdbx_struct_conn_angle.ptnr1_auth_comp_id'  
7  4 'Structure model' '_pdbx_struct_conn_angle.ptnr1_auth_seq_id'   
8  4 'Structure model' '_pdbx_struct_conn_angle.ptnr1_label_asym_id' 
9  4 'Structure model' '_pdbx_struct_conn_angle.ptnr1_label_atom_id' 
10 4 'Structure model' '_pdbx_struct_conn_angle.ptnr1_label_comp_id' 
11 4 'Structure model' '_pdbx_struct_conn_angle.ptnr1_label_seq_id'  
12 4 'Structure model' '_pdbx_struct_conn_angle.ptnr1_symmetry'      
13 4 'Structure model' '_pdbx_struct_conn_angle.ptnr2_auth_seq_id'   
14 4 'Structure model' '_pdbx_struct_conn_angle.ptnr2_label_asym_id' 
15 4 'Structure model' '_pdbx_struct_conn_angle.ptnr3_auth_comp_id'  
16 4 'Structure model' '_pdbx_struct_conn_angle.ptnr3_auth_seq_id'   
17 4 'Structure model' '_pdbx_struct_conn_angle.ptnr3_label_asym_id' 
18 4 'Structure model' '_pdbx_struct_conn_angle.ptnr3_label_atom_id' 
19 4 'Structure model' '_pdbx_struct_conn_angle.ptnr3_label_comp_id' 
20 4 'Structure model' '_pdbx_struct_conn_angle.ptnr3_label_seq_id'  
21 4 'Structure model' '_pdbx_struct_conn_angle.ptnr3_symmetry'      
22 4 'Structure model' '_pdbx_struct_conn_angle.value'               
23 4 'Structure model' '_struct_conn.pdbx_dist_value'                
24 4 'Structure model' '_struct_conn.ptnr1_auth_comp_id'             
25 4 'Structure model' '_struct_conn.ptnr1_auth_seq_id'              
26 4 'Structure model' '_struct_conn.ptnr1_label_asym_id'            
27 4 'Structure model' '_struct_conn.ptnr1_label_atom_id'            
28 4 'Structure model' '_struct_conn.ptnr1_label_comp_id'            
29 4 'Structure model' '_struct_conn.ptnr1_label_seq_id'             
30 4 'Structure model' '_struct_conn.ptnr1_symmetry'                 
31 4 'Structure model' '_struct_conn.ptnr2_auth_comp_id'             
32 4 'Structure model' '_struct_conn.ptnr2_auth_seq_id'              
33 4 'Structure model' '_struct_conn.ptnr2_label_asym_id'            
34 4 'Structure model' '_struct_conn.ptnr2_label_atom_id'            
35 4 'Structure model' '_struct_conn.ptnr2_label_comp_id'            
36 4 'Structure model' '_struct_conn.ptnr2_label_seq_id'             
37 4 'Structure model' '_struct_conn.ptnr2_symmetry'                 
38 5 'Structure model' '_chem_comp.pdbx_synonyms'                    
39 5 'Structure model' '_database_2.pdbx_DOI'                        
40 5 'Structure model' '_database_2.pdbx_database_accession'         
# 
_database_PDB_caveat.id     1 
_database_PDB_caveat.text   'MAN A 301 HAS WRONG CHIRALITY AT ATOM C1' 
# 
_pdbx_database_status.status_code                     REL 
_pdbx_database_status.entry_id                        1OUR 
_pdbx_database_status.recvd_initial_deposition_date   2003-03-25 
_pdbx_database_status.deposit_site                    RCSB 
_pdbx_database_status.process_site                    PDBJ 
_pdbx_database_status.status_code_sf                  REL 
_pdbx_database_status.SG_entry                        . 
_pdbx_database_status.pdb_format_compatible           Y 
_pdbx_database_status.status_code_mr                  ? 
_pdbx_database_status.status_code_cs                  ? 
_pdbx_database_status.status_code_nmr_data            ? 
_pdbx_database_status.methods_development_category    ? 
# 
loop_
_pdbx_database_related.db_name 
_pdbx_database_related.db_id 
_pdbx_database_related.details 
_pdbx_database_related.content_type 
PDB 1OUS 'Lecb (PA-LII) calcium-free' unspecified 
PDB 1OUX 'LecB (PA-LII) sugar-free'   unspecified 
# 
loop_
_audit_author.name 
_audit_author.pdbx_ordinal 
'Loris, R.'     1 
'Tielker, D.'   2 
'Jaeger, K.-E.' 3 
'Wyns, L.'      4 
# 
_citation.id                        primary 
_citation.title                     'Structural Basis of Carbohydrate Recognition by the Lectin LecB from Pseudomonas aeruginosa' 
_citation.journal_abbrev            J.MOL.BIOL. 
_citation.journal_volume            331 
_citation.page_first                861 
_citation.page_last                 870 
_citation.year                      2003 
_citation.journal_id_ASTM           JMOBAK 
_citation.country                   UK 
_citation.journal_id_ISSN           0022-2836 
_citation.journal_id_CSD            0070 
_citation.book_publisher            ? 
_citation.pdbx_database_id_PubMed   12909014 
_citation.pdbx_database_id_DOI      '10.1016/S0022-2836(03)00754-X' 
# 
loop_
_citation_author.citation_id 
_citation_author.name 
_citation_author.ordinal 
_citation_author.identifier_ORCID 
primary 'Loris, R.'     1 ? 
primary 'Tielker, D.'   2 ? 
primary 'Jaeger, K.-E.' 3 ? 
primary 'Wyns, L.'      4 ? 
# 
loop_
_entity.id 
_entity.type 
_entity.src_method 
_entity.pdbx_description 
_entity.formula_weight 
_entity.pdbx_number_of_molecules 
_entity.pdbx_ec 
_entity.pdbx_mutation 
_entity.pdbx_fragment 
_entity.details 
1 polymer     man 'hypothetical protein LecB' 11734.707 1   ? ? ? ? 
2 non-polymer man alpha-D-mannopyranose       180.156   1   ? ? ? ? 
3 non-polymer syn 'CALCIUM ION'               40.078    2   ? ? ? ? 
4 water       nat water                       18.015    200 ? ? ? ? 
# 
_entity_name_com.entity_id   1 
_entity_name_com.name        Lecb 
# 
_entity_poly.entity_id                      1 
_entity_poly.type                           'polypeptide(L)' 
_entity_poly.nstd_linkage                   no 
_entity_poly.nstd_monomer                   no 
_entity_poly.pdbx_seq_one_letter_code       
;ATQGVFTLPANTRFGVTAFANSSGTQTVNVLVNNETAATFSGQSTNNAVIGTQVLNSGSSGKVQVQVSVNGRPSDLVSAQ
VILTNELNFALVGSEDGTDNDYNDAVVVINWPLG
;
_entity_poly.pdbx_seq_one_letter_code_can   
;ATQGVFTLPANTRFGVTAFANSSGTQTVNVLVNNETAATFSGQSTNNAVIGTQVLNSGSSGKVQVQVSVNGRPSDLVSAQ
VILTNELNFALVGSEDGTDNDYNDAVVVINWPLG
;
_entity_poly.pdbx_strand_id                 A 
_entity_poly.pdbx_target_identifier         ? 
# 
loop_
_pdbx_entity_nonpoly.entity_id 
_pdbx_entity_nonpoly.name 
_pdbx_entity_nonpoly.comp_id 
2 alpha-D-mannopyranose MAN 
3 'CALCIUM ION'         CA  
4 water                 HOH 
# 
loop_
_entity_poly_seq.entity_id 
_entity_poly_seq.num 
_entity_poly_seq.mon_id 
_entity_poly_seq.hetero 
1 1   ALA n 
1 2   THR n 
1 3   GLN n 
1 4   GLY n 
1 5   VAL n 
1 6   PHE n 
1 7   THR n 
1 8   LEU n 
1 9   PRO n 
1 10  ALA n 
1 11  ASN n 
1 12  THR n 
1 13  ARG n 
1 14  PHE n 
1 15  GLY n 
1 16  VAL n 
1 17  THR n 
1 18  ALA n 
1 19  PHE n 
1 20  ALA n 
1 21  ASN n 
1 22  SER n 
1 23  SER n 
1 24  GLY n 
1 25  THR n 
1 26  GLN n 
1 27  THR n 
1 28  VAL n 
1 29  ASN n 
1 30  VAL n 
1 31  LEU n 
1 32  VAL n 
1 33  ASN n 
1 34  ASN n 
1 35  GLU n 
1 36  THR n 
1 37  ALA n 
1 38  ALA n 
1 39  THR n 
1 40  PHE n 
1 41  SER n 
1 42  GLY n 
1 43  GLN n 
1 44  SER n 
1 45  THR n 
1 46  ASN n 
1 47  ASN n 
1 48  ALA n 
1 49  VAL n 
1 50  ILE n 
1 51  GLY n 
1 52  THR n 
1 53  GLN n 
1 54  VAL n 
1 55  LEU n 
1 56  ASN n 
1 57  SER n 
1 58  GLY n 
1 59  SER n 
1 60  SER n 
1 61  GLY n 
1 62  LYS n 
1 63  VAL n 
1 64  GLN n 
1 65  VAL n 
1 66  GLN n 
1 67  VAL n 
1 68  SER n 
1 69  VAL n 
1 70  ASN n 
1 71  GLY n 
1 72  ARG n 
1 73  PRO n 
1 74  SER n 
1 75  ASP n 
1 76  LEU n 
1 77  VAL n 
1 78  SER n 
1 79  ALA n 
1 80  GLN n 
1 81  VAL n 
1 82  ILE n 
1 83  LEU n 
1 84  THR n 
1 85  ASN n 
1 86  GLU n 
1 87  LEU n 
1 88  ASN n 
1 89  PHE n 
1 90  ALA n 
1 91  LEU n 
1 92  VAL n 
1 93  GLY n 
1 94  SER n 
1 95  GLU n 
1 96  ASP n 
1 97  GLY n 
1 98  THR n 
1 99  ASP n 
1 100 ASN n 
1 101 ASP n 
1 102 TYR n 
1 103 ASN n 
1 104 ASP n 
1 105 ALA n 
1 106 VAL n 
1 107 VAL n 
1 108 VAL n 
1 109 ILE n 
1 110 ASN n 
1 111 TRP n 
1 112 PRO n 
1 113 LEU n 
1 114 GLY n 
# 
_entity_src_gen.entity_id                          1 
_entity_src_gen.pdbx_src_id                        1 
_entity_src_gen.pdbx_alt_source_flag               sample 
_entity_src_gen.pdbx_seq_type                      ? 
_entity_src_gen.pdbx_beg_seq_num                   ? 
_entity_src_gen.pdbx_end_seq_num                   ? 
_entity_src_gen.gene_src_common_name               ? 
_entity_src_gen.gene_src_genus                     Pseudomonas 
_entity_src_gen.pdbx_gene_src_gene                 LecB 
_entity_src_gen.gene_src_species                   ? 
_entity_src_gen.gene_src_strain                    ? 
_entity_src_gen.gene_src_tissue                    ? 
_entity_src_gen.gene_src_tissue_fraction           ? 
_entity_src_gen.gene_src_details                   ? 
_entity_src_gen.pdbx_gene_src_fragment             ? 
_entity_src_gen.pdbx_gene_src_scientific_name      'Pseudomonas aeruginosa' 
_entity_src_gen.pdbx_gene_src_ncbi_taxonomy_id     287 
_entity_src_gen.pdbx_gene_src_variant              ? 
_entity_src_gen.pdbx_gene_src_cell_line            ? 
_entity_src_gen.pdbx_gene_src_atcc                 ? 
_entity_src_gen.pdbx_gene_src_organ                ? 
_entity_src_gen.pdbx_gene_src_organelle            ? 
_entity_src_gen.pdbx_gene_src_cell                 ? 
_entity_src_gen.pdbx_gene_src_cellular_location    ? 
_entity_src_gen.host_org_common_name               ? 
_entity_src_gen.pdbx_host_org_scientific_name      'Escherichia coli' 
_entity_src_gen.pdbx_host_org_ncbi_taxonomy_id     562 
_entity_src_gen.host_org_genus                     Escherichia 
_entity_src_gen.pdbx_host_org_gene                 ? 
_entity_src_gen.pdbx_host_org_organ                ? 
_entity_src_gen.host_org_species                   ? 
_entity_src_gen.pdbx_host_org_tissue               ? 
_entity_src_gen.pdbx_host_org_tissue_fraction      ? 
_entity_src_gen.pdbx_host_org_strain               ? 
_entity_src_gen.pdbx_host_org_variant              ? 
_entity_src_gen.pdbx_host_org_cell_line            ? 
_entity_src_gen.pdbx_host_org_atcc                 ? 
_entity_src_gen.pdbx_host_org_culture_collection   ? 
_entity_src_gen.pdbx_host_org_cell                 ? 
_entity_src_gen.pdbx_host_org_organelle            ? 
_entity_src_gen.pdbx_host_org_cellular_location    ? 
_entity_src_gen.pdbx_host_org_vector_type          plasmid 
_entity_src_gen.pdbx_host_org_vector               ? 
_entity_src_gen.host_org_details                   ? 
_entity_src_gen.expression_system_id               ? 
_entity_src_gen.plasmid_name                       pET22b 
_entity_src_gen.plasmid_details                    ? 
_entity_src_gen.pdbx_description                   ? 
# 
loop_
_chem_comp.id 
_chem_comp.type 
_chem_comp.mon_nstd_flag 
_chem_comp.name 
_chem_comp.pdbx_synonyms 
_chem_comp.formula 
_chem_comp.formula_weight 
ALA 'L-peptide linking'           y ALANINE               ?                                     'C3 H7 N O2'     89.093  
ARG 'L-peptide linking'           y ARGININE              ?                                     'C6 H15 N4 O2 1' 175.209 
ASN 'L-peptide linking'           y ASPARAGINE            ?                                     'C4 H8 N2 O3'    132.118 
ASP 'L-peptide linking'           y 'ASPARTIC ACID'       ?                                     'C4 H7 N O4'     133.103 
CA  non-polymer                   . 'CALCIUM ION'         ?                                     'Ca 2'           40.078  
GLN 'L-peptide linking'           y GLUTAMINE             ?                                     'C5 H10 N2 O3'   146.144 
GLU 'L-peptide linking'           y 'GLUTAMIC ACID'       ?                                     'C5 H9 N O4'     147.129 
GLY 'peptide linking'             y GLYCINE               ?                                     'C2 H5 N O2'     75.067  
HOH non-polymer                   . WATER                 ?                                     'H2 O'           18.015  
ILE 'L-peptide linking'           y ISOLEUCINE            ?                                     'C6 H13 N O2'    131.173 
LEU 'L-peptide linking'           y LEUCINE               ?                                     'C6 H13 N O2'    131.173 
LYS 'L-peptide linking'           y LYSINE                ?                                     'C6 H15 N2 O2 1' 147.195 
MAN 'D-saccharide, alpha linking' . alpha-D-mannopyranose 'alpha-D-mannose; D-mannose; mannose' 'C6 H12 O6'      180.156 
PHE 'L-peptide linking'           y PHENYLALANINE         ?                                     'C9 H11 N O2'    165.189 
PRO 'L-peptide linking'           y PROLINE               ?                                     'C5 H9 N O2'     115.130 
SER 'L-peptide linking'           y SERINE                ?                                     'C3 H7 N O3'     105.093 
THR 'L-peptide linking'           y THREONINE             ?                                     'C4 H9 N O3'     119.119 
TRP 'L-peptide linking'           y TRYPTOPHAN            ?                                     'C11 H12 N2 O2'  204.225 
TYR 'L-peptide linking'           y TYROSINE              ?                                     'C9 H11 N O3'    181.189 
VAL 'L-peptide linking'           y VALINE                ?                                     'C5 H11 N O2'    117.146 
# 
loop_
_pdbx_chem_comp_identifier.comp_id 
_pdbx_chem_comp_identifier.type 
_pdbx_chem_comp_identifier.program 
_pdbx_chem_comp_identifier.program_version 
_pdbx_chem_comp_identifier.identifier 
MAN 'CONDENSED IUPAC CARBOHYDRATE SYMBOL' GMML     1.0 DManpa            
MAN 'COMMON NAME'                         GMML     1.0 a-D-mannopyranose 
MAN 'IUPAC CARBOHYDRATE SYMBOL'           PDB-CARE 1.0 a-D-Manp          
MAN 'SNFG CARBOHYDRATE SYMBOL'            GMML     1.0 Man               
# 
loop_
_pdbx_poly_seq_scheme.asym_id 
_pdbx_poly_seq_scheme.entity_id 
_pdbx_poly_seq_scheme.seq_id 
_pdbx_poly_seq_scheme.mon_id 
_pdbx_poly_seq_scheme.ndb_seq_num 
_pdbx_poly_seq_scheme.pdb_seq_num 
_pdbx_poly_seq_scheme.auth_seq_num 
_pdbx_poly_seq_scheme.pdb_mon_id 
_pdbx_poly_seq_scheme.auth_mon_id 
_pdbx_poly_seq_scheme.pdb_strand_id 
_pdbx_poly_seq_scheme.pdb_ins_code 
_pdbx_poly_seq_scheme.hetero 
A 1 1   ALA 1   1   1   ALA ALA A . n 
A 1 2   THR 2   2   2   THR THR A . n 
A 1 3   GLN 3   3   3   GLN GLN A . n 
A 1 4   GLY 4   4   4   GLY GLY A . n 
A 1 5   VAL 5   5   5   VAL VAL A . n 
A 1 6   PHE 6   6   6   PHE PHE A . n 
A 1 7   THR 7   7   7   THR THR A . n 
A 1 8   LEU 8   8   8   LEU LEU A . n 
A 1 9   PRO 9   9   9   PRO PRO A . n 
A 1 10  ALA 10  10  10  ALA ALA A . n 
A 1 11  ASN 11  11  11  ASN ASN A . n 
A 1 12  THR 12  12  12  THR THR A . n 
A 1 13  ARG 13  13  13  ARG ARG A . n 
A 1 14  PHE 14  14  14  PHE PHE A . n 
A 1 15  GLY 15  15  15  GLY GLY A . n 
A 1 16  VAL 16  16  16  VAL VAL A . n 
A 1 17  THR 17  17  17  THR THR A . n 
A 1 18  ALA 18  18  18  ALA ALA A . n 
A 1 19  PHE 19  19  19  PHE PHE A . n 
A 1 20  ALA 20  20  20  ALA ALA A . n 
A 1 21  ASN 21  21  21  ASN ASN A . n 
A 1 22  SER 22  22  22  SER SER A . n 
A 1 23  SER 23  23  23  SER SER A . n 
A 1 24  GLY 24  24  24  GLY GLY A . n 
A 1 25  THR 25  25  25  THR THR A . n 
A 1 26  GLN 26  26  26  GLN GLN A . n 
A 1 27  THR 27  27  27  THR THR A . n 
A 1 28  VAL 28  28  28  VAL VAL A . n 
A 1 29  ASN 29  29  29  ASN ASN A . n 
A 1 30  VAL 30  30  30  VAL VAL A . n 
A 1 31  LEU 31  31  31  LEU LEU A . n 
A 1 32  VAL 32  32  32  VAL VAL A . n 
A 1 33  ASN 33  33  33  ASN ASN A . n 
A 1 34  ASN 34  34  34  ASN ASN A . n 
A 1 35  GLU 35  35  35  GLU GLU A . n 
A 1 36  THR 36  36  36  THR THR A . n 
A 1 37  ALA 37  37  37  ALA ALA A . n 
A 1 38  ALA 38  38  38  ALA ALA A . n 
A 1 39  THR 39  39  39  THR THR A . n 
A 1 40  PHE 40  40  40  PHE PHE A . n 
A 1 41  SER 41  41  41  SER SER A . n 
A 1 42  GLY 42  42  42  GLY GLY A . n 
A 1 43  GLN 43  43  43  GLN GLN A . n 
A 1 44  SER 44  44  44  SER SER A . n 
A 1 45  THR 45  45  45  THR THR A . n 
A 1 46  ASN 46  46  46  ASN ASN A . n 
A 1 47  ASN 47  47  47  ASN ASN A . n 
A 1 48  ALA 48  48  48  ALA ALA A . n 
A 1 49  VAL 49  49  49  VAL VAL A . n 
A 1 50  ILE 50  50  50  ILE ILE A . n 
A 1 51  GLY 51  51  51  GLY GLY A . n 
A 1 52  THR 52  52  52  THR THR A . n 
A 1 53  GLN 53  53  53  GLN GLN A . n 
A 1 54  VAL 54  54  54  VAL VAL A . n 
A 1 55  LEU 55  55  55  LEU LEU A . n 
A 1 56  ASN 56  56  56  ASN ASN A . n 
A 1 57  SER 57  57  57  SER SER A . n 
A 1 58  GLY 58  58  58  GLY GLY A . n 
A 1 59  SER 59  59  59  SER SER A . n 
A 1 60  SER 60  60  60  SER SER A . n 
A 1 61  GLY 61  61  61  GLY GLY A . n 
A 1 62  LYS 62  62  62  LYS LYS A . n 
A 1 63  VAL 63  63  63  VAL VAL A . n 
A 1 64  GLN 64  64  64  GLN GLN A . n 
A 1 65  VAL 65  65  65  VAL VAL A . n 
A 1 66  GLN 66  66  66  GLN GLN A . n 
A 1 67  VAL 67  67  67  VAL VAL A . n 
A 1 68  SER 68  68  68  SER SER A . n 
A 1 69  VAL 69  69  69  VAL VAL A . n 
A 1 70  ASN 70  70  70  ASN ASN A . n 
A 1 71  GLY 71  71  71  GLY GLY A . n 
A 1 72  ARG 72  72  72  ARG ARG A . n 
A 1 73  PRO 73  73  73  PRO PRO A . n 
A 1 74  SER 74  74  74  SER SER A . n 
A 1 75  ASP 75  75  75  ASP ASP A . n 
A 1 76  LEU 76  76  76  LEU LEU A . n 
A 1 77  VAL 77  77  77  VAL VAL A . n 
A 1 78  SER 78  78  78  SER SER A . n 
A 1 79  ALA 79  79  79  ALA ALA A . n 
A 1 80  GLN 80  80  80  GLN GLN A . n 
A 1 81  VAL 81  81  81  VAL VAL A . n 
A 1 82  ILE 82  82  82  ILE ILE A . n 
A 1 83  LEU 83  83  83  LEU LEU A . n 
A 1 84  THR 84  84  84  THR THR A . n 
A 1 85  ASN 85  85  85  ASN ASN A . n 
A 1 86  GLU 86  86  86  GLU GLU A . n 
A 1 87  LEU 87  87  87  LEU LEU A . n 
A 1 88  ASN 88  88  88  ASN ASN A . n 
A 1 89  PHE 89  89  89  PHE PHE A . n 
A 1 90  ALA 90  90  90  ALA ALA A . n 
A 1 91  LEU 91  91  91  LEU LEU A . n 
A 1 92  VAL 92  92  92  VAL VAL A . n 
A 1 93  GLY 93  93  93  GLY GLY A . n 
A 1 94  SER 94  94  94  SER SER A . n 
A 1 95  GLU 95  95  95  GLU GLU A . n 
A 1 96  ASP 96  96  96  ASP ASP A . n 
A 1 97  GLY 97  97  97  GLY GLY A . n 
A 1 98  THR 98  98  98  THR THR A . n 
A 1 99  ASP 99  99  99  ASP ASP A . n 
A 1 100 ASN 100 100 100 ASN ASN A . n 
A 1 101 ASP 101 101 101 ASP ASP A . n 
A 1 102 TYR 102 102 102 TYR TYR A . n 
A 1 103 ASN 103 103 103 ASN ASN A . n 
A 1 104 ASP 104 104 104 ASP ASP A . n 
A 1 105 ALA 105 105 105 ALA ALA A . n 
A 1 106 VAL 106 106 106 VAL VAL A . n 
A 1 107 VAL 107 107 107 VAL VAL A . n 
A 1 108 VAL 108 108 108 VAL VAL A . n 
A 1 109 ILE 109 109 109 ILE ILE A . n 
A 1 110 ASN 110 110 110 ASN ASN A . n 
A 1 111 TRP 111 111 111 TRP TRP A . n 
A 1 112 PRO 112 112 112 PRO PRO A . n 
A 1 113 LEU 113 113 113 LEU LEU A . n 
A 1 114 GLY 114 114 114 GLY GLY A . n 
# 
loop_
_pdbx_nonpoly_scheme.asym_id 
_pdbx_nonpoly_scheme.entity_id 
_pdbx_nonpoly_scheme.mon_id 
_pdbx_nonpoly_scheme.ndb_seq_num 
_pdbx_nonpoly_scheme.pdb_seq_num 
_pdbx_nonpoly_scheme.auth_seq_num 
_pdbx_nonpoly_scheme.pdb_mon_id 
_pdbx_nonpoly_scheme.auth_mon_id 
_pdbx_nonpoly_scheme.pdb_strand_id 
_pdbx_nonpoly_scheme.pdb_ins_code 
B 2 MAN 1   301 101 MAN MAN A . 
C 3 CA  1   401 101 CA  CA  A . 
D 3 CA  1   402 102 CA  CA  A . 
E 4 HOH 1   403 1   HOH HOH A . 
E 4 HOH 2   404 2   HOH HOH A . 
E 4 HOH 3   405 3   HOH HOH A . 
E 4 HOH 4   406 4   HOH HOH A . 
E 4 HOH 5   407 5   HOH HOH A . 
E 4 HOH 6   408 6   HOH HOH A . 
E 4 HOH 7   409 7   HOH HOH A . 
E 4 HOH 8   410 8   HOH HOH A . 
E 4 HOH 9   411 9   HOH HOH A . 
E 4 HOH 10  412 10  HOH HOH A . 
E 4 HOH 11  413 11  HOH HOH A . 
E 4 HOH 12  414 12  HOH HOH A . 
E 4 HOH 13  415 13  HOH HOH A . 
E 4 HOH 14  416 14  HOH HOH A . 
E 4 HOH 15  417 15  HOH HOH A . 
E 4 HOH 16  418 16  HOH HOH A . 
E 4 HOH 17  419 17  HOH HOH A . 
E 4 HOH 18  420 18  HOH HOH A . 
E 4 HOH 19  421 19  HOH HOH A . 
E 4 HOH 20  422 20  HOH HOH A . 
E 4 HOH 21  423 21  HOH HOH A . 
E 4 HOH 22  424 22  HOH HOH A . 
E 4 HOH 23  425 23  HOH HOH A . 
E 4 HOH 24  426 24  HOH HOH A . 
E 4 HOH 25  427 25  HOH HOH A . 
E 4 HOH 26  428 26  HOH HOH A . 
E 4 HOH 27  429 27  HOH HOH A . 
E 4 HOH 28  430 28  HOH HOH A . 
E 4 HOH 29  431 29  HOH HOH A . 
E 4 HOH 30  432 30  HOH HOH A . 
E 4 HOH 31  433 31  HOH HOH A . 
E 4 HOH 32  434 32  HOH HOH A . 
E 4 HOH 33  435 33  HOH HOH A . 
E 4 HOH 34  436 34  HOH HOH A . 
E 4 HOH 35  437 35  HOH HOH A . 
E 4 HOH 36  438 36  HOH HOH A . 
E 4 HOH 37  439 37  HOH HOH A . 
E 4 HOH 38  440 38  HOH HOH A . 
E 4 HOH 39  441 39  HOH HOH A . 
E 4 HOH 40  442 40  HOH HOH A . 
E 4 HOH 41  443 41  HOH HOH A . 
E 4 HOH 42  444 42  HOH HOH A . 
E 4 HOH 43  445 43  HOH HOH A . 
E 4 HOH 44  446 44  HOH HOH A . 
E 4 HOH 45  447 45  HOH HOH A . 
E 4 HOH 46  448 46  HOH HOH A . 
E 4 HOH 47  449 47  HOH HOH A . 
E 4 HOH 48  450 48  HOH HOH A . 
E 4 HOH 49  451 49  HOH HOH A . 
E 4 HOH 50  452 50  HOH HOH A . 
E 4 HOH 51  453 51  HOH HOH A . 
E 4 HOH 52  454 52  HOH HOH A . 
E 4 HOH 53  455 53  HOH HOH A . 
E 4 HOH 54  456 54  HOH HOH A . 
E 4 HOH 55  457 55  HOH HOH A . 
E 4 HOH 56  458 56  HOH HOH A . 
E 4 HOH 57  459 57  HOH HOH A . 
E 4 HOH 58  460 58  HOH HOH A . 
E 4 HOH 59  461 59  HOH HOH A . 
E 4 HOH 60  462 60  HOH HOH A . 
E 4 HOH 61  463 61  HOH HOH A . 
E 4 HOH 62  464 62  HOH HOH A . 
E 4 HOH 63  465 63  HOH HOH A . 
E 4 HOH 64  466 64  HOH HOH A . 
E 4 HOH 65  467 65  HOH HOH A . 
E 4 HOH 66  468 66  HOH HOH A . 
E 4 HOH 67  469 67  HOH HOH A . 
E 4 HOH 68  470 68  HOH HOH A . 
E 4 HOH 69  471 69  HOH HOH A . 
E 4 HOH 70  472 70  HOH HOH A . 
E 4 HOH 71  473 71  HOH HOH A . 
E 4 HOH 72  474 72  HOH HOH A . 
E 4 HOH 73  475 73  HOH HOH A . 
E 4 HOH 74  476 74  HOH HOH A . 
E 4 HOH 75  477 75  HOH HOH A . 
E 4 HOH 76  478 76  HOH HOH A . 
E 4 HOH 77  479 77  HOH HOH A . 
E 4 HOH 78  480 78  HOH HOH A . 
E 4 HOH 79  481 79  HOH HOH A . 
E 4 HOH 80  482 80  HOH HOH A . 
E 4 HOH 81  483 81  HOH HOH A . 
E 4 HOH 82  484 82  HOH HOH A . 
E 4 HOH 83  485 83  HOH HOH A . 
E 4 HOH 84  486 84  HOH HOH A . 
E 4 HOH 85  487 85  HOH HOH A . 
E 4 HOH 86  488 86  HOH HOH A . 
E 4 HOH 87  489 87  HOH HOH A . 
E 4 HOH 88  490 88  HOH HOH A . 
E 4 HOH 89  491 89  HOH HOH A . 
E 4 HOH 90  492 90  HOH HOH A . 
E 4 HOH 91  493 91  HOH HOH A . 
E 4 HOH 92  494 92  HOH HOH A . 
E 4 HOH 93  495 93  HOH HOH A . 
E 4 HOH 94  496 94  HOH HOH A . 
E 4 HOH 95  497 95  HOH HOH A . 
E 4 HOH 96  498 96  HOH HOH A . 
E 4 HOH 97  499 97  HOH HOH A . 
E 4 HOH 98  500 98  HOH HOH A . 
E 4 HOH 99  501 99  HOH HOH A . 
E 4 HOH 100 502 100 HOH HOH A . 
E 4 HOH 101 503 101 HOH HOH A . 
E 4 HOH 102 504 102 HOH HOH A . 
E 4 HOH 103 505 103 HOH HOH A . 
E 4 HOH 104 506 104 HOH HOH A . 
E 4 HOH 105 507 105 HOH HOH A . 
E 4 HOH 106 508 106 HOH HOH A . 
E 4 HOH 107 509 107 HOH HOH A . 
E 4 HOH 108 510 108 HOH HOH A . 
E 4 HOH 109 511 109 HOH HOH A . 
E 4 HOH 110 512 110 HOH HOH A . 
E 4 HOH 111 513 111 HOH HOH A . 
E 4 HOH 112 514 112 HOH HOH A . 
E 4 HOH 113 515 113 HOH HOH A . 
E 4 HOH 114 516 114 HOH HOH A . 
E 4 HOH 115 517 115 HOH HOH A . 
E 4 HOH 116 518 116 HOH HOH A . 
E 4 HOH 117 519 117 HOH HOH A . 
E 4 HOH 118 520 118 HOH HOH A . 
E 4 HOH 119 521 119 HOH HOH A . 
E 4 HOH 120 522 120 HOH HOH A . 
E 4 HOH 121 523 121 HOH HOH A . 
E 4 HOH 122 524 122 HOH HOH A . 
E 4 HOH 123 525 123 HOH HOH A . 
E 4 HOH 124 526 124 HOH HOH A . 
E 4 HOH 125 527 125 HOH HOH A . 
E 4 HOH 126 528 126 HOH HOH A . 
E 4 HOH 127 529 127 HOH HOH A . 
E 4 HOH 128 530 128 HOH HOH A . 
E 4 HOH 129 531 129 HOH HOH A . 
E 4 HOH 130 532 130 HOH HOH A . 
E 4 HOH 131 533 131 HOH HOH A . 
E 4 HOH 132 534 132 HOH HOH A . 
E 4 HOH 133 535 133 HOH HOH A . 
E 4 HOH 134 536 134 HOH HOH A . 
E 4 HOH 135 537 135 HOH HOH A . 
E 4 HOH 136 538 136 HOH HOH A . 
E 4 HOH 137 539 137 HOH HOH A . 
E 4 HOH 138 540 138 HOH HOH A . 
E 4 HOH 139 541 139 HOH HOH A . 
E 4 HOH 140 542 140 HOH HOH A . 
E 4 HOH 141 543 141 HOH HOH A . 
E 4 HOH 142 544 142 HOH HOH A . 
E 4 HOH 143 545 143 HOH HOH A . 
E 4 HOH 144 546 144 HOH HOH A . 
E 4 HOH 145 547 145 HOH HOH A . 
E 4 HOH 146 548 146 HOH HOH A . 
E 4 HOH 147 549 147 HOH HOH A . 
E 4 HOH 148 550 148 HOH HOH A . 
E 4 HOH 149 551 149 HOH HOH A . 
E 4 HOH 150 552 150 HOH HOH A . 
E 4 HOH 151 553 151 HOH HOH A . 
E 4 HOH 152 554 152 HOH HOH A . 
E 4 HOH 153 555 153 HOH HOH A . 
E 4 HOH 154 556 154 HOH HOH A . 
E 4 HOH 155 557 155 HOH HOH A . 
E 4 HOH 156 558 156 HOH HOH A . 
E 4 HOH 157 559 157 HOH HOH A . 
E 4 HOH 158 560 158 HOH HOH A . 
E 4 HOH 159 561 159 HOH HOH A . 
E 4 HOH 160 562 160 HOH HOH A . 
E 4 HOH 161 563 161 HOH HOH A . 
E 4 HOH 162 564 162 HOH HOH A . 
E 4 HOH 163 565 163 HOH HOH A . 
E 4 HOH 164 566 164 HOH HOH A . 
E 4 HOH 165 567 165 HOH HOH A . 
E 4 HOH 166 568 166 HOH HOH A . 
E 4 HOH 167 569 167 HOH HOH A . 
E 4 HOH 168 570 168 HOH HOH A . 
E 4 HOH 169 571 169 HOH HOH A . 
E 4 HOH 170 572 170 HOH HOH A . 
E 4 HOH 171 573 171 HOH HOH A . 
E 4 HOH 172 574 172 HOH HOH A . 
E 4 HOH 173 575 173 HOH HOH A . 
E 4 HOH 174 576 174 HOH HOH A . 
E 4 HOH 175 577 175 HOH HOH A . 
E 4 HOH 176 578 176 HOH HOH A . 
E 4 HOH 177 579 177 HOH HOH A . 
E 4 HOH 178 580 178 HOH HOH A . 
E 4 HOH 179 581 179 HOH HOH A . 
E 4 HOH 180 582 180 HOH HOH A . 
E 4 HOH 181 583 181 HOH HOH A . 
E 4 HOH 182 584 182 HOH HOH A . 
E 4 HOH 183 585 183 HOH HOH A . 
E 4 HOH 184 586 184 HOH HOH A . 
E 4 HOH 185 587 185 HOH HOH A . 
E 4 HOH 186 588 186 HOH HOH A . 
E 4 HOH 187 589 187 HOH HOH A . 
E 4 HOH 188 590 188 HOH HOH A . 
E 4 HOH 189 591 189 HOH HOH A . 
E 4 HOH 190 592 190 HOH HOH A . 
E 4 HOH 191 593 191 HOH HOH A . 
E 4 HOH 192 594 192 HOH HOH A . 
E 4 HOH 193 595 193 HOH HOH A . 
E 4 HOH 194 596 194 HOH HOH A . 
E 4 HOH 195 597 195 HOH HOH A . 
E 4 HOH 196 598 196 HOH HOH A . 
E 4 HOH 197 599 197 HOH HOH A . 
E 4 HOH 198 600 198 HOH HOH A . 
E 4 HOH 199 601 199 HOH HOH A . 
E 4 HOH 200 602 200 HOH HOH A . 
# 
loop_
_software.name 
_software.classification 
_software.version 
_software.citation_id 
_software.pdbx_ordinal 
DENZO     'data reduction' .   ? 1 
SCALEPACK 'data scaling'   .   ? 2 
AMoRE     phasing          .   ? 3 
CNS       refinement       1.0 ? 4 
# 
_cell.entry_id           1OUR 
_cell.length_a           52.777 
_cell.length_b           69.184 
_cell.length_c           74.031 
_cell.angle_alpha        90.0 
_cell.angle_beta         90.0 
_cell.angle_gamma        90.0 
_cell.pdbx_unique_axis   ? 
_cell.Z_PDB              8 
# 
_symmetry.entry_id                         1OUR 
_symmetry.space_group_name_H-M             'I 2 2 2' 
_symmetry.pdbx_full_space_group_name_H-M   ? 
_symmetry.Int_Tables_number                23 
_symmetry.cell_setting                     ? 
# 
_exptl.entry_id          1OUR 
_exptl.method            'X-RAY DIFFRACTION' 
_exptl.crystals_number   1 
# 
_exptl_crystal.id                    1 
_exptl_crystal.density_meas          ? 
_exptl_crystal.density_Matthews      2.32 
_exptl_crystal.density_percent_sol   46.48 
_exptl_crystal.description           ? 
# 
_exptl_crystal_grow.crystal_id      1 
_exptl_crystal_grow.method          'VAPOR DIFFUSION, HANGING DROP' 
_exptl_crystal_grow.temp            293 
_exptl_crystal_grow.temp_details    ? 
_exptl_crystal_grow.pH              8.0 
_exptl_crystal_grow.pdbx_details    'PEG8000, ammonium sulphate, pH 8.0, VAPOR DIFFUSION, HANGING DROP, temperature 293K' 
_exptl_crystal_grow.pdbx_pH_range   . 
# 
_diffrn.id                     1 
_diffrn.ambient_temp           100 
_diffrn.ambient_temp_details   ? 
_diffrn.crystal_id             1 
# 
_diffrn_detector.diffrn_id              1 
_diffrn_detector.detector               CCD 
_diffrn_detector.type                   MARRESEARCH 
_diffrn_detector.pdbx_collection_date   2002-05-06 
_diffrn_detector.details                mirrors 
# 
_diffrn_radiation.diffrn_id                        1 
_diffrn_radiation.wavelength_id                    1 
_diffrn_radiation.pdbx_monochromatic_or_laue_m_l   M 
_diffrn_radiation.monochromator                    Si 
_diffrn_radiation.pdbx_diffrn_protocol             'SINGLE WAVELENGTH' 
_diffrn_radiation.pdbx_scattering_type             x-ray 
# 
_diffrn_radiation_wavelength.id           1 
_diffrn_radiation_wavelength.wavelength   0.9 
_diffrn_radiation_wavelength.wt           1.0 
# 
_diffrn_source.diffrn_id                   1 
_diffrn_source.source                      SYNCHROTRON 
_diffrn_source.type                        'EMBL/DESY, HAMBURG BEAMLINE BW7A' 
_diffrn_source.pdbx_synchrotron_site       'EMBL/DESY, HAMBURG' 
_diffrn_source.pdbx_synchrotron_beamline   BW7A 
_diffrn_source.pdbx_wavelength             ? 
_diffrn_source.pdbx_wavelength_list        0.9 
# 
_reflns.entry_id                     1OUR 
_reflns.observed_criterion_sigma_F   -3 
_reflns.observed_criterion_sigma_I   -3 
_reflns.d_resolution_high            1.4 
_reflns.d_resolution_low             15.0 
_reflns.number_all                   24948 
_reflns.number_obs                   24948 
_reflns.percent_possible_obs         96.2 
_reflns.pdbx_Rmerge_I_obs            0.026 
_reflns.pdbx_Rsym_value              ? 
_reflns.pdbx_netI_over_sigmaI        34.4 
_reflns.B_iso_Wilson_estimate        ? 
_reflns.pdbx_redundancy              8.1 
_reflns.R_free_details               ? 
_reflns.limit_h_max                  ? 
_reflns.limit_h_min                  ? 
_reflns.limit_k_max                  ? 
_reflns.limit_k_min                  ? 
_reflns.limit_l_max                  ? 
_reflns.limit_l_min                  ? 
_reflns.observed_criterion_F_max     ? 
_reflns.observed_criterion_F_min     ? 
_reflns.pdbx_diffrn_id               1 
_reflns.pdbx_ordinal                 1 
# 
_reflns_shell.d_res_high             1.42 
_reflns_shell.d_res_low              1.47 
_reflns_shell.percent_possible_all   93.5 
_reflns_shell.Rmerge_I_obs           0.07 
_reflns_shell.pdbx_Rsym_value        ? 
_reflns_shell.meanI_over_sigI_obs    ? 
_reflns_shell.pdbx_redundancy        ? 
_reflns_shell.percent_possible_obs   ? 
_reflns_shell.number_unique_all      2400 
_reflns_shell.pdbx_diffrn_id         ? 
_reflns_shell.pdbx_ordinal           1 
# 
_refine.entry_id                                 1OUR 
_refine.ls_d_res_high                            1.42 
_refine.ls_d_res_low                             15.0 
_refine.pdbx_ls_sigma_F                          0.0 
_refine.pdbx_ls_sigma_I                          ? 
_refine.ls_number_reflns_all                     24528 
_refine.ls_number_reflns_obs                     24528 
_refine.ls_number_reflns_R_free                  1970 
_refine.ls_percent_reflns_obs                    ? 
_refine.ls_R_factor_all                          0.1831 
_refine.ls_R_factor_obs                          0.1831 
_refine.ls_R_factor_R_work                       0.182 
_refine.ls_R_factor_R_free                       0.1966 
_refine.ls_redundancy_reflns_obs                 ? 
_refine.pdbx_data_cutoff_high_absF               ? 
_refine.pdbx_data_cutoff_low_absF                ? 
_refine.ls_number_parameters                     ? 
_refine.ls_number_restraints                     ? 
_refine.ls_percent_reflns_R_free                 ? 
_refine.ls_R_factor_R_free_error                 ? 
_refine.ls_R_factor_R_free_error_details         ? 
_refine.pdbx_method_to_determine_struct          'MOLECULAR REPLACEMENT' 
_refine.pdbx_starting_model                      ? 
_refine.pdbx_ls_cross_valid_method               ? 
_refine.pdbx_R_Free_selection_details            random 
_refine.pdbx_stereochem_target_val_spec_case     ? 
_refine.pdbx_stereochemistry_target_values       'Engh & Huber' 
_refine.solvent_model_details                    ? 
_refine.solvent_model_param_bsol                 ? 
_refine.solvent_model_param_ksol                 ? 
_refine.occupancy_max                            ? 
_refine.occupancy_min                            ? 
_refine.pdbx_isotropic_thermal_model             ? 
_refine.B_iso_mean                               ? 
_refine.aniso_B[1][1]                            ? 
_refine.aniso_B[1][2]                            ? 
_refine.aniso_B[1][3]                            ? 
_refine.aniso_B[2][2]                            ? 
_refine.aniso_B[2][3]                            ? 
_refine.aniso_B[3][3]                            ? 
_refine.details                                  ? 
_refine.B_iso_min                                ? 
_refine.B_iso_max                                ? 
_refine.correlation_coeff_Fo_to_Fc               ? 
_refine.correlation_coeff_Fo_to_Fc_free          ? 
_refine.pdbx_solvent_vdw_probe_radii             ? 
_refine.pdbx_solvent_ion_probe_radii             ? 
_refine.pdbx_solvent_shrinkage_radii             ? 
_refine.overall_SU_R_Cruickshank_DPI             ? 
_refine.overall_SU_R_free                        ? 
_refine.overall_SU_B                             ? 
_refine.overall_SU_ML                            ? 
_refine.pdbx_overall_ESU_R                       ? 
_refine.pdbx_overall_ESU_R_Free                  ? 
_refine.pdbx_data_cutoff_high_rms_absF           ? 
_refine.pdbx_refine_id                           'X-RAY DIFFRACTION' 
_refine.pdbx_diffrn_id                           1 
_refine.pdbx_TLS_residual_ADP_flag               ? 
_refine.pdbx_overall_phase_error                 ? 
_refine.pdbx_overall_SU_R_free_Cruickshank_DPI   ? 
_refine.pdbx_overall_SU_R_Blow_DPI               ? 
_refine.pdbx_overall_SU_R_free_Blow_DPI          ? 
# 
_refine_hist.pdbx_refine_id                   'X-RAY DIFFRACTION' 
_refine_hist.cycle_id                         LAST 
_refine_hist.pdbx_number_atoms_protein        827 
_refine_hist.pdbx_number_atoms_nucleic_acid   0 
_refine_hist.pdbx_number_atoms_ligand         15 
_refine_hist.number_atoms_solvent             200 
_refine_hist.number_atoms_total               1042 
_refine_hist.d_res_high                       1.42 
_refine_hist.d_res_low                        15.0 
# 
loop_
_refine_ls_restr.type 
_refine_ls_restr.dev_ideal 
_refine_ls_restr.dev_ideal_target 
_refine_ls_restr.weight 
_refine_ls_restr.number 
_refine_ls_restr.pdbx_refine_id 
_refine_ls_restr.pdbx_restraint_function 
c_angle_deg 1.4455505 ? ? ? 'X-RAY DIFFRACTION' ? 
c_bond_d    0.004605  ? ? ? 'X-RAY DIFFRACTION' ? 
# 
_struct.entry_id                  1OUR 
_struct.title                     'LecB (PA-LII) in complex with mannose' 
_struct.pdbx_model_details        ? 
_struct.pdbx_CASP_flag            ? 
_struct.pdbx_model_type_details   ? 
# 
_struct_keywords.entry_id        1OUR 
_struct_keywords.pdbx_keywords   'SUGAR BINDING PROTEIN' 
_struct_keywords.text            'lectin, carbohydrate, SUGAR BINDING PROTEIN' 
# 
loop_
_struct_asym.id 
_struct_asym.pdbx_blank_PDB_chainid_flag 
_struct_asym.pdbx_modified 
_struct_asym.entity_id 
_struct_asym.details 
A N N 1 ? 
B N N 2 ? 
C N N 3 ? 
D N N 3 ? 
E N N 4 ? 
# 
_struct_ref.id                         1 
_struct_ref.db_name                    UNP 
_struct_ref.db_code                    Q9HYN5_PSEAE 
_struct_ref.entity_id                  1 
_struct_ref.pdbx_seq_one_letter_code   
;ATQGVFTLPANTRFGVTAFANSSGTQTVNVLVNNETAATFSGQSTNNAVIGTQVLNSGSSGKVQVQVSVNGRPSDLVSAQ
VILTNELNFALVGSEDGTDNDYNDAVVVINWPLG
;
_struct_ref.pdbx_align_begin           2 
_struct_ref.pdbx_db_accession          Q9HYN5 
_struct_ref.pdbx_db_isoform            ? 
# 
_struct_ref_seq.align_id                      1 
_struct_ref_seq.ref_id                        1 
_struct_ref_seq.pdbx_PDB_id_code              1OUR 
_struct_ref_seq.pdbx_strand_id                A 
_struct_ref_seq.seq_align_beg                 1 
_struct_ref_seq.pdbx_seq_align_beg_ins_code   ? 
_struct_ref_seq.seq_align_end                 114 
_struct_ref_seq.pdbx_seq_align_end_ins_code   ? 
_struct_ref_seq.pdbx_db_accession             Q9HYN5 
_struct_ref_seq.db_align_beg                  2 
_struct_ref_seq.pdbx_db_align_beg_ins_code    ? 
_struct_ref_seq.db_align_end                  115 
_struct_ref_seq.pdbx_db_align_end_ins_code    ? 
_struct_ref_seq.pdbx_auth_seq_align_beg       1 
_struct_ref_seq.pdbx_auth_seq_align_end       114 
# 
_pdbx_struct_assembly.id                   1 
_pdbx_struct_assembly.details              author_defined_assembly 
_pdbx_struct_assembly.method_details       ? 
_pdbx_struct_assembly.oligomeric_details   tetrameric 
_pdbx_struct_assembly.oligomeric_count     4 
# 
_pdbx_struct_assembly_gen.assembly_id       1 
_pdbx_struct_assembly_gen.oper_expression   1,2,3,4 
_pdbx_struct_assembly_gen.asym_id_list      A,B,C,D,E 
# 
loop_
_pdbx_struct_oper_list.id 
_pdbx_struct_oper_list.type 
_pdbx_struct_oper_list.name 
_pdbx_struct_oper_list.symmetry_operation 
_pdbx_struct_oper_list.matrix[1][1] 
_pdbx_struct_oper_list.matrix[1][2] 
_pdbx_struct_oper_list.matrix[1][3] 
_pdbx_struct_oper_list.vector[1] 
_pdbx_struct_oper_list.matrix[2][1] 
_pdbx_struct_oper_list.matrix[2][2] 
_pdbx_struct_oper_list.matrix[2][3] 
_pdbx_struct_oper_list.vector[2] 
_pdbx_struct_oper_list.matrix[3][1] 
_pdbx_struct_oper_list.matrix[3][2] 
_pdbx_struct_oper_list.matrix[3][3] 
_pdbx_struct_oper_list.vector[3] 
1 'identity operation'         1_555 x,y,z       1.0000000000  0.0000000000  0.0000000000  0.0000000000   0.0000000000  1.0000000000  0.0000000000  0.0000000000   0.0000000000  0.0000000000  1.0000000000  0.0000000000   
2 'crystal symmetry operation' 2_655 -x+1,-y,z   -0.7265432136 -0.3774466448 0.5741680844  -24.8890612650 -0.3774466448 -0.4790183432 -0.7925121180 -10.4553546508 0.5741680844  -0.7925121180 0.2055615568  4.9806742231   
3 'crystal symmetry operation' 3_656 -x+1,y,-z+1 0.2301473468  0.9717164099  0.0529095210  -10.8208482871 0.9717164099  -0.2324230233 0.0417942208  14.0875511884  0.0529095210  0.0417942208  -0.9977243235 -7.1417553593  
4 'crystal symmetry operation' 4_556 x,-y,-z+1   -0.5036041332 -0.5942697652 -0.6270776054 -26.4451143001 -0.5942697652 -0.2885586335 0.7507178972  -7.4593295350  -0.6270776054 0.7507178972  -0.2078372333 -13.8649368895 
# 
loop_
_struct_conn.id 
_struct_conn.conn_type_id 
_struct_conn.pdbx_leaving_atom_flag 
_struct_conn.pdbx_PDB_id 
_struct_conn.ptnr1_label_asym_id 
_struct_conn.ptnr1_label_comp_id 
_struct_conn.ptnr1_label_seq_id 
_struct_conn.ptnr1_label_atom_id 
_struct_conn.pdbx_ptnr1_label_alt_id 
_struct_conn.pdbx_ptnr1_PDB_ins_code 
_struct_conn.pdbx_ptnr1_standard_comp_id 
_struct_conn.ptnr1_symmetry 
_struct_conn.ptnr2_label_asym_id 
_struct_conn.ptnr2_label_comp_id 
_struct_conn.ptnr2_label_seq_id 
_struct_conn.ptnr2_label_atom_id 
_struct_conn.pdbx_ptnr2_label_alt_id 
_struct_conn.pdbx_ptnr2_PDB_ins_code 
_struct_conn.ptnr1_auth_asym_id 
_struct_conn.ptnr1_auth_comp_id 
_struct_conn.ptnr1_auth_seq_id 
_struct_conn.ptnr2_auth_asym_id 
_struct_conn.ptnr2_auth_comp_id 
_struct_conn.ptnr2_auth_seq_id 
_struct_conn.ptnr2_symmetry 
_struct_conn.pdbx_ptnr3_label_atom_id 
_struct_conn.pdbx_ptnr3_label_seq_id 
_struct_conn.pdbx_ptnr3_label_comp_id 
_struct_conn.pdbx_ptnr3_label_asym_id 
_struct_conn.pdbx_ptnr3_label_alt_id 
_struct_conn.pdbx_ptnr3_PDB_ins_code 
_struct_conn.details 
_struct_conn.pdbx_dist_value 
_struct_conn.pdbx_value_order 
_struct_conn.pdbx_role 
metalc1  metalc ? ? A ASN 21  O   ? ? ? 1_555 D CA . CA ? ? A ASN 21  A CA 402 1_555 ? ? ? ? ? ? ? 2.370 ? ? 
metalc2  metalc ? ? A GLU 95  OE2 ? ? ? 1_555 C CA . CA ? ? A GLU 95  A CA 401 1_555 ? ? ? ? ? ? ? 2.372 ? ? 
metalc3  metalc ? ? A GLU 95  OE1 ? ? ? 1_555 C CA . CA ? ? A GLU 95  A CA 401 1_555 ? ? ? ? ? ? ? 2.479 ? ? 
metalc4  metalc ? ? A ASP 99  OD1 ? ? ? 1_555 C CA . CA ? ? A ASP 99  A CA 401 1_555 ? ? ? ? ? ? ? 2.382 ? ? 
metalc5  metalc ? ? A ASP 101 OD1 ? ? ? 1_555 C CA . CA ? ? A ASP 101 A CA 401 1_555 ? ? ? ? ? ? ? 2.396 ? ? 
metalc6  metalc ? ? A ASP 101 OD1 ? ? ? 1_555 D CA . CA ? ? A ASP 101 A CA 402 1_555 ? ? ? ? ? ? ? 3.117 ? ? 
metalc7  metalc ? ? A ASP 101 OD2 ? ? ? 1_555 D CA . CA ? ? A ASP 101 A CA 402 1_555 ? ? ? ? ? ? ? 2.398 ? ? 
metalc8  metalc ? ? A ASN 103 OD1 ? ? ? 1_555 D CA . CA ? ? A ASN 103 A CA 402 1_555 ? ? ? ? ? ? ? 2.371 ? ? 
metalc9  metalc ? ? A ASP 104 OD1 ? ? ? 1_555 C CA . CA ? ? A ASP 104 A CA 401 1_555 ? ? ? ? ? ? ? 2.626 ? ? 
metalc10 metalc ? ? A ASP 104 OD2 ? ? ? 1_555 C CA . CA ? ? A ASP 104 A CA 401 1_555 ? ? ? ? ? ? ? 2.449 ? ? 
metalc11 metalc ? ? A ASP 104 OD1 ? ? ? 1_555 D CA . CA ? ? A ASP 104 A CA 402 1_555 ? ? ? ? ? ? ? 2.439 ? ? 
metalc12 metalc ? ? A GLY 114 O   ? ? ? 3_656 D CA . CA ? ? A GLY 114 A CA 402 1_555 ? ? ? ? ? ? ? 2.452 ? ? 
metalc13 metalc ? ? B MAN .   O4  ? ? ? 1_555 C CA . CA ? ? A MAN 301 A CA 401 1_555 ? ? ? ? ? ? ? 2.704 ? ? 
metalc14 metalc ? ? B MAN .   O3  ? ? ? 1_555 C CA . CA ? ? A MAN 301 A CA 401 1_555 ? ? ? ? ? ? ? 2.492 ? ? 
metalc15 metalc ? ? B MAN .   O2  ? ? ? 1_555 D CA . CA ? ? A MAN 301 A CA 402 1_555 ? ? ? ? ? ? ? 2.434 ? ? 
metalc16 metalc ? ? B MAN .   O3  ? ? ? 1_555 D CA . CA ? ? A MAN 301 A CA 402 1_555 ? ? ? ? ? ? ? 2.426 ? ? 
# 
_struct_conn_type.id          metalc 
_struct_conn_type.criteria    ? 
_struct_conn_type.reference   ? 
# 
loop_
_pdbx_struct_conn_angle.id 
_pdbx_struct_conn_angle.ptnr1_label_atom_id 
_pdbx_struct_conn_angle.ptnr1_label_alt_id 
_pdbx_struct_conn_angle.ptnr1_label_asym_id 
_pdbx_struct_conn_angle.ptnr1_label_comp_id 
_pdbx_struct_conn_angle.ptnr1_label_seq_id 
_pdbx_struct_conn_angle.ptnr1_auth_atom_id 
_pdbx_struct_conn_angle.ptnr1_auth_asym_id 
_pdbx_struct_conn_angle.ptnr1_auth_comp_id 
_pdbx_struct_conn_angle.ptnr1_auth_seq_id 
_pdbx_struct_conn_angle.ptnr1_PDB_ins_code 
_pdbx_struct_conn_angle.ptnr1_symmetry 
_pdbx_struct_conn_angle.ptnr2_label_atom_id 
_pdbx_struct_conn_angle.ptnr2_label_alt_id 
_pdbx_struct_conn_angle.ptnr2_label_asym_id 
_pdbx_struct_conn_angle.ptnr2_label_comp_id 
_pdbx_struct_conn_angle.ptnr2_label_seq_id 
_pdbx_struct_conn_angle.ptnr2_auth_atom_id 
_pdbx_struct_conn_angle.ptnr2_auth_asym_id 
_pdbx_struct_conn_angle.ptnr2_auth_comp_id 
_pdbx_struct_conn_angle.ptnr2_auth_seq_id 
_pdbx_struct_conn_angle.ptnr2_PDB_ins_code 
_pdbx_struct_conn_angle.ptnr2_symmetry 
_pdbx_struct_conn_angle.ptnr3_label_atom_id 
_pdbx_struct_conn_angle.ptnr3_label_alt_id 
_pdbx_struct_conn_angle.ptnr3_label_asym_id 
_pdbx_struct_conn_angle.ptnr3_label_comp_id 
_pdbx_struct_conn_angle.ptnr3_label_seq_id 
_pdbx_struct_conn_angle.ptnr3_auth_atom_id 
_pdbx_struct_conn_angle.ptnr3_auth_asym_id 
_pdbx_struct_conn_angle.ptnr3_auth_comp_id 
_pdbx_struct_conn_angle.ptnr3_auth_seq_id 
_pdbx_struct_conn_angle.ptnr3_PDB_ins_code 
_pdbx_struct_conn_angle.ptnr3_symmetry 
_pdbx_struct_conn_angle.value 
_pdbx_struct_conn_angle.value_esd 
1  O   ? A ASN 21  ? A ASN 21  ? 1_555 CA ? D CA . ? A CA 402 ? 1_555 OD1 ? A ASP 101 ? A ASP 101 ? 1_555 142.1 ? 
2  O   ? A ASN 21  ? A ASN 21  ? 1_555 CA ? D CA . ? A CA 402 ? 1_555 OD2 ? A ASP 101 ? A ASP 101 ? 1_555 153.8 ? 
3  OD1 ? A ASP 101 ? A ASP 101 ? 1_555 CA ? D CA . ? A CA 402 ? 1_555 OD2 ? A ASP 101 ? A ASP 101 ? 1_555 44.6  ? 
4  O   ? A ASN 21  ? A ASN 21  ? 1_555 CA ? D CA . ? A CA 402 ? 1_555 OD1 ? A ASN 103 ? A ASN 103 ? 1_555 88.2  ? 
5  OD1 ? A ASP 101 ? A ASP 101 ? 1_555 CA ? D CA . ? A CA 402 ? 1_555 OD1 ? A ASN 103 ? A ASN 103 ? 1_555 66.6  ? 
6  OD2 ? A ASP 101 ? A ASP 101 ? 1_555 CA ? D CA . ? A CA 402 ? 1_555 OD1 ? A ASN 103 ? A ASN 103 ? 1_555 72.8  ? 
7  O   ? A ASN 21  ? A ASN 21  ? 1_555 CA ? D CA . ? A CA 402 ? 1_555 OD1 ? A ASP 104 ? A ASP 104 ? 1_555 81.0  ? 
8  OD1 ? A ASP 101 ? A ASP 101 ? 1_555 CA ? D CA . ? A CA 402 ? 1_555 OD1 ? A ASP 104 ? A ASP 104 ? 1_555 72.1  ? 
9  OD2 ? A ASP 101 ? A ASP 101 ? 1_555 CA ? D CA . ? A CA 402 ? 1_555 OD1 ? A ASP 104 ? A ASP 104 ? 1_555 116.3 ? 
10 OD1 ? A ASN 103 ? A ASN 103 ? 1_555 CA ? D CA . ? A CA 402 ? 1_555 OD1 ? A ASP 104 ? A ASP 104 ? 1_555 91.2  ? 
11 O   ? A ASN 21  ? A ASN 21  ? 1_555 CA ? D CA . ? A CA 402 ? 1_555 O   ? A GLY 114 ? A GLY 114 ? 3_656 79.5  ? 
12 OD1 ? A ASP 101 ? A ASP 101 ? 1_555 CA ? D CA . ? A CA 402 ? 1_555 O   ? A GLY 114 ? A GLY 114 ? 3_656 122.7 ? 
13 OD2 ? A ASP 101 ? A ASP 101 ? 1_555 CA ? D CA . ? A CA 402 ? 1_555 O   ? A GLY 114 ? A GLY 114 ? 3_656 80.8  ? 
14 OD1 ? A ASN 103 ? A ASN 103 ? 1_555 CA ? D CA . ? A CA 402 ? 1_555 O   ? A GLY 114 ? A GLY 114 ? 3_656 84.1  ? 
15 OD1 ? A ASP 104 ? A ASP 104 ? 1_555 CA ? D CA . ? A CA 402 ? 1_555 O   ? A GLY 114 ? A GLY 114 ? 3_656 160.1 ? 
16 O   ? A ASN 21  ? A ASN 21  ? 1_555 CA ? D CA . ? A CA 402 ? 1_555 O2  ? B MAN .   ? A MAN 301 ? 1_555 74.4  ? 
17 OD1 ? A ASP 101 ? A ASP 101 ? 1_555 CA ? D CA . ? A CA 402 ? 1_555 O2  ? B MAN .   ? A MAN 301 ? 1_555 134.4 ? 
18 OD2 ? A ASP 101 ? A ASP 101 ? 1_555 CA ? D CA . ? A CA 402 ? 1_555 O2  ? B MAN .   ? A MAN 301 ? 1_555 119.2 ? 
19 OD1 ? A ASN 103 ? A ASN 103 ? 1_555 CA ? D CA . ? A CA 402 ? 1_555 O2  ? B MAN .   ? A MAN 301 ? 1_555 158.9 ? 
20 OD1 ? A ASP 104 ? A ASP 104 ? 1_555 CA ? D CA . ? A CA 402 ? 1_555 O2  ? B MAN .   ? A MAN 301 ? 1_555 97.5  ? 
21 O   ? A GLY 114 ? A GLY 114 ? 3_656 CA ? D CA . ? A CA 402 ? 1_555 O2  ? B MAN .   ? A MAN 301 ? 1_555 81.2  ? 
22 O   ? A ASN 21  ? A ASN 21  ? 1_555 CA ? D CA . ? A CA 402 ? 1_555 O3  ? B MAN .   ? A MAN 301 ? 1_555 131.5 ? 
23 OD1 ? A ASP 101 ? A ASP 101 ? 1_555 CA ? D CA . ? A CA 402 ? 1_555 O3  ? B MAN .   ? A MAN 301 ? 1_555 66.0  ? 
24 OD2 ? A ASP 101 ? A ASP 101 ? 1_555 CA ? D CA . ? A CA 402 ? 1_555 O3  ? B MAN .   ? A MAN 301 ? 1_555 74.0  ? 
25 OD1 ? A ASN 103 ? A ASN 103 ? 1_555 CA ? D CA . ? A CA 402 ? 1_555 O3  ? B MAN .   ? A MAN 301 ? 1_555 132.6 ? 
26 OD1 ? A ASP 104 ? A ASP 104 ? 1_555 CA ? D CA . ? A CA 402 ? 1_555 O3  ? B MAN .   ? A MAN 301 ? 1_555 74.5  ? 
27 O   ? A GLY 114 ? A GLY 114 ? 3_656 CA ? D CA . ? A CA 402 ? 1_555 O3  ? B MAN .   ? A MAN 301 ? 1_555 122.4 ? 
28 O2  ? B MAN .   ? A MAN 301 ? 1_555 CA ? D CA . ? A CA 402 ? 1_555 O3  ? B MAN .   ? A MAN 301 ? 1_555 68.4  ? 
29 OE2 ? A GLU 95  ? A GLU 95  ? 1_555 CA ? C CA . ? A CA 401 ? 1_555 OE1 ? A GLU 95  ? A GLU 95  ? 1_555 53.6  ? 
30 OE2 ? A GLU 95  ? A GLU 95  ? 1_555 CA ? C CA . ? A CA 401 ? 1_555 OD1 ? A ASP 99  ? A ASP 99  ? 1_555 81.8  ? 
31 OE1 ? A GLU 95  ? A GLU 95  ? 1_555 CA ? C CA . ? A CA 401 ? 1_555 OD1 ? A ASP 99  ? A ASP 99  ? 1_555 86.2  ? 
32 OE2 ? A GLU 95  ? A GLU 95  ? 1_555 CA ? C CA . ? A CA 401 ? 1_555 OD1 ? A ASP 101 ? A ASP 101 ? 1_555 130.7 ? 
33 OE1 ? A GLU 95  ? A GLU 95  ? 1_555 CA ? C CA . ? A CA 401 ? 1_555 OD1 ? A ASP 101 ? A ASP 101 ? 1_555 77.8  ? 
34 OD1 ? A ASP 99  ? A ASP 99  ? 1_555 CA ? C CA . ? A CA 401 ? 1_555 OD1 ? A ASP 101 ? A ASP 101 ? 1_555 88.1  ? 
35 OE2 ? A GLU 95  ? A GLU 95  ? 1_555 CA ? C CA . ? A CA 401 ? 1_555 OD1 ? A ASP 104 ? A ASP 104 ? 1_555 128.3 ? 
36 OE1 ? A GLU 95  ? A GLU 95  ? 1_555 CA ? C CA . ? A CA 401 ? 1_555 OD1 ? A ASP 104 ? A ASP 104 ? 1_555 123.0 ? 
37 OD1 ? A ASP 99  ? A ASP 99  ? 1_555 CA ? C CA . ? A CA 401 ? 1_555 OD1 ? A ASP 104 ? A ASP 104 ? 1_555 146.0 ? 
38 OD1 ? A ASP 101 ? A ASP 101 ? 1_555 CA ? C CA . ? A CA 401 ? 1_555 OD1 ? A ASP 104 ? A ASP 104 ? 1_555 82.5  ? 
39 OE2 ? A GLU 95  ? A GLU 95  ? 1_555 CA ? C CA . ? A CA 401 ? 1_555 OD2 ? A ASP 104 ? A ASP 104 ? 1_555 79.2  ? 
40 OE1 ? A GLU 95  ? A GLU 95  ? 1_555 CA ? C CA . ? A CA 401 ? 1_555 OD2 ? A ASP 104 ? A ASP 104 ? 1_555 84.7  ? 
41 OD1 ? A ASP 99  ? A ASP 99  ? 1_555 CA ? C CA . ? A CA 401 ? 1_555 OD2 ? A ASP 104 ? A ASP 104 ? 1_555 160.7 ? 
42 OD1 ? A ASP 101 ? A ASP 101 ? 1_555 CA ? C CA . ? A CA 401 ? 1_555 OD2 ? A ASP 104 ? A ASP 104 ? 1_555 106.5 ? 
43 OD1 ? A ASP 104 ? A ASP 104 ? 1_555 CA ? C CA . ? A CA 401 ? 1_555 OD2 ? A ASP 104 ? A ASP 104 ? 1_555 51.0  ? 
44 OE2 ? A GLU 95  ? A GLU 95  ? 1_555 CA ? C CA . ? A CA 401 ? 1_555 O4  ? B MAN .   ? A MAN 301 ? 1_555 85.6  ? 
45 OE1 ? A GLU 95  ? A GLU 95  ? 1_555 CA ? C CA . ? A CA 401 ? 1_555 O4  ? B MAN .   ? A MAN 301 ? 1_555 139.1 ? 
46 OD1 ? A ASP 99  ? A ASP 99  ? 1_555 CA ? C CA . ? A CA 401 ? 1_555 O4  ? B MAN .   ? A MAN 301 ? 1_555 90.3  ? 
47 OD1 ? A ASP 101 ? A ASP 101 ? 1_555 CA ? C CA . ? A CA 401 ? 1_555 O4  ? B MAN .   ? A MAN 301 ? 1_555 142.8 ? 
48 OD1 ? A ASP 104 ? A ASP 104 ? 1_555 CA ? C CA . ? A CA 401 ? 1_555 O4  ? B MAN .   ? A MAN 301 ? 1_555 78.3  ? 
49 OD2 ? A ASP 104 ? A ASP 104 ? 1_555 CA ? C CA . ? A CA 401 ? 1_555 O4  ? B MAN .   ? A MAN 301 ? 1_555 85.5  ? 
50 OE2 ? A GLU 95  ? A GLU 95  ? 1_555 CA ? C CA . ? A CA 401 ? 1_555 O3  ? B MAN .   ? A MAN 301 ? 1_555 143.1 ? 
51 OE1 ? A GLU 95  ? A GLU 95  ? 1_555 CA ? C CA . ? A CA 401 ? 1_555 O3  ? B MAN .   ? A MAN 301 ? 1_555 150.2 ? 
52 OD1 ? A ASP 99  ? A ASP 99  ? 1_555 CA ? C CA . ? A CA 401 ? 1_555 O3  ? B MAN .   ? A MAN 301 ? 1_555 76.0  ? 
53 OD1 ? A ASP 101 ? A ASP 101 ? 1_555 CA ? C CA . ? A CA 401 ? 1_555 O3  ? B MAN .   ? A MAN 301 ? 1_555 77.9  ? 
54 OD1 ? A ASP 104 ? A ASP 104 ? 1_555 CA ? C CA . ? A CA 401 ? 1_555 O3  ? B MAN .   ? A MAN 301 ? 1_555 70.2  ? 
55 OD2 ? A ASP 104 ? A ASP 104 ? 1_555 CA ? C CA . ? A CA 401 ? 1_555 O3  ? B MAN .   ? A MAN 301 ? 1_555 118.8 ? 
56 O4  ? B MAN .   ? A MAN 301 ? 1_555 CA ? C CA . ? A CA 401 ? 1_555 O3  ? B MAN .   ? A MAN 301 ? 1_555 65.7  ? 
# 
_struct_mon_prot_cis.pdbx_id                1 
_struct_mon_prot_cis.label_comp_id          TRP 
_struct_mon_prot_cis.label_seq_id           111 
_struct_mon_prot_cis.label_asym_id          A 
_struct_mon_prot_cis.label_alt_id           . 
_struct_mon_prot_cis.pdbx_PDB_ins_code      ? 
_struct_mon_prot_cis.auth_comp_id           TRP 
_struct_mon_prot_cis.auth_seq_id            111 
_struct_mon_prot_cis.auth_asym_id           A 
_struct_mon_prot_cis.pdbx_label_comp_id_2   PRO 
_struct_mon_prot_cis.pdbx_label_seq_id_2    112 
_struct_mon_prot_cis.pdbx_label_asym_id_2   A 
_struct_mon_prot_cis.pdbx_PDB_ins_code_2    ? 
_struct_mon_prot_cis.pdbx_auth_comp_id_2    PRO 
_struct_mon_prot_cis.pdbx_auth_seq_id_2     112 
_struct_mon_prot_cis.pdbx_auth_asym_id_2    A 
_struct_mon_prot_cis.pdbx_PDB_model_num     1 
_struct_mon_prot_cis.pdbx_omega_angle       -0.20 
# 
_struct_sheet.id               A 
_struct_sheet.type             ? 
_struct_sheet.number_strands   10 
_struct_sheet.details          ? 
# 
loop_
_struct_sheet_order.sheet_id 
_struct_sheet_order.range_id_1 
_struct_sheet_order.range_id_2 
_struct_sheet_order.offset 
_struct_sheet_order.sense 
A 1 2  ? anti-parallel 
A 2 3  ? anti-parallel 
A 3 4  ? anti-parallel 
A 4 5  ? anti-parallel 
A 5 6  ? anti-parallel 
A 6 7  ? anti-parallel 
A 7 8  ? anti-parallel 
A 8 9  ? anti-parallel 
A 9 10 ? anti-parallel 
# 
loop_
_struct_sheet_range.sheet_id 
_struct_sheet_range.id 
_struct_sheet_range.beg_label_comp_id 
_struct_sheet_range.beg_label_asym_id 
_struct_sheet_range.beg_label_seq_id 
_struct_sheet_range.pdbx_beg_PDB_ins_code 
_struct_sheet_range.end_label_comp_id 
_struct_sheet_range.end_label_asym_id 
_struct_sheet_range.end_label_seq_id 
_struct_sheet_range.pdbx_end_PDB_ins_code 
_struct_sheet_range.beg_auth_comp_id 
_struct_sheet_range.beg_auth_asym_id 
_struct_sheet_range.beg_auth_seq_id 
_struct_sheet_range.end_auth_comp_id 
_struct_sheet_range.end_auth_asym_id 
_struct_sheet_range.end_auth_seq_id 
A 1  VAL A 5   ? THR A 7   ? VAL A 5   THR A 7   
A 2  LYS A 62  ? VAL A 69  ? LYS A 62  VAL A 69  
A 3  ARG A 72  ? PRO A 73  ? ARG A 72  PRO A 73  
A 4  LYS A 62  ? VAL A 69  ? LYS A 62  VAL A 69  
A 5  ARG A 13  ? VAL A 32  ? ARG A 13  VAL A 32  
A 6  GLU A 35  ? ASN A 56  ? GLU A 35  ASN A 56  
A 7  ARG A 13  ? VAL A 32  ? ARG A 13  VAL A 32  
A 8  ALA A 105 ? TRP A 111 ? ALA A 105 TRP A 111 
A 9  LEU A 87  ? GLU A 95  ? LEU A 87  GLU A 95  
A 10 ASP A 75  ? LEU A 83  ? ASP A 75  LEU A 83  
# 
loop_
_pdbx_struct_sheet_hbond.sheet_id 
_pdbx_struct_sheet_hbond.range_id_1 
_pdbx_struct_sheet_hbond.range_id_2 
_pdbx_struct_sheet_hbond.range_1_label_atom_id 
_pdbx_struct_sheet_hbond.range_1_label_comp_id 
_pdbx_struct_sheet_hbond.range_1_label_asym_id 
_pdbx_struct_sheet_hbond.range_1_label_seq_id 
_pdbx_struct_sheet_hbond.range_1_PDB_ins_code 
_pdbx_struct_sheet_hbond.range_1_auth_atom_id 
_pdbx_struct_sheet_hbond.range_1_auth_comp_id 
_pdbx_struct_sheet_hbond.range_1_auth_asym_id 
_pdbx_struct_sheet_hbond.range_1_auth_seq_id 
_pdbx_struct_sheet_hbond.range_2_label_atom_id 
_pdbx_struct_sheet_hbond.range_2_label_comp_id 
_pdbx_struct_sheet_hbond.range_2_label_asym_id 
_pdbx_struct_sheet_hbond.range_2_label_seq_id 
_pdbx_struct_sheet_hbond.range_2_PDB_ins_code 
_pdbx_struct_sheet_hbond.range_2_auth_atom_id 
_pdbx_struct_sheet_hbond.range_2_auth_comp_id 
_pdbx_struct_sheet_hbond.range_2_auth_asym_id 
_pdbx_struct_sheet_hbond.range_2_auth_seq_id 
A 1 2  N PHE A 6   ? N PHE A 6   O VAL A 63  ? O VAL A 63  
A 2 3  N VAL A 69  ? N VAL A 69  O ARG A 72  ? O ARG A 72  
A 3 4  O ARG A 72  ? O ARG A 72  N VAL A 69  ? N VAL A 69  
A 4 5  O SER A 68  ? O SER A 68  N THR A 27  ? N THR A 27  
A 5 6  N VAL A 32  ? N VAL A 32  O GLU A 35  ? O GLU A 35  
A 6 7  N LEU A 55  ? N LEU A 55  O PHE A 14  ? O PHE A 14  
A 7 8  N PHE A 19  ? N PHE A 19  O VAL A 106 ? O VAL A 106 
A 8 9  O TRP A 111 ? O TRP A 111 N ASN A 88  ? N ASN A 88  
A 9 10 O GLU A 95  ? O GLU A 95  N ASP A 75  ? N ASP A 75  
# 
_pdbx_validate_torsion.id              1 
_pdbx_validate_torsion.PDB_model_num   1 
_pdbx_validate_torsion.auth_comp_id    GLU 
_pdbx_validate_torsion.auth_asym_id    A 
_pdbx_validate_torsion.auth_seq_id     86 
_pdbx_validate_torsion.PDB_ins_code    ? 
_pdbx_validate_torsion.label_alt_id    ? 
_pdbx_validate_torsion.phi             -144.16 
_pdbx_validate_torsion.psi             -44.21 
# 
_pdbx_validate_chiral.id              1 
_pdbx_validate_chiral.PDB_model_num   1 
_pdbx_validate_chiral.auth_atom_id    C1 
_pdbx_validate_chiral.label_alt_id    ? 
_pdbx_validate_chiral.auth_asym_id    A 
_pdbx_validate_chiral.auth_comp_id    MAN 
_pdbx_validate_chiral.auth_seq_id     301 
_pdbx_validate_chiral.PDB_ins_code    ? 
_pdbx_validate_chiral.details         'WRONG HAND' 
_pdbx_validate_chiral.omega           . 
# 
loop_
_pdbx_struct_special_symmetry.id 
_pdbx_struct_special_symmetry.PDB_model_num 
_pdbx_struct_special_symmetry.auth_asym_id 
_pdbx_struct_special_symmetry.auth_comp_id 
_pdbx_struct_special_symmetry.auth_seq_id 
_pdbx_struct_special_symmetry.PDB_ins_code 
_pdbx_struct_special_symmetry.label_asym_id 
_pdbx_struct_special_symmetry.label_comp_id 
_pdbx_struct_special_symmetry.label_seq_id 
1 1 A HOH 416 ? E HOH . 
2 1 A HOH 537 ? E HOH . 
3 1 A HOH 586 ? E HOH . 
# 
loop_
_chem_comp_atom.comp_id 
_chem_comp_atom.atom_id 
_chem_comp_atom.type_symbol 
_chem_comp_atom.pdbx_aromatic_flag 
_chem_comp_atom.pdbx_stereo_config 
_chem_comp_atom.pdbx_ordinal 
ALA N    N  N N 1   
ALA CA   C  N S 2   
ALA C    C  N N 3   
ALA O    O  N N 4   
ALA CB   C  N N 5   
ALA OXT  O  N N 6   
ALA H    H  N N 7   
ALA H2   H  N N 8   
ALA HA   H  N N 9   
ALA HB1  H  N N 10  
ALA HB2  H  N N 11  
ALA HB3  H  N N 12  
ALA HXT  H  N N 13  
ARG N    N  N N 14  
ARG CA   C  N S 15  
ARG C    C  N N 16  
ARG O    O  N N 17  
ARG CB   C  N N 18  
ARG CG   C  N N 19  
ARG CD   C  N N 20  
ARG NE   N  N N 21  
ARG CZ   C  N N 22  
ARG NH1  N  N N 23  
ARG NH2  N  N N 24  
ARG OXT  O  N N 25  
ARG H    H  N N 26  
ARG H2   H  N N 27  
ARG HA   H  N N 28  
ARG HB2  H  N N 29  
ARG HB3  H  N N 30  
ARG HG2  H  N N 31  
ARG HG3  H  N N 32  
ARG HD2  H  N N 33  
ARG HD3  H  N N 34  
ARG HE   H  N N 35  
ARG HH11 H  N N 36  
ARG HH12 H  N N 37  
ARG HH21 H  N N 38  
ARG HH22 H  N N 39  
ARG HXT  H  N N 40  
ASN N    N  N N 41  
ASN CA   C  N S 42  
ASN C    C  N N 43  
ASN O    O  N N 44  
ASN CB   C  N N 45  
ASN CG   C  N N 46  
ASN OD1  O  N N 47  
ASN ND2  N  N N 48  
ASN OXT  O  N N 49  
ASN H    H  N N 50  
ASN H2   H  N N 51  
ASN HA   H  N N 52  
ASN HB2  H  N N 53  
ASN HB3  H  N N 54  
ASN HD21 H  N N 55  
ASN HD22 H  N N 56  
ASN HXT  H  N N 57  
ASP N    N  N N 58  
ASP CA   C  N S 59  
ASP C    C  N N 60  
ASP O    O  N N 61  
ASP CB   C  N N 62  
ASP CG   C  N N 63  
ASP OD1  O  N N 64  
ASP OD2  O  N N 65  
ASP OXT  O  N N 66  
ASP H    H  N N 67  
ASP H2   H  N N 68  
ASP HA   H  N N 69  
ASP HB2  H  N N 70  
ASP HB3  H  N N 71  
ASP HD2  H  N N 72  
ASP HXT  H  N N 73  
CA  CA   CA N N 74  
GLN N    N  N N 75  
GLN CA   C  N S 76  
GLN C    C  N N 77  
GLN O    O  N N 78  
GLN CB   C  N N 79  
GLN CG   C  N N 80  
GLN CD   C  N N 81  
GLN OE1  O  N N 82  
GLN NE2  N  N N 83  
GLN OXT  O  N N 84  
GLN H    H  N N 85  
GLN H2   H  N N 86  
GLN HA   H  N N 87  
GLN HB2  H  N N 88  
GLN HB3  H  N N 89  
GLN HG2  H  N N 90  
GLN HG3  H  N N 91  
GLN HE21 H  N N 92  
GLN HE22 H  N N 93  
GLN HXT  H  N N 94  
GLU N    N  N N 95  
GLU CA   C  N S 96  
GLU C    C  N N 97  
GLU O    O  N N 98  
GLU CB   C  N N 99  
GLU CG   C  N N 100 
GLU CD   C  N N 101 
GLU OE1  O  N N 102 
GLU OE2  O  N N 103 
GLU OXT  O  N N 104 
GLU H    H  N N 105 
GLU H2   H  N N 106 
GLU HA   H  N N 107 
GLU HB2  H  N N 108 
GLU HB3  H  N N 109 
GLU HG2  H  N N 110 
GLU HG3  H  N N 111 
GLU HE2  H  N N 112 
GLU HXT  H  N N 113 
GLY N    N  N N 114 
GLY CA   C  N N 115 
GLY C    C  N N 116 
GLY O    O  N N 117 
GLY OXT  O  N N 118 
GLY H    H  N N 119 
GLY H2   H  N N 120 
GLY HA2  H  N N 121 
GLY HA3  H  N N 122 
GLY HXT  H  N N 123 
HOH O    O  N N 124 
HOH H1   H  N N 125 
HOH H2   H  N N 126 
ILE N    N  N N 127 
ILE CA   C  N S 128 
ILE C    C  N N 129 
ILE O    O  N N 130 
ILE CB   C  N S 131 
ILE CG1  C  N N 132 
ILE CG2  C  N N 133 
ILE CD1  C  N N 134 
ILE OXT  O  N N 135 
ILE H    H  N N 136 
ILE H2   H  N N 137 
ILE HA   H  N N 138 
ILE HB   H  N N 139 
ILE HG12 H  N N 140 
ILE HG13 H  N N 141 
ILE HG21 H  N N 142 
ILE HG22 H  N N 143 
ILE HG23 H  N N 144 
ILE HD11 H  N N 145 
ILE HD12 H  N N 146 
ILE HD13 H  N N 147 
ILE HXT  H  N N 148 
LEU N    N  N N 149 
LEU CA   C  N S 150 
LEU C    C  N N 151 
LEU O    O  N N 152 
LEU CB   C  N N 153 
LEU CG   C  N N 154 
LEU CD1  C  N N 155 
LEU CD2  C  N N 156 
LEU OXT  O  N N 157 
LEU H    H  N N 158 
LEU H2   H  N N 159 
LEU HA   H  N N 160 
LEU HB2  H  N N 161 
LEU HB3  H  N N 162 
LEU HG   H  N N 163 
LEU HD11 H  N N 164 
LEU HD12 H  N N 165 
LEU HD13 H  N N 166 
LEU HD21 H  N N 167 
LEU HD22 H  N N 168 
LEU HD23 H  N N 169 
LEU HXT  H  N N 170 
LYS N    N  N N 171 
LYS CA   C  N S 172 
LYS C    C  N N 173 
LYS O    O  N N 174 
LYS CB   C  N N 175 
LYS CG   C  N N 176 
LYS CD   C  N N 177 
LYS CE   C  N N 178 
LYS NZ   N  N N 179 
LYS OXT  O  N N 180 
LYS H    H  N N 181 
LYS H2   H  N N 182 
LYS HA   H  N N 183 
LYS HB2  H  N N 184 
LYS HB3  H  N N 185 
LYS HG2  H  N N 186 
LYS HG3  H  N N 187 
LYS HD2  H  N N 188 
LYS HD3  H  N N 189 
LYS HE2  H  N N 190 
LYS HE3  H  N N 191 
LYS HZ1  H  N N 192 
LYS HZ2  H  N N 193 
LYS HZ3  H  N N 194 
LYS HXT  H  N N 195 
MAN C1   C  N S 196 
MAN C2   C  N S 197 
MAN C3   C  N S 198 
MAN C4   C  N S 199 
MAN C5   C  N R 200 
MAN C6   C  N N 201 
MAN O1   O  N N 202 
MAN O2   O  N N 203 
MAN O3   O  N N 204 
MAN O4   O  N N 205 
MAN O5   O  N N 206 
MAN O6   O  N N 207 
MAN H1   H  N N 208 
MAN H2   H  N N 209 
MAN H3   H  N N 210 
MAN H4   H  N N 211 
MAN H5   H  N N 212 
MAN H61  H  N N 213 
MAN H62  H  N N 214 
MAN HO1  H  N N 215 
MAN HO2  H  N N 216 
MAN HO3  H  N N 217 
MAN HO4  H  N N 218 
MAN HO6  H  N N 219 
PHE N    N  N N 220 
PHE CA   C  N S 221 
PHE C    C  N N 222 
PHE O    O  N N 223 
PHE CB   C  N N 224 
PHE CG   C  Y N 225 
PHE CD1  C  Y N 226 
PHE CD2  C  Y N 227 
PHE CE1  C  Y N 228 
PHE CE2  C  Y N 229 
PHE CZ   C  Y N 230 
PHE OXT  O  N N 231 
PHE H    H  N N 232 
PHE H2   H  N N 233 
PHE HA   H  N N 234 
PHE HB2  H  N N 235 
PHE HB3  H  N N 236 
PHE HD1  H  N N 237 
PHE HD2  H  N N 238 
PHE HE1  H  N N 239 
PHE HE2  H  N N 240 
PHE HZ   H  N N 241 
PHE HXT  H  N N 242 
PRO N    N  N N 243 
PRO CA   C  N S 244 
PRO C    C  N N 245 
PRO O    O  N N 246 
PRO CB   C  N N 247 
PRO CG   C  N N 248 
PRO CD   C  N N 249 
PRO OXT  O  N N 250 
PRO H    H  N N 251 
PRO HA   H  N N 252 
PRO HB2  H  N N 253 
PRO HB3  H  N N 254 
PRO HG2  H  N N 255 
PRO HG3  H  N N 256 
PRO HD2  H  N N 257 
PRO HD3  H  N N 258 
PRO HXT  H  N N 259 
SER N    N  N N 260 
SER CA   C  N S 261 
SER C    C  N N 262 
SER O    O  N N 263 
SER CB   C  N N 264 
SER OG   O  N N 265 
SER OXT  O  N N 266 
SER H    H  N N 267 
SER H2   H  N N 268 
SER HA   H  N N 269 
SER HB2  H  N N 270 
SER HB3  H  N N 271 
SER HG   H  N N 272 
SER HXT  H  N N 273 
THR N    N  N N 274 
THR CA   C  N S 275 
THR C    C  N N 276 
THR O    O  N N 277 
THR CB   C  N R 278 
THR OG1  O  N N 279 
THR CG2  C  N N 280 
THR OXT  O  N N 281 
THR H    H  N N 282 
THR H2   H  N N 283 
THR HA   H  N N 284 
THR HB   H  N N 285 
THR HG1  H  N N 286 
THR HG21 H  N N 287 
THR HG22 H  N N 288 
THR HG23 H  N N 289 
THR HXT  H  N N 290 
TRP N    N  N N 291 
TRP CA   C  N S 292 
TRP C    C  N N 293 
TRP O    O  N N 294 
TRP CB   C  N N 295 
TRP CG   C  Y N 296 
TRP CD1  C  Y N 297 
TRP CD2  C  Y N 298 
TRP NE1  N  Y N 299 
TRP CE2  C  Y N 300 
TRP CE3  C  Y N 301 
TRP CZ2  C  Y N 302 
TRP CZ3  C  Y N 303 
TRP CH2  C  Y N 304 
TRP OXT  O  N N 305 
TRP H    H  N N 306 
TRP H2   H  N N 307 
TRP HA   H  N N 308 
TRP HB2  H  N N 309 
TRP HB3  H  N N 310 
TRP HD1  H  N N 311 
TRP HE1  H  N N 312 
TRP HE3  H  N N 313 
TRP HZ2  H  N N 314 
TRP HZ3  H  N N 315 
TRP HH2  H  N N 316 
TRP HXT  H  N N 317 
TYR N    N  N N 318 
TYR CA   C  N S 319 
TYR C    C  N N 320 
TYR O    O  N N 321 
TYR CB   C  N N 322 
TYR CG   C  Y N 323 
TYR CD1  C  Y N 324 
TYR CD2  C  Y N 325 
TYR CE1  C  Y N 326 
TYR CE2  C  Y N 327 
TYR CZ   C  Y N 328 
TYR OH   O  N N 329 
TYR OXT  O  N N 330 
TYR H    H  N N 331 
TYR H2   H  N N 332 
TYR HA   H  N N 333 
TYR HB2  H  N N 334 
TYR HB3  H  N N 335 
TYR HD1  H  N N 336 
TYR HD2  H  N N 337 
TYR HE1  H  N N 338 
TYR HE2  H  N N 339 
TYR HH   H  N N 340 
TYR HXT  H  N N 341 
VAL N    N  N N 342 
VAL CA   C  N S 343 
VAL C    C  N N 344 
VAL O    O  N N 345 
VAL CB   C  N N 346 
VAL CG1  C  N N 347 
VAL CG2  C  N N 348 
VAL OXT  O  N N 349 
VAL H    H  N N 350 
VAL H2   H  N N 351 
VAL HA   H  N N 352 
VAL HB   H  N N 353 
VAL HG11 H  N N 354 
VAL HG12 H  N N 355 
VAL HG13 H  N N 356 
VAL HG21 H  N N 357 
VAL HG22 H  N N 358 
VAL HG23 H  N N 359 
VAL HXT  H  N N 360 
# 
loop_
_chem_comp_bond.comp_id 
_chem_comp_bond.atom_id_1 
_chem_comp_bond.atom_id_2 
_chem_comp_bond.value_order 
_chem_comp_bond.pdbx_aromatic_flag 
_chem_comp_bond.pdbx_stereo_config 
_chem_comp_bond.pdbx_ordinal 
ALA N   CA   sing N N 1   
ALA N   H    sing N N 2   
ALA N   H2   sing N N 3   
ALA CA  C    sing N N 4   
ALA CA  CB   sing N N 5   
ALA CA  HA   sing N N 6   
ALA C   O    doub N N 7   
ALA C   OXT  sing N N 8   
ALA CB  HB1  sing N N 9   
ALA CB  HB2  sing N N 10  
ALA CB  HB3  sing N N 11  
ALA OXT HXT  sing N N 12  
ARG N   CA   sing N N 13  
ARG N   H    sing N N 14  
ARG N   H2   sing N N 15  
ARG CA  C    sing N N 16  
ARG CA  CB   sing N N 17  
ARG CA  HA   sing N N 18  
ARG C   O    doub N N 19  
ARG C   OXT  sing N N 20  
ARG CB  CG   sing N N 21  
ARG CB  HB2  sing N N 22  
ARG CB  HB3  sing N N 23  
ARG CG  CD   sing N N 24  
ARG CG  HG2  sing N N 25  
ARG CG  HG3  sing N N 26  
ARG CD  NE   sing N N 27  
ARG CD  HD2  sing N N 28  
ARG CD  HD3  sing N N 29  
ARG NE  CZ   sing N N 30  
ARG NE  HE   sing N N 31  
ARG CZ  NH1  sing N N 32  
ARG CZ  NH2  doub N N 33  
ARG NH1 HH11 sing N N 34  
ARG NH1 HH12 sing N N 35  
ARG NH2 HH21 sing N N 36  
ARG NH2 HH22 sing N N 37  
ARG OXT HXT  sing N N 38  
ASN N   CA   sing N N 39  
ASN N   H    sing N N 40  
ASN N   H2   sing N N 41  
ASN CA  C    sing N N 42  
ASN CA  CB   sing N N 43  
ASN CA  HA   sing N N 44  
ASN C   O    doub N N 45  
ASN C   OXT  sing N N 46  
ASN CB  CG   sing N N 47  
ASN CB  HB2  sing N N 48  
ASN CB  HB3  sing N N 49  
ASN CG  OD1  doub N N 50  
ASN CG  ND2  sing N N 51  
ASN ND2 HD21 sing N N 52  
ASN ND2 HD22 sing N N 53  
ASN OXT HXT  sing N N 54  
ASP N   CA   sing N N 55  
ASP N   H    sing N N 56  
ASP N   H2   sing N N 57  
ASP CA  C    sing N N 58  
ASP CA  CB   sing N N 59  
ASP CA  HA   sing N N 60  
ASP C   O    doub N N 61  
ASP C   OXT  sing N N 62  
ASP CB  CG   sing N N 63  
ASP CB  HB2  sing N N 64  
ASP CB  HB3  sing N N 65  
ASP CG  OD1  doub N N 66  
ASP CG  OD2  sing N N 67  
ASP OD2 HD2  sing N N 68  
ASP OXT HXT  sing N N 69  
GLN N   CA   sing N N 70  
GLN N   H    sing N N 71  
GLN N   H2   sing N N 72  
GLN CA  C    sing N N 73  
GLN CA  CB   sing N N 74  
GLN CA  HA   sing N N 75  
GLN C   O    doub N N 76  
GLN C   OXT  sing N N 77  
GLN CB  CG   sing N N 78  
GLN CB  HB2  sing N N 79  
GLN CB  HB3  sing N N 80  
GLN CG  CD   sing N N 81  
GLN CG  HG2  sing N N 82  
GLN CG  HG3  sing N N 83  
GLN CD  OE1  doub N N 84  
GLN CD  NE2  sing N N 85  
GLN NE2 HE21 sing N N 86  
GLN NE2 HE22 sing N N 87  
GLN OXT HXT  sing N N 88  
GLU N   CA   sing N N 89  
GLU N   H    sing N N 90  
GLU N   H2   sing N N 91  
GLU CA  C    sing N N 92  
GLU CA  CB   sing N N 93  
GLU CA  HA   sing N N 94  
GLU C   O    doub N N 95  
GLU C   OXT  sing N N 96  
GLU CB  CG   sing N N 97  
GLU CB  HB2  sing N N 98  
GLU CB  HB3  sing N N 99  
GLU CG  CD   sing N N 100 
GLU CG  HG2  sing N N 101 
GLU CG  HG3  sing N N 102 
GLU CD  OE1  doub N N 103 
GLU CD  OE2  sing N N 104 
GLU OE2 HE2  sing N N 105 
GLU OXT HXT  sing N N 106 
GLY N   CA   sing N N 107 
GLY N   H    sing N N 108 
GLY N   H2   sing N N 109 
GLY CA  C    sing N N 110 
GLY CA  HA2  sing N N 111 
GLY CA  HA3  sing N N 112 
GLY C   O    doub N N 113 
GLY C   OXT  sing N N 114 
GLY OXT HXT  sing N N 115 
HOH O   H1   sing N N 116 
HOH O   H2   sing N N 117 
ILE N   CA   sing N N 118 
ILE N   H    sing N N 119 
ILE N   H2   sing N N 120 
ILE CA  C    sing N N 121 
ILE CA  CB   sing N N 122 
ILE CA  HA   sing N N 123 
ILE C   O    doub N N 124 
ILE C   OXT  sing N N 125 
ILE CB  CG1  sing N N 126 
ILE CB  CG2  sing N N 127 
ILE CB  HB   sing N N 128 
ILE CG1 CD1  sing N N 129 
ILE CG1 HG12 sing N N 130 
ILE CG1 HG13 sing N N 131 
ILE CG2 HG21 sing N N 132 
ILE CG2 HG22 sing N N 133 
ILE CG2 HG23 sing N N 134 
ILE CD1 HD11 sing N N 135 
ILE CD1 HD12 sing N N 136 
ILE CD1 HD13 sing N N 137 
ILE OXT HXT  sing N N 138 
LEU N   CA   sing N N 139 
LEU N   H    sing N N 140 
LEU N   H2   sing N N 141 
LEU CA  C    sing N N 142 
LEU CA  CB   sing N N 143 
LEU CA  HA   sing N N 144 
LEU C   O    doub N N 145 
LEU C   OXT  sing N N 146 
LEU CB  CG   sing N N 147 
LEU CB  HB2  sing N N 148 
LEU CB  HB3  sing N N 149 
LEU CG  CD1  sing N N 150 
LEU CG  CD2  sing N N 151 
LEU CG  HG   sing N N 152 
LEU CD1 HD11 sing N N 153 
LEU CD1 HD12 sing N N 154 
LEU CD1 HD13 sing N N 155 
LEU CD2 HD21 sing N N 156 
LEU CD2 HD22 sing N N 157 
LEU CD2 HD23 sing N N 158 
LEU OXT HXT  sing N N 159 
LYS N   CA   sing N N 160 
LYS N   H    sing N N 161 
LYS N   H2   sing N N 162 
LYS CA  C    sing N N 163 
LYS CA  CB   sing N N 164 
LYS CA  HA   sing N N 165 
LYS C   O    doub N N 166 
LYS C   OXT  sing N N 167 
LYS CB  CG   sing N N 168 
LYS CB  HB2  sing N N 169 
LYS CB  HB3  sing N N 170 
LYS CG  CD   sing N N 171 
LYS CG  HG2  sing N N 172 
LYS CG  HG3  sing N N 173 
LYS CD  CE   sing N N 174 
LYS CD  HD2  sing N N 175 
LYS CD  HD3  sing N N 176 
LYS CE  NZ   sing N N 177 
LYS CE  HE2  sing N N 178 
LYS CE  HE3  sing N N 179 
LYS NZ  HZ1  sing N N 180 
LYS NZ  HZ2  sing N N 181 
LYS NZ  HZ3  sing N N 182 
LYS OXT HXT  sing N N 183 
MAN C1  C2   sing N N 184 
MAN C1  O1   sing N N 185 
MAN C1  O5   sing N N 186 
MAN C1  H1   sing N N 187 
MAN C2  C3   sing N N 188 
MAN C2  O2   sing N N 189 
MAN C2  H2   sing N N 190 
MAN C3  C4   sing N N 191 
MAN C3  O3   sing N N 192 
MAN C3  H3   sing N N 193 
MAN C4  C5   sing N N 194 
MAN C4  O4   sing N N 195 
MAN C4  H4   sing N N 196 
MAN C5  C6   sing N N 197 
MAN C5  O5   sing N N 198 
MAN C5  H5   sing N N 199 
MAN C6  O6   sing N N 200 
MAN C6  H61  sing N N 201 
MAN C6  H62  sing N N 202 
MAN O1  HO1  sing N N 203 
MAN O2  HO2  sing N N 204 
MAN O3  HO3  sing N N 205 
MAN O4  HO4  sing N N 206 
MAN O6  HO6  sing N N 207 
PHE N   CA   sing N N 208 
PHE N   H    sing N N 209 
PHE N   H2   sing N N 210 
PHE CA  C    sing N N 211 
PHE CA  CB   sing N N 212 
PHE CA  HA   sing N N 213 
PHE C   O    doub N N 214 
PHE C   OXT  sing N N 215 
PHE CB  CG   sing N N 216 
PHE CB  HB2  sing N N 217 
PHE CB  HB3  sing N N 218 
PHE CG  CD1  doub Y N 219 
PHE CG  CD2  sing Y N 220 
PHE CD1 CE1  sing Y N 221 
PHE CD1 HD1  sing N N 222 
PHE CD2 CE2  doub Y N 223 
PHE CD2 HD2  sing N N 224 
PHE CE1 CZ   doub Y N 225 
PHE CE1 HE1  sing N N 226 
PHE CE2 CZ   sing Y N 227 
PHE CE2 HE2  sing N N 228 
PHE CZ  HZ   sing N N 229 
PHE OXT HXT  sing N N 230 
PRO N   CA   sing N N 231 
PRO N   CD   sing N N 232 
PRO N   H    sing N N 233 
PRO CA  C    sing N N 234 
PRO CA  CB   sing N N 235 
PRO CA  HA   sing N N 236 
PRO C   O    doub N N 237 
PRO C   OXT  sing N N 238 
PRO CB  CG   sing N N 239 
PRO CB  HB2  sing N N 240 
PRO CB  HB3  sing N N 241 
PRO CG  CD   sing N N 242 
PRO CG  HG2  sing N N 243 
PRO CG  HG3  sing N N 244 
PRO CD  HD2  sing N N 245 
PRO CD  HD3  sing N N 246 
PRO OXT HXT  sing N N 247 
SER N   CA   sing N N 248 
SER N   H    sing N N 249 
SER N   H2   sing N N 250 
SER CA  C    sing N N 251 
SER CA  CB   sing N N 252 
SER CA  HA   sing N N 253 
SER C   O    doub N N 254 
SER C   OXT  sing N N 255 
SER CB  OG   sing N N 256 
SER CB  HB2  sing N N 257 
SER CB  HB3  sing N N 258 
SER OG  HG   sing N N 259 
SER OXT HXT  sing N N 260 
THR N   CA   sing N N 261 
THR N   H    sing N N 262 
THR N   H2   sing N N 263 
THR CA  C    sing N N 264 
THR CA  CB   sing N N 265 
THR CA  HA   sing N N 266 
THR C   O    doub N N 267 
THR C   OXT  sing N N 268 
THR CB  OG1  sing N N 269 
THR CB  CG2  sing N N 270 
THR CB  HB   sing N N 271 
THR OG1 HG1  sing N N 272 
THR CG2 HG21 sing N N 273 
THR CG2 HG22 sing N N 274 
THR CG2 HG23 sing N N 275 
THR OXT HXT  sing N N 276 
TRP N   CA   sing N N 277 
TRP N   H    sing N N 278 
TRP N   H2   sing N N 279 
TRP CA  C    sing N N 280 
TRP CA  CB   sing N N 281 
TRP CA  HA   sing N N 282 
TRP C   O    doub N N 283 
TRP C   OXT  sing N N 284 
TRP CB  CG   sing N N 285 
TRP CB  HB2  sing N N 286 
TRP CB  HB3  sing N N 287 
TRP CG  CD1  doub Y N 288 
TRP CG  CD2  sing Y N 289 
TRP CD1 NE1  sing Y N 290 
TRP CD1 HD1  sing N N 291 
TRP CD2 CE2  doub Y N 292 
TRP CD2 CE3  sing Y N 293 
TRP NE1 CE2  sing Y N 294 
TRP NE1 HE1  sing N N 295 
TRP CE2 CZ2  sing Y N 296 
TRP CE3 CZ3  doub Y N 297 
TRP CE3 HE3  sing N N 298 
TRP CZ2 CH2  doub Y N 299 
TRP CZ2 HZ2  sing N N 300 
TRP CZ3 CH2  sing Y N 301 
TRP CZ3 HZ3  sing N N 302 
TRP CH2 HH2  sing N N 303 
TRP OXT HXT  sing N N 304 
TYR N   CA   sing N N 305 
TYR N   H    sing N N 306 
TYR N   H2   sing N N 307 
TYR CA  C    sing N N 308 
TYR CA  CB   sing N N 309 
TYR CA  HA   sing N N 310 
TYR C   O    doub N N 311 
TYR C   OXT  sing N N 312 
TYR CB  CG   sing N N 313 
TYR CB  HB2  sing N N 314 
TYR CB  HB3  sing N N 315 
TYR CG  CD1  doub Y N 316 
TYR CG  CD2  sing Y N 317 
TYR CD1 CE1  sing Y N 318 
TYR CD1 HD1  sing N N 319 
TYR CD2 CE2  doub Y N 320 
TYR CD2 HD2  sing N N 321 
TYR CE1 CZ   doub Y N 322 
TYR CE1 HE1  sing N N 323 
TYR CE2 CZ   sing Y N 324 
TYR CE2 HE2  sing N N 325 
TYR CZ  OH   sing N N 326 
TYR OH  HH   sing N N 327 
TYR OXT HXT  sing N N 328 
VAL N   CA   sing N N 329 
VAL N   H    sing N N 330 
VAL N   H2   sing N N 331 
VAL CA  C    sing N N 332 
VAL CA  CB   sing N N 333 
VAL CA  HA   sing N N 334 
VAL C   O    doub N N 335 
VAL C   OXT  sing N N 336 
VAL CB  CG1  sing N N 337 
VAL CB  CG2  sing N N 338 
VAL CB  HB   sing N N 339 
VAL CG1 HG11 sing N N 340 
VAL CG1 HG12 sing N N 341 
VAL CG1 HG13 sing N N 342 
VAL CG2 HG21 sing N N 343 
VAL CG2 HG22 sing N N 344 
VAL CG2 HG23 sing N N 345 
VAL OXT HXT  sing N N 346 
# 
_atom_sites.entry_id                    1OUR 
_atom_sites.fract_transf_matrix[1][1]   -0.00943979 
_atom_sites.fract_transf_matrix[1][2]   0.01130103 
_atom_sites.fract_transf_matrix[1][3]   0.01192492 
_atom_sites.fract_transf_matrix[2][1]   0.01133579 
_atom_sites.fract_transf_matrix[2][2]   0.00895435 
_atom_sites.fract_transf_matrix[2][3]   0.00048756 
_atom_sites.fract_transf_matrix[3][1]   -0.00499483 
_atom_sites.fract_transf_matrix[3][2]   0.00689425 
_atom_sites.fract_transf_matrix[3][3]   -0.01048747 
_atom_sites.fract_transf_vector[1]      0.411917 
_atom_sites.fract_transf_vector[2]      0.186665 
_atom_sites.fract_transf_vector[3]      0.386970 
# 
loop_
_atom_type.symbol 
C  
CA 
N  
O  
# 
loop_
_atom_site.group_PDB 
_atom_site.id 
_atom_site.type_symbol 
_atom_site.label_atom_id 
_atom_site.label_alt_id 
_atom_site.label_comp_id 
_atom_site.label_asym_id 
_atom_site.label_entity_id 
_atom_site.label_seq_id 
_atom_site.pdbx_PDB_ins_code 
_atom_site.Cartn_x 
_atom_site.Cartn_y 
_atom_site.Cartn_z 
_atom_site.occupancy 
_atom_site.B_iso_or_equiv 
_atom_site.pdbx_formal_charge 
_atom_site.auth_seq_id 
_atom_site.auth_comp_id 
_atom_site.auth_asym_id 
_atom_site.auth_atom_id 
_atom_site.pdbx_PDB_model_num 
ATOM   1    N  N   . ALA A 1 1   ? -9.115  -12.899 7.417   1.00 14.64 ? 1   ALA A N   1 
ATOM   2    C  CA  . ALA A 1 1   ? -8.661  -13.113 6.013   1.00 9.77  ? 1   ALA A CA  1 
ATOM   3    C  C   . ALA A 1 1   ? -7.428  -12.280 5.719   1.00 10.72 ? 1   ALA A C   1 
ATOM   4    O  O   . ALA A 1 1   ? -7.211  -11.234 6.335   1.00 11.93 ? 1   ALA A O   1 
ATOM   5    C  CB  . ALA A 1 1   ? -9.769  -12.738 5.046   1.00 11.62 ? 1   ALA A CB  1 
ATOM   6    N  N   . THR A 1 2   ? -6.621  -12.748 4.775   1.00 10.25 ? 2   THR A N   1 
ATOM   7    C  CA  . THR A 1 2   ? -5.419  -12.030 4.390   1.00 10.98 ? 2   THR A CA  1 
ATOM   8    C  C   . THR A 1 2   ? -5.816  -10.703 3.755   1.00 9.89  ? 2   THR A C   1 
ATOM   9    O  O   . THR A 1 2   ? -6.810  -10.617 3.029   1.00 9.01  ? 2   THR A O   1 
ATOM   10   C  CB  . THR A 1 2   ? -4.581  -12.853 3.399   1.00 12.02 ? 2   THR A CB  1 
ATOM   11   O  OG1 . THR A 1 2   ? -4.155  -14.063 4.037   1.00 15.23 ? 2   THR A OG1 1 
ATOM   12   C  CG2 . THR A 1 2   ? -3.361  -12.067 2.942   1.00 12.07 ? 2   THR A CG2 1 
ATOM   13   N  N   . GLN A 1 3   ? -5.035  -9.671  4.047   1.00 7.45  ? 3   GLN A N   1 
ATOM   14   C  CA  . GLN A 1 3   ? -5.278  -8.335  3.522   1.00 8.21  ? 3   GLN A CA  1 
ATOM   15   C  C   . GLN A 1 3   ? -3.971  -7.762  2.981   1.00 9.11  ? 3   GLN A C   1 
ATOM   16   O  O   . GLN A 1 3   ? -2.887  -8.187  3.383   1.00 8.84  ? 3   GLN A O   1 
ATOM   17   C  CB  . GLN A 1 3   ? -5.807  -7.428  4.635   1.00 10.11 ? 3   GLN A CB  1 
ATOM   18   C  CG  . GLN A 1 3   ? -7.161  -7.824  5.226   1.00 7.63  ? 3   GLN A CG  1 
ATOM   19   C  CD  . GLN A 1 3   ? -8.318  -7.583  4.272   1.00 9.67  ? 3   GLN A CD  1 
ATOM   20   O  OE1 . GLN A 1 3   ? -8.531  -8.335  3.315   1.00 12.56 ? 3   GLN A OE1 1 
ATOM   21   N  NE2 . GLN A 1 3   ? -9.061  -6.511  4.516   1.00 5.46  ? 3   GLN A NE2 1 
ATOM   22   N  N   . GLY A 1 4   ? -4.077  -6.807  2.063   1.00 8.03  ? 4   GLY A N   1 
ATOM   23   C  CA  . GLY A 1 4   ? -2.889  -6.184  1.506   1.00 7.82  ? 4   GLY A CA  1 
ATOM   24   C  C   . GLY A 1 4   ? -2.212  -6.915  0.361   1.00 7.70  ? 4   GLY A C   1 
ATOM   25   O  O   . GLY A 1 4   ? -1.129  -6.515  -0.069  1.00 8.88  ? 4   GLY A O   1 
ATOM   26   N  N   . VAL A 1 5   ? -2.831  -7.987  -0.127  1.00 8.40  ? 5   VAL A N   1 
ATOM   27   C  CA  . VAL A 1 5   ? -2.285  -8.761  -1.242  1.00 8.20  ? 5   VAL A CA  1 
ATOM   28   C  C   . VAL A 1 5   ? -3.179  -8.576  -2.466  1.00 8.05  ? 5   VAL A C   1 
ATOM   29   O  O   . VAL A 1 5   ? -4.398  -8.724  -2.382  1.00 9.27  ? 5   VAL A O   1 
ATOM   30   C  CB  . VAL A 1 5   ? -2.192  -10.262 -0.892  1.00 9.19  ? 5   VAL A CB  1 
ATOM   31   C  CG1 . VAL A 1 5   ? -1.687  -11.048 -2.095  1.00 9.92  ? 5   VAL A CG1 1 
ATOM   32   C  CG2 . VAL A 1 5   ? -1.254  -10.455 0.291   1.00 11.27 ? 5   VAL A CG2 1 
ATOM   33   N  N   . PHE A 1 6   ? -2.567  -8.259  -3.603  1.00 7.49  ? 6   PHE A N   1 
ATOM   34   C  CA  . PHE A 1 6   ? -3.315  -8.020  -4.830  1.00 7.05  ? 6   PHE A CA  1 
ATOM   35   C  C   . PHE A 1 6   ? -2.648  -8.683  -6.024  1.00 9.38  ? 6   PHE A C   1 
ATOM   36   O  O   . PHE A 1 6   ? -1.422  -8.688  -6.138  1.00 9.11  ? 6   PHE A O   1 
ATOM   37   C  CB  . PHE A 1 6   ? -3.377  -6.518  -5.115  1.00 8.71  ? 6   PHE A CB  1 
ATOM   38   C  CG  . PHE A 1 6   ? -3.836  -5.691  -3.952  1.00 7.24  ? 6   PHE A CG  1 
ATOM   39   C  CD1 . PHE A 1 6   ? -5.180  -5.643  -3.595  1.00 9.31  ? 6   PHE A CD1 1 
ATOM   40   C  CD2 . PHE A 1 6   ? -2.918  -4.952  -3.212  1.00 8.10  ? 6   PHE A CD2 1 
ATOM   41   C  CE1 . PHE A 1 6   ? -5.604  -4.863  -2.516  1.00 8.14  ? 6   PHE A CE1 1 
ATOM   42   C  CE2 . PHE A 1 6   ? -3.332  -4.171  -2.133  1.00 8.62  ? 6   PHE A CE2 1 
ATOM   43   C  CZ  . PHE A 1 6   ? -4.676  -4.125  -1.784  1.00 9.66  ? 6   PHE A CZ  1 
ATOM   44   N  N   . THR A 1 7   ? -3.462  -9.233  -6.919  1.00 9.09  ? 7   THR A N   1 
ATOM   45   C  CA  . THR A 1 7   ? -2.945  -9.840  -8.133  1.00 9.64  ? 7   THR A CA  1 
ATOM   46   C  C   . THR A 1 7   ? -3.234  -8.877  -9.279  1.00 10.20 ? 7   THR A C   1 
ATOM   47   O  O   . THR A 1 7   ? -4.386  -8.694  -9.682  1.00 12.56 ? 7   THR A O   1 
ATOM   48   C  CB  . THR A 1 7   ? -3.608  -11.193 -8.448  1.00 9.88  ? 7   THR A CB  1 
ATOM   49   O  OG1 . THR A 1 7   ? -3.335  -12.115 -7.389  1.00 11.81 ? 7   THR A OG1 1 
ATOM   50   C  CG2 . THR A 1 7   ? -3.056  -11.762 -9.753  1.00 11.21 ? 7   THR A CG2 1 
ATOM   51   N  N   . LEU A 1 8   ? -2.183  -8.244  -9.781  1.00 9.23  ? 8   LEU A N   1 
ATOM   52   C  CA  . LEU A 1 8   ? -2.307  -7.312  -10.892 1.00 9.10  ? 8   LEU A CA  1 
ATOM   53   C  C   . LEU A 1 8   ? -2.001  -8.040  -12.182 1.00 9.28  ? 8   LEU A C   1 
ATOM   54   O  O   . LEU A 1 8   ? -1.459  -9.147  -12.168 1.00 10.91 ? 8   LEU A O   1 
ATOM   55   C  CB  . LEU A 1 8   ? -1.303  -6.160  -10.760 1.00 10.88 ? 8   LEU A CB  1 
ATOM   56   C  CG  . LEU A 1 8   ? -1.598  -4.974  -9.846  1.00 8.61  ? 8   LEU A CG  1 
ATOM   57   C  CD1 . LEU A 1 8   ? -1.778  -5.420  -8.408  1.00 10.18 ? 8   LEU A CD1 1 
ATOM   58   C  CD2 . LEU A 1 8   ? -0.449  -3.988  -9.962  1.00 10.01 ? 8   LEU A CD2 1 
ATOM   59   N  N   . PRO A 1 9   ? -2.391  -7.451  -13.320 1.00 10.32 ? 9   PRO A N   1 
ATOM   60   C  CA  . PRO A 1 9   ? -2.087  -8.113  -14.585 1.00 9.82  ? 9   PRO A CA  1 
ATOM   61   C  C   . PRO A 1 9   ? -0.560  -8.140  -14.641 1.00 11.51 ? 9   PRO A C   1 
ATOM   62   O  O   . PRO A 1 9   ? 0.098   -7.244  -14.105 1.00 11.38 ? 9   PRO A O   1 
ATOM   63   C  CB  . PRO A 1 9   ? -2.699  -7.162  -15.613 1.00 11.76 ? 9   PRO A CB  1 
ATOM   64   C  CG  . PRO A 1 9   ? -2.616  -5.810  -14.903 1.00 12.48 ? 9   PRO A CG  1 
ATOM   65   C  CD  . PRO A 1 9   ? -3.153  -6.216  -13.559 1.00 10.63 ? 9   PRO A CD  1 
ATOM   66   N  N   . ALA A 1 10  ? 0.004   -9.164  -15.271 1.00 11.31 ? 10  ALA A N   1 
ATOM   67   C  CA  . ALA A 1 10  ? 1.453   -9.290  -15.361 1.00 12.39 ? 10  ALA A CA  1 
ATOM   68   C  C   . ALA A 1 10  ? 2.114   -8.164  -16.147 1.00 10.60 ? 10  ALA A C   1 
ATOM   69   O  O   . ALA A 1 10  ? 1.494   -7.536  -17.009 1.00 11.93 ? 10  ALA A O   1 
ATOM   70   C  CB  . ALA A 1 10  ? 1.817   -10.630 -15.988 1.00 11.92 ? 10  ALA A CB  1 
ATOM   71   N  N   . ASN A 1 11  ? 3.379   -7.917  -15.819 1.00 11.31 ? 11  ASN A N   1 
ATOM   72   C  CA  . ASN A 1 11  ? 4.201   -6.910  -16.481 1.00 12.40 ? 11  ASN A CA  1 
ATOM   73   C  C   . ASN A 1 11  ? 3.493   -5.593  -16.761 1.00 13.05 ? 11  ASN A C   1 
ATOM   74   O  O   . ASN A 1 11  ? 3.578   -5.048  -17.862 1.00 15.34 ? 11  ASN A O   1 
ATOM   75   C  CB  . ASN A 1 11  ? 4.746   -7.499  -17.782 1.00 13.71 ? 11  ASN A CB  1 
ATOM   76   C  CG  . ASN A 1 11  ? 5.467   -8.806  -17.554 1.00 12.17 ? 11  ASN A CG  1 
ATOM   77   O  OD1 . ASN A 1 11  ? 6.411   -8.873  -16.767 1.00 16.75 ? 11  ASN A OD1 1 
ATOM   78   N  ND2 . ASN A 1 11  ? 5.023   -9.859  -18.233 1.00 15.44 ? 11  ASN A ND2 1 
ATOM   79   N  N   . THR A 1 12  ? 2.813   -5.072  -15.746 1.00 10.65 ? 12  THR A N   1 
ATOM   80   C  CA  . THR A 1 12  ? 2.080   -3.823  -15.876 1.00 11.04 ? 12  THR A CA  1 
ATOM   81   C  C   . THR A 1 12  ? 2.602   -2.787  -14.888 1.00 9.80  ? 12  THR A C   1 
ATOM   82   O  O   . THR A 1 12  ? 2.829   -3.093  -13.716 1.00 11.59 ? 12  THR A O   1 
ATOM   83   C  CB  . THR A 1 12  ? 0.581   -4.050  -15.610 1.00 12.43 ? 12  THR A CB  1 
ATOM   84   O  OG1 . THR A 1 12  ? 0.073   -5.005  -16.552 1.00 13.32 ? 12  THR A OG1 1 
ATOM   85   C  CG2 . THR A 1 12  ? -0.194  -2.750  -15.738 1.00 13.92 ? 12  THR A CG2 1 
ATOM   86   N  N   . ARG A 1 13  ? 2.800   -1.561  -15.359 1.00 10.18 ? 13  ARG A N   1 
ATOM   87   C  CA  . ARG A 1 13  ? 3.277   -0.515  -14.473 1.00 12.01 ? 13  ARG A CA  1 
ATOM   88   C  C   . ARG A 1 13  ? 2.127   -0.041  -13.599 1.00 11.11 ? 13  ARG A C   1 
ATOM   89   O  O   . ARG A 1 13  ? 0.983   0.060   -14.050 1.00 10.65 ? 13  ARG A O   1 
ATOM   90   C  CB  . ARG A 1 13  ? 3.806   0.685   -15.253 1.00 11.67 ? 13  ARG A CB  1 
ATOM   91   C  CG  . ARG A 1 13  ? 4.898   0.402   -16.259 1.00 19.63 ? 13  ARG A CG  1 
ATOM   92   C  CD  . ARG A 1 13  ? 5.630   1.703   -16.533 1.00 26.25 ? 13  ARG A CD  1 
ATOM   93   N  NE  . ARG A 1 13  ? 4.692   2.800   -16.769 1.00 40.30 ? 13  ARG A NE  1 
ATOM   94   C  CZ  . ARG A 1 13  ? 5.025   4.085   -16.761 1.00 41.00 ? 13  ARG A CZ  1 
ATOM   95   N  NH1 . ARG A 1 13  ? 6.279   4.448   -16.527 1.00 39.91 ? 13  ARG A NH1 1 
ATOM   96   N  NH2 . ARG A 1 13  ? 4.102   5.013   -16.981 1.00 40.35 ? 13  ARG A NH2 1 
ATOM   97   N  N   . PHE A 1 14  ? 2.428   0.235   -12.337 1.00 9.51  ? 14  PHE A N   1 
ATOM   98   C  CA  . PHE A 1 14  ? 1.414   0.728   -11.426 1.00 9.99  ? 14  PHE A CA  1 
ATOM   99   C  C   . PHE A 1 14  ? 2.034   1.731   -10.480 1.00 9.24  ? 14  PHE A C   1 
ATOM   100  O  O   . PHE A 1 14  ? 3.252   1.767   -10.302 1.00 8.78  ? 14  PHE A O   1 
ATOM   101  C  CB  . PHE A 1 14  ? 0.773   -0.410  -10.615 1.00 8.61  ? 14  PHE A CB  1 
ATOM   102  C  CG  . PHE A 1 14  ? 1.724   -1.136  -9.694  1.00 9.47  ? 14  PHE A CG  1 
ATOM   103  C  CD1 . PHE A 1 14  ? 2.551   -2.147  -10.172 1.00 8.14  ? 14  PHE A CD1 1 
ATOM   104  C  CD2 . PHE A 1 14  ? 1.770   -0.819  -8.339  1.00 9.47  ? 14  PHE A CD2 1 
ATOM   105  C  CE1 . PHE A 1 14  ? 3.407   -2.838  -9.307  1.00 9.50  ? 14  PHE A CE1 1 
ATOM   106  C  CE2 . PHE A 1 14  ? 2.621   -1.500  -7.466  1.00 9.58  ? 14  PHE A CE2 1 
ATOM   107  C  CZ  . PHE A 1 14  ? 3.439   -2.512  -7.949  1.00 9.21  ? 14  PHE A CZ  1 
ATOM   108  N  N   . GLY A 1 15  ? 1.192   2.562   -9.885  1.00 9.45  ? 15  GLY A N   1 
ATOM   109  C  CA  . GLY A 1 15  ? 1.687   3.538   -8.942  1.00 8.34  ? 15  GLY A CA  1 
ATOM   110  C  C   . GLY A 1 15  ? 1.330   3.108   -7.537  1.00 9.72  ? 15  GLY A C   1 
ATOM   111  O  O   . GLY A 1 15  ? 0.316   2.445   -7.317  1.00 9.43  ? 15  GLY A O   1 
ATOM   112  N  N   . VAL A 1 16  ? 2.185   3.448   -6.583  1.00 8.36  ? 16  VAL A N   1 
ATOM   113  C  CA  . VAL A 1 16  ? 1.918   3.135   -5.192  1.00 9.12  ? 16  VAL A CA  1 
ATOM   114  C  C   . VAL A 1 16  ? 2.265   4.391   -4.409  1.00 8.10  ? 16  VAL A C   1 
ATOM   115  O  O   . VAL A 1 16  ? 3.351   4.957   -4.561  1.00 9.56  ? 16  VAL A O   1 
ATOM   116  C  CB  . VAL A 1 16  ? 2.734   1.911   -4.697  1.00 10.07 ? 16  VAL A CB  1 
ATOM   117  C  CG1 . VAL A 1 16  ? 4.226   2.152   -4.848  1.00 11.47 ? 16  VAL A CG1 1 
ATOM   118  C  CG2 . VAL A 1 16  ? 2.373   1.615   -3.253  1.00 10.17 ? 16  VAL A CG2 1 
ATOM   119  N  N   . THR A 1 17  ? 1.316   4.837   -3.592  1.00 7.77  ? 17  THR A N   1 
ATOM   120  C  CA  . THR A 1 17  ? 1.477   6.052   -2.810  1.00 9.21  ? 17  THR A CA  1 
ATOM   121  C  C   . THR A 1 17  ? 1.002   5.812   -1.384  1.00 8.87  ? 17  THR A C   1 
ATOM   122  O  O   . THR A 1 17  ? -0.012  5.146   -1.169  1.00 9.63  ? 17  THR A O   1 
ATOM   123  C  CB  . THR A 1 17  ? 0.645   7.189   -3.438  1.00 9.56  ? 17  THR A CB  1 
ATOM   124  O  OG1 . THR A 1 17  ? 1.044   7.364   -4.804  1.00 9.69  ? 17  THR A OG1 1 
ATOM   125  C  CG2 . THR A 1 17  ? 0.843   8.491   -2.678  1.00 10.77 ? 17  THR A CG2 1 
ATOM   126  N  N   . ALA A 1 18  ? 1.732   6.351   -0.412  1.00 8.45  ? 18  ALA A N   1 
ATOM   127  C  CA  . ALA A 1 18  ? 1.370   6.178   0.988   1.00 9.25  ? 18  ALA A CA  1 
ATOM   128  C  C   . ALA A 1 18  ? 1.183   7.510   1.708   1.00 8.23  ? 18  ALA A C   1 
ATOM   129  O  O   . ALA A 1 18  ? 1.924   8.469   1.470   1.00 9.28  ? 18  ALA A O   1 
ATOM   130  C  CB  . ALA A 1 18  ? 2.426   5.344   1.700   1.00 9.93  ? 18  ALA A CB  1 
ATOM   131  N  N   . PHE A 1 19  ? 0.183   7.541   2.588   1.00 9.14  ? 19  PHE A N   1 
ATOM   132  C  CA  . PHE A 1 19  ? -0.172  8.711   3.390   1.00 8.65  ? 19  PHE A CA  1 
ATOM   133  C  C   . PHE A 1 19  ? -0.058  8.293   4.854   1.00 8.55  ? 19  PHE A C   1 
ATOM   134  O  O   . PHE A 1 19  ? -0.323  7.138   5.188   1.00 10.57 ? 19  PHE A O   1 
ATOM   135  C  CB  . PHE A 1 19  ? -1.623  9.116   3.121   1.00 8.76  ? 19  PHE A CB  1 
ATOM   136  C  CG  . PHE A 1 19  ? -1.920  9.413   1.681   1.00 9.93  ? 19  PHE A CG  1 
ATOM   137  C  CD1 . PHE A 1 19  ? -1.697  10.679  1.154   1.00 10.75 ? 19  PHE A CD1 1 
ATOM   138  C  CD2 . PHE A 1 19  ? -2.421  8.419   0.849   1.00 11.79 ? 19  PHE A CD2 1 
ATOM   139  C  CE1 . PHE A 1 19  ? -1.972  10.950  -0.187  1.00 12.04 ? 19  PHE A CE1 1 
ATOM   140  C  CE2 . PHE A 1 19  ? -2.696  8.681   -0.489  1.00 11.07 ? 19  PHE A CE2 1 
ATOM   141  C  CZ  . PHE A 1 19  ? -2.473  9.946   -1.007  1.00 11.89 ? 19  PHE A CZ  1 
ATOM   142  N  N   . ALA A 1 20  ? 0.327   9.217   5.728   1.00 8.83  ? 20  ALA A N   1 
ATOM   143  C  CA  . ALA A 1 20  ? 0.447   8.894   7.147   1.00 9.16  ? 20  ALA A CA  1 
ATOM   144  C  C   . ALA A 1 20  ? -0.480  9.749   8.008   1.00 10.08 ? 20  ALA A C   1 
ATOM   145  O  O   . ALA A 1 20  ? -0.668  10.939  7.751   1.00 8.72  ? 20  ALA A O   1 
ATOM   146  C  CB  . ALA A 1 20  ? 1.892   9.066   7.601   1.00 9.23  ? 20  ALA A CB  1 
ATOM   147  N  N   . ASN A 1 21  ? -1.057  9.120   9.029   1.00 7.30  ? 21  ASN A N   1 
ATOM   148  C  CA  . ASN A 1 21  ? -1.966  9.771   9.970   1.00 7.36  ? 21  ASN A CA  1 
ATOM   149  C  C   . ASN A 1 21  ? -1.780  9.100   11.322  1.00 8.63  ? 21  ASN A C   1 
ATOM   150  O  O   . ASN A 1 21  ? -2.648  8.363   11.779  1.00 8.90  ? 21  ASN A O   1 
ATOM   151  C  CB  . ASN A 1 21  ? -3.417  9.597   9.516   1.00 8.40  ? 21  ASN A CB  1 
ATOM   152  C  CG  . ASN A 1 21  ? -3.733  10.380  8.265   1.00 9.02  ? 21  ASN A CG  1 
ATOM   153  O  OD1 . ASN A 1 21  ? -3.881  11.603  8.306   1.00 9.94  ? 21  ASN A OD1 1 
ATOM   154  N  ND2 . ASN A 1 21  ? -3.824  9.684   7.141   1.00 9.41  ? 21  ASN A ND2 1 
ATOM   155  N  N   . SER A 1 22  ? -0.643  9.359   11.960  1.00 8.41  ? 22  SER A N   1 
ATOM   156  C  CA  . SER A 1 22  ? -0.337  8.748   13.247  1.00 8.51  ? 22  SER A CA  1 
ATOM   157  C  C   . SER A 1 22  ? 0.869   9.396   13.906  1.00 11.66 ? 22  SER A C   1 
ATOM   158  O  O   . SER A 1 22  ? 1.691   10.022  13.237  1.00 9.42  ? 22  SER A O   1 
ATOM   159  C  CB  . SER A 1 22  ? -0.059  7.255   13.049  1.00 10.77 ? 22  SER A CB  1 
ATOM   160  O  OG  . SER A 1 22  ? 0.417   6.657   14.243  1.00 8.74  ? 22  SER A OG  1 
ATOM   161  N  N   . SER A 1 23  ? 0.971   9.246   15.222  1.00 9.70  ? 23  SER A N   1 
ATOM   162  C  CA  . SER A 1 23  ? 2.101   9.794   15.955  1.00 11.31 ? 23  SER A CA  1 
ATOM   163  C  C   . SER A 1 23  ? 3.323   8.935   15.652  1.00 12.66 ? 23  SER A C   1 
ATOM   164  O  O   . SER A 1 23  ? 4.458   9.406   15.704  1.00 10.38 ? 23  SER A O   1 
ATOM   165  C  CB  . SER A 1 23  ? 1.830   9.765   17.460  1.00 10.00 ? 23  SER A CB  1 
ATOM   166  O  OG  . SER A 1 23  ? 1.702   8.433   17.923  1.00 10.28 ? 23  SER A OG  1 
ATOM   167  N  N   . GLY A 1 24  ? 3.084   7.669   15.325  1.00 8.64  ? 24  GLY A N   1 
ATOM   168  C  CA  . GLY A 1 24  ? 4.182   6.767   15.040  1.00 9.31  ? 24  GLY A CA  1 
ATOM   169  C  C   . GLY A 1 24  ? 4.709   6.826   13.621  1.00 10.04 ? 24  GLY A C   1 
ATOM   170  O  O   . GLY A 1 24  ? 3.968   7.093   12.674  1.00 9.43  ? 24  GLY A O   1 
ATOM   171  N  N   . THR A 1 25  ? 6.006   6.574   13.478  1.00 8.91  ? 25  THR A N   1 
ATOM   172  C  CA  . THR A 1 25  ? 6.647   6.569   12.172  1.00 9.75  ? 25  THR A CA  1 
ATOM   173  C  C   . THR A 1 25  ? 6.165   5.332   11.423  1.00 10.49 ? 25  THR A C   1 
ATOM   174  O  O   . THR A 1 25  ? 6.274   4.211   11.924  1.00 10.86 ? 25  THR A O   1 
ATOM   175  C  CB  . THR A 1 25  ? 8.174   6.527   12.320  1.00 10.82 ? 25  THR A CB  1 
ATOM   176  O  OG1 . THR A 1 25  ? 8.613   7.707   13.004  1.00 12.97 ? 25  THR A OG1 1 
ATOM   177  C  CG2 . THR A 1 25  ? 8.845   6.448   10.957  1.00 11.95 ? 25  THR A CG2 1 
ATOM   178  N  N   . GLN A 1 26  ? 5.634   5.546   10.226  1.00 9.32  ? 26  GLN A N   1 
ATOM   179  C  CA  . GLN A 1 26  ? 5.103   4.463   9.410   1.00 8.86  ? 26  GLN A CA  1 
ATOM   180  C  C   . GLN A 1 26  ? 6.130   3.919   8.429   1.00 10.35 ? 26  GLN A C   1 
ATOM   181  O  O   . GLN A 1 26  ? 6.802   4.680   7.733   1.00 10.27 ? 26  GLN A O   1 
ATOM   182  C  CB  . GLN A 1 26  ? 3.883   4.964   8.632   1.00 9.45  ? 26  GLN A CB  1 
ATOM   183  C  CG  . GLN A 1 26  ? 2.820   5.604   9.512   1.00 8.89  ? 26  GLN A CG  1 
ATOM   184  C  CD  . GLN A 1 26  ? 2.183   4.628   10.481  1.00 9.45  ? 26  GLN A CD  1 
ATOM   185  O  OE1 . GLN A 1 26  ? 2.020   4.929   11.668  1.00 11.24 ? 26  GLN A OE1 1 
ATOM   186  N  NE2 . GLN A 1 26  ? 1.794   3.467   9.979   1.00 6.99  ? 26  GLN A NE2 1 
ATOM   187  N  N   . THR A 1 27  ? 6.248   2.596   8.380   1.00 9.70  ? 27  THR A N   1 
ATOM   188  C  CA  . THR A 1 27  ? 7.164   1.943   7.457   1.00 10.49 ? 27  THR A CA  1 
ATOM   189  C  C   . THR A 1 27  ? 6.307   1.110   6.513   1.00 8.16  ? 27  THR A C   1 
ATOM   190  O  O   . THR A 1 27  ? 5.707   0.114   6.920   1.00 10.44 ? 27  THR A O   1 
ATOM   191  C  CB  . THR A 1 27  ? 8.152   1.015   8.184   1.00 12.11 ? 27  THR A CB  1 
ATOM   192  O  OG1 . THR A 1 27  ? 8.916   1.774   9.129   1.00 15.67 ? 27  THR A OG1 1 
ATOM   193  C  CG2 . THR A 1 27  ? 9.105   0.370   7.185   1.00 14.17 ? 27  THR A CG2 1 
ATOM   194  N  N   . VAL A 1 28  ? 6.232   1.541   5.260   1.00 9.18  ? 28  VAL A N   1 
ATOM   195  C  CA  . VAL A 1 28  ? 5.442   0.842   4.258   1.00 8.92  ? 28  VAL A CA  1 
ATOM   196  C  C   . VAL A 1 28  ? 6.364   0.097   3.309   1.00 9.56  ? 28  VAL A C   1 
ATOM   197  O  O   . VAL A 1 28  ? 7.209   0.702   2.650   1.00 11.59 ? 28  VAL A O   1 
ATOM   198  C  CB  . VAL A 1 28  ? 4.579   1.828   3.443   1.00 9.00  ? 28  VAL A CB  1 
ATOM   199  C  CG1 . VAL A 1 28  ? 3.770   1.068   2.393   1.00 12.40 ? 28  VAL A CG1 1 
ATOM   200  C  CG2 . VAL A 1 28  ? 3.655   2.601   4.373   1.00 10.98 ? 28  VAL A CG2 1 
ATOM   201  N  N   . ASN A 1 29  ? 6.202   -1.218  3.246   1.00 9.46  ? 29  ASN A N   1 
ATOM   202  C  CA  . ASN A 1 29  ? 7.020   -2.031  2.365   1.00 10.40 ? 29  ASN A CA  1 
ATOM   203  C  C   . ASN A 1 29  ? 6.137   -2.639  1.285   1.00 9.01  ? 29  ASN A C   1 
ATOM   204  O  O   . ASN A 1 29  ? 5.068   -3.187  1.570   1.00 11.55 ? 29  ASN A O   1 
ATOM   205  C  CB  . ASN A 1 29  ? 7.721   -3.136  3.158   1.00 10.70 ? 29  ASN A CB  1 
ATOM   206  C  CG  . ASN A 1 29  ? 8.723   -3.901  2.322   1.00 25.02 ? 29  ASN A CG  1 
ATOM   207  O  OD1 . ASN A 1 29  ? 9.625   -3.312  1.727   1.00 20.99 ? 29  ASN A OD1 1 
ATOM   208  N  ND2 . ASN A 1 29  ? 8.577   -5.218  2.278   1.00 23.15 ? 29  ASN A ND2 1 
ATOM   209  N  N   . VAL A 1 30  ? 6.582   -2.527  0.041   1.00 9.85  ? 30  VAL A N   1 
ATOM   210  C  CA  . VAL A 1 30  ? 5.838   -3.067  -1.084  1.00 8.48  ? 30  VAL A CA  1 
ATOM   211  C  C   . VAL A 1 30  ? 6.642   -4.206  -1.697  1.00 9.07  ? 30  VAL A C   1 
ATOM   212  O  O   . VAL A 1 30  ? 7.793   -4.025  -2.093  1.00 10.32 ? 30  VAL A O   1 
ATOM   213  C  CB  . VAL A 1 30  ? 5.590   -1.986  -2.156  1.00 9.94  ? 30  VAL A CB  1 
ATOM   214  C  CG1 . VAL A 1 30  ? 4.753   -2.562  -3.292  1.00 11.68 ? 30  VAL A CG1 1 
ATOM   215  C  CG2 . VAL A 1 30  ? 4.891   -0.784  -1.535  1.00 11.65 ? 30  VAL A CG2 1 
ATOM   216  N  N   . LEU A 1 31  ? 6.033   -5.386  -1.748  1.00 8.36  ? 31  LEU A N   1 
ATOM   217  C  CA  . LEU A 1 31  ? 6.681   -6.557  -2.313  1.00 8.47  ? 31  LEU A CA  1 
ATOM   218  C  C   . LEU A 1 31  ? 6.063   -6.923  -3.654  1.00 8.66  ? 31  LEU A C   1 
ATOM   219  O  O   . LEU A 1 31  ? 4.842   -6.876  -3.821  1.00 9.71  ? 31  LEU A O   1 
ATOM   220  C  CB  . LEU A 1 31  ? 6.537   -7.754  -1.368  1.00 10.25 ? 31  LEU A CB  1 
ATOM   221  C  CG  . LEU A 1 31  ? 7.116   -7.658  0.043   1.00 12.09 ? 31  LEU A CG  1 
ATOM   222  C  CD1 . LEU A 1 31  ? 6.817   -8.949  0.786   1.00 24.53 ? 31  LEU A CD1 1 
ATOM   223  C  CD2 . LEU A 1 31  ? 8.616   -7.425  -0.012  1.00 22.18 ? 31  LEU A CD2 1 
ATOM   224  N  N   . VAL A 1 32  ? 6.913   -7.266  -4.612  1.00 8.85  ? 32  VAL A N   1 
ATOM   225  C  CA  . VAL A 1 32  ? 6.457   -7.705  -5.923  1.00 10.12 ? 32  VAL A CA  1 
ATOM   226  C  C   . VAL A 1 32  ? 7.071   -9.091  -6.081  1.00 9.66  ? 32  VAL A C   1 
ATOM   227  O  O   . VAL A 1 32  ? 8.290   -9.255  -6.002  1.00 10.24 ? 32  VAL A O   1 
ATOM   228  C  CB  . VAL A 1 32  ? 6.938   -6.771  -7.054  1.00 9.76  ? 32  VAL A CB  1 
ATOM   229  C  CG1 . VAL A 1 32  ? 6.541   -7.351  -8.404  1.00 10.60 ? 32  VAL A CG1 1 
ATOM   230  C  CG2 . VAL A 1 32  ? 6.318   -5.391  -6.887  1.00 12.23 ? 32  VAL A CG2 1 
ATOM   231  N  N   . ASN A 1 33  ? 6.219   -10.090 -6.275  1.00 10.46 ? 33  ASN A N   1 
ATOM   232  C  CA  . ASN A 1 33  ? 6.658   -11.472 -6.405  1.00 8.79  ? 33  ASN A CA  1 
ATOM   233  C  C   . ASN A 1 33  ? 7.458   -11.852 -5.153  1.00 10.72 ? 33  ASN A C   1 
ATOM   234  O  O   . ASN A 1 33  ? 8.514   -12.481 -5.229  1.00 11.00 ? 33  ASN A O   1 
ATOM   235  C  CB  . ASN A 1 33  ? 7.499   -11.654 -7.672  1.00 11.47 ? 33  ASN A CB  1 
ATOM   236  C  CG  . ASN A 1 33  ? 7.643   -13.111 -8.068  1.00 10.66 ? 33  ASN A CG  1 
ATOM   237  O  OD1 . ASN A 1 33  ? 6.993   -13.986 -7.495  1.00 11.62 ? 33  ASN A OD1 1 
ATOM   238  N  ND2 . ASN A 1 33  ? 8.477   -13.375 -9.067  1.00 13.48 ? 33  ASN A ND2 1 
ATOM   239  N  N   . ASN A 1 34  ? 6.930   -11.437 -4.003  1.00 9.47  ? 34  ASN A N   1 
ATOM   240  C  CA  . ASN A 1 34  ? 7.507   -11.705 -2.687  1.00 9.20  ? 34  ASN A CA  1 
ATOM   241  C  C   . ASN A 1 34  ? 8.869   -11.095 -2.393  1.00 10.81 ? 34  ASN A C   1 
ATOM   242  O  O   . ASN A 1 34  ? 9.535   -11.498 -1.438  1.00 11.14 ? 34  ASN A O   1 
ATOM   243  C  CB  . ASN A 1 34  ? 7.568   -13.211 -2.439  1.00 9.90  ? 34  ASN A CB  1 
ATOM   244  C  CG  . ASN A 1 34  ? 6.208   -13.862 -2.517  1.00 9.81  ? 34  ASN A CG  1 
ATOM   245  O  OD1 . ASN A 1 34  ? 5.272   -13.445 -1.835  1.00 10.56 ? 34  ASN A OD1 1 
ATOM   246  N  ND2 . ASN A 1 34  ? 6.090   -14.893 -3.344  1.00 13.26 ? 34  ASN A ND2 1 
ATOM   247  N  N   . GLU A 1 35  ? 9.273   -10.118 -3.195  1.00 9.11  ? 35  GLU A N   1 
ATOM   248  C  CA  . GLU A 1 35  ? 10.557  -9.454  -3.005  1.00 9.26  ? 35  GLU A CA  1 
ATOM   249  C  C   . GLU A 1 35  ? 10.347  -7.948  -2.924  1.00 9.31  ? 35  GLU A C   1 
ATOM   250  O  O   . GLU A 1 35  ? 9.605   -7.376  -3.720  1.00 9.15  ? 35  GLU A O   1 
ATOM   251  C  CB  . GLU A 1 35  ? 11.501  -9.785  -4.164  1.00 11.87 ? 35  GLU A CB  1 
ATOM   252  C  CG  . GLU A 1 35  ? 12.821  -9.043  -4.092  1.00 10.16 ? 35  GLU A CG  1 
ATOM   253  C  CD  . GLU A 1 35  ? 13.647  -9.413  -2.872  1.00 10.78 ? 35  GLU A CD  1 
ATOM   254  O  OE1 . GLU A 1 35  ? 14.509  -8.597  -2.487  1.00 11.78 ? 35  GLU A OE1 1 
ATOM   255  O  OE2 . GLU A 1 35  ? 13.451  -10.514 -2.314  1.00 11.57 ? 35  GLU A OE2 1 
ATOM   256  N  N   . THR A 1 36  ? 11.010  -7.304  -1.968  1.00 8.67  ? 36  THR A N   1 
ATOM   257  C  CA  . THR A 1 36  ? 10.869  -5.865  -1.789  1.00 9.43  ? 36  THR A CA  1 
ATOM   258  C  C   . THR A 1 36  ? 11.123  -5.095  -3.081  1.00 11.15 ? 36  THR A C   1 
ATOM   259  O  O   . THR A 1 36  ? 12.106  -5.342  -3.783  1.00 12.27 ? 36  THR A O   1 
ATOM   260  C  CB  . THR A 1 36  ? 11.827  -5.348  -0.701  1.00 12.90 ? 36  THR A CB  1 
ATOM   261  O  OG1 . THR A 1 36  ? 11.549  -6.016  0.536   1.00 20.16 ? 36  THR A OG1 1 
ATOM   262  C  CG2 . THR A 1 36  ? 11.646  -3.851  -0.501  1.00 11.97 ? 36  THR A CG2 1 
ATOM   263  N  N   . ALA A 1 37  ? 10.225  -4.161  -3.384  1.00 9.29  ? 37  ALA A N   1 
ATOM   264  C  CA  . ALA A 1 37  ? 10.328  -3.339  -4.585  1.00 10.25 ? 37  ALA A CA  1 
ATOM   265  C  C   . ALA A 1 37  ? 10.281  -1.851  -4.248  1.00 9.35  ? 37  ALA A C   1 
ATOM   266  O  O   . ALA A 1 37  ? 10.642  -1.008  -5.070  1.00 12.61 ? 37  ALA A O   1 
ATOM   267  C  CB  . ALA A 1 37  ? 9.205   -3.692  -5.552  1.00 11.39 ? 37  ALA A CB  1 
ATOM   268  N  N   . ALA A 1 38  ? 9.825   -1.531  -3.042  1.00 10.09 ? 38  ALA A N   1 
ATOM   269  C  CA  . ALA A 1 38  ? 9.753   -0.147  -2.599  1.00 10.05 ? 38  ALA A CA  1 
ATOM   270  C  C   . ALA A 1 38  ? 9.533   -0.097  -1.099  1.00 9.10  ? 38  ALA A C   1 
ATOM   271  O  O   . ALA A 1 38  ? 8.880   -0.969  -0.525  1.00 10.56 ? 38  ALA A O   1 
ATOM   272  C  CB  . ALA A 1 38  ? 8.620   0.583   -3.316  1.00 12.42 ? 38  ALA A CB  1 
ATOM   273  N  N   . THR A 1 39  ? 10.095  0.924   -0.462  1.00 10.17 ? 39  THR A N   1 
ATOM   274  C  CA  . THR A 1 39  ? 9.932   1.098   0.972   1.00 9.97  ? 39  THR A CA  1 
ATOM   275  C  C   . THR A 1 39  ? 9.782   2.582   1.261   1.00 9.87  ? 39  THR A C   1 
ATOM   276  O  O   . THR A 1 39  ? 10.623  3.386   0.854   1.00 12.15 ? 39  THR A O   1 
ATOM   277  C  CB  . THR A 1 39  ? 11.150  0.571   1.763   1.00 11.29 ? 39  THR A CB  1 
ATOM   278  O  OG1 . THR A 1 39  ? 11.375  -0.808  1.444   1.00 13.00 ? 39  THR A OG1 1 
ATOM   279  C  CG2 . THR A 1 39  ? 10.903  0.702   3.267   1.00 12.77 ? 39  THR A CG2 1 
ATOM   280  N  N   . PHE A 1 40  ? 8.699   2.947   1.941   1.00 8.98  ? 40  PHE A N   1 
ATOM   281  C  CA  . PHE A 1 40  ? 8.469   4.339   2.301   1.00 9.86  ? 40  PHE A CA  1 
ATOM   282  C  C   . PHE A 1 40  ? 8.481   4.440   3.816   1.00 10.84 ? 40  PHE A C   1 
ATOM   283  O  O   . PHE A 1 40  ? 7.994   3.550   4.507   1.00 12.89 ? 40  PHE A O   1 
ATOM   284  C  CB  . PHE A 1 40  ? 7.112   4.846   1.802   1.00 10.58 ? 40  PHE A CB  1 
ATOM   285  C  CG  . PHE A 1 40  ? 6.877   4.648   0.335   1.00 11.31 ? 40  PHE A CG  1 
ATOM   286  C  CD1 . PHE A 1 40  ? 7.871   4.926   -0.595  1.00 13.46 ? 40  PHE A CD1 1 
ATOM   287  C  CD2 . PHE A 1 40  ? 5.627   4.241   -0.122  1.00 15.88 ? 40  PHE A CD2 1 
ATOM   288  C  CE1 . PHE A 1 40  ? 7.624   4.803   -1.958  1.00 13.15 ? 40  PHE A CE1 1 
ATOM   289  C  CE2 . PHE A 1 40  ? 5.369   4.119   -1.481  1.00 16.70 ? 40  PHE A CE2 1 
ATOM   290  C  CZ  . PHE A 1 40  ? 6.370   4.400   -2.401  1.00 13.15 ? 40  PHE A CZ  1 
ATOM   291  N  N   . SER A 1 41  ? 9.040   5.528   4.328   1.00 11.75 ? 41  SER A N   1 
ATOM   292  C  CA  . SER A 1 41  ? 9.096   5.753   5.763   1.00 11.65 ? 41  SER A CA  1 
ATOM   293  C  C   . SER A 1 41  ? 8.802   7.221   6.021   1.00 11.04 ? 41  SER A C   1 
ATOM   294  O  O   . SER A 1 41  ? 9.355   8.096   5.357   1.00 14.84 ? 41  SER A O   1 
ATOM   295  C  CB  . SER A 1 41  ? 10.479  5.398   6.308   1.00 13.36 ? 41  SER A CB  1 
ATOM   296  O  OG  . SER A 1 41  ? 10.523  5.564   7.715   1.00 20.69 ? 41  SER A OG  1 
ATOM   297  N  N   . GLY A 1 42  ? 7.921   7.493   6.978   1.00 9.57  ? 42  GLY A N   1 
ATOM   298  C  CA  . GLY A 1 42  ? 7.588   8.870   7.283   1.00 10.49 ? 42  GLY A CA  1 
ATOM   299  C  C   . GLY A 1 42  ? 6.631   8.985   8.449   1.00 9.44  ? 42  GLY A C   1 
ATOM   300  O  O   . GLY A 1 42  ? 6.097   7.984   8.926   1.00 11.52 ? 42  GLY A O   1 
ATOM   301  N  N   . GLN A 1 43  ? 6.415   10.214  8.907   1.00 9.52  ? 43  GLN A N   1 
ATOM   302  C  CA  . GLN A 1 43  ? 5.518   10.471  10.025  1.00 9.68  ? 43  GLN A CA  1 
ATOM   303  C  C   . GLN A 1 43  ? 4.712   11.730  9.755   1.00 10.57 ? 43  GLN A C   1 
ATOM   304  O  O   . GLN A 1 43  ? 5.246   12.747  9.312   1.00 11.59 ? 43  GLN A O   1 
ATOM   305  C  CB  . GLN A 1 43  ? 6.327   10.619  11.319  1.00 10.31 ? 43  GLN A CB  1 
ATOM   306  C  CG  . GLN A 1 43  ? 5.524   10.810  12.612  1.00 11.04 ? 43  GLN A CG  1 
ATOM   307  C  CD  . GLN A 1 43  ? 4.845   12.164  12.712  1.00 11.13 ? 43  GLN A CD  1 
ATOM   308  O  OE1 . GLN A 1 43  ? 5.463   13.199  12.455  1.00 12.93 ? 43  GLN A OE1 1 
ATOM   309  N  NE2 . GLN A 1 43  ? 3.581   12.169  13.116  1.00 11.75 ? 43  GLN A NE2 1 
ATOM   310  N  N   . SER A 1 44  ? 3.416   11.641  10.018  1.00 10.23 ? 44  SER A N   1 
ATOM   311  C  CA  . SER A 1 44  ? 2.505   12.758  9.830   1.00 8.39  ? 44  SER A CA  1 
ATOM   312  C  C   . SER A 1 44  ? 1.170   12.434  10.475  1.00 11.61 ? 44  SER A C   1 
ATOM   313  O  O   . SER A 1 44  ? 0.778   11.272  10.563  1.00 9.81  ? 44  SER A O   1 
ATOM   314  C  CB  . SER A 1 44  ? 2.277   13.026  8.338   1.00 10.51 ? 44  SER A CB  1 
ATOM   315  O  OG  . SER A 1 44  ? 1.304   14.044  8.142   1.00 11.11 ? 44  SER A OG  1 
ATOM   316  N  N   . THR A 1 45  ? 0.490   13.466  10.956  1.00 10.81 ? 45  THR A N   1 
ATOM   317  C  CA  . THR A 1 45  ? -0.836  13.300  11.532  1.00 10.31 ? 45  THR A CA  1 
ATOM   318  C  C   . THR A 1 45  ? -1.768  14.168  10.697  1.00 11.34 ? 45  THR A C   1 
ATOM   319  O  O   . THR A 1 45  ? -2.900  14.442  11.092  1.00 13.18 ? 45  THR A O   1 
ATOM   320  C  CB  . THR A 1 45  ? -0.908  13.739  13.018  1.00 12.86 ? 45  THR A CB  1 
ATOM   321  O  OG1 . THR A 1 45  ? -0.269  15.010  13.180  1.00 14.14 ? 45  THR A OG1 1 
ATOM   322  C  CG2 . THR A 1 45  ? -0.250  12.703  13.919  1.00 11.74 ? 45  THR A CG2 1 
ATOM   323  N  N   . ASN A 1 46  ? -1.272  14.584  9.532   1.00 10.51 ? 46  ASN A N   1 
ATOM   324  C  CA  . ASN A 1 46  ? -2.031  15.428  8.612   1.00 11.24 ? 46  ASN A CA  1 
ATOM   325  C  C   . ASN A 1 46  ? -2.094  14.884  7.185   1.00 10.15 ? 46  ASN A C   1 
ATOM   326  O  O   . ASN A 1 46  ? -2.148  15.640  6.216   1.00 11.21 ? 46  ASN A O   1 
ATOM   327  C  CB  . ASN A 1 46  ? -1.462  16.849  8.600   1.00 14.61 ? 46  ASN A CB  1 
ATOM   328  C  CG  . ASN A 1 46  ? -1.655  17.564  9.924   1.00 25.10 ? 46  ASN A CG  1 
ATOM   329  O  OD1 . ASN A 1 46  ? -2.779  17.690  10.413  1.00 24.53 ? 46  ASN A OD1 1 
ATOM   330  N  ND2 . ASN A 1 46  ? -0.561  18.043  10.506  1.00 32.64 ? 46  ASN A ND2 1 
ATOM   331  N  N   . ASN A 1 47  ? -2.066  13.562  7.064   1.00 8.37  ? 47  ASN A N   1 
ATOM   332  C  CA  . ASN A 1 47  ? -2.181  12.895  5.772   1.00 9.76  ? 47  ASN A CA  1 
ATOM   333  C  C   . ASN A 1 47  ? -1.084  13.223  4.759   1.00 9.36  ? 47  ASN A C   1 
ATOM   334  O  O   . ASN A 1 47  ? -1.308  13.179  3.549   1.00 10.78 ? 47  ASN A O   1 
ATOM   335  C  CB  . ASN A 1 47  ? -3.557  13.218  5.175   1.00 9.89  ? 47  ASN A CB  1 
ATOM   336  C  CG  . ASN A 1 47  ? -4.022  12.170  4.190   1.00 8.85  ? 47  ASN A CG  1 
ATOM   337  O  OD1 . ASN A 1 47  ? -4.056  10.987  4.513   1.00 9.30  ? 47  ASN A OD1 1 
ATOM   338  N  ND2 . ASN A 1 47  ? -4.404  12.599  2.991   1.00 9.86  ? 47  ASN A ND2 1 
ATOM   339  N  N   . ALA A 1 48  ? 0.110   13.543  5.241   1.00 8.29  ? 48  ALA A N   1 
ATOM   340  C  CA  . ALA A 1 48  ? 1.199   13.852  4.326   1.00 7.91  ? 48  ALA A CA  1 
ATOM   341  C  C   . ALA A 1 48  ? 1.593   12.630  3.501   1.00 10.13 ? 48  ALA A C   1 
ATOM   342  O  O   . ALA A 1 48  ? 1.516   11.491  3.972   1.00 11.02 ? 48  ALA A O   1 
ATOM   343  C  CB  . ALA A 1 48  ? 2.409   14.357  5.105   1.00 12.42 ? 48  ALA A CB  1 
ATOM   344  N  N   . VAL A 1 49  ? 2.003   12.869  2.262   1.00 9.96  ? 49  VAL A N   1 
ATOM   345  C  CA  . VAL A 1 49  ? 2.449   11.794  1.391   1.00 9.12  ? 49  VAL A CA  1 
ATOM   346  C  C   . VAL A 1 49  ? 3.860   11.435  1.847   1.00 12.57 ? 49  VAL A C   1 
ATOM   347  O  O   . VAL A 1 49  ? 4.775   12.257  1.754   1.00 14.08 ? 49  VAL A O   1 
ATOM   348  C  CB  . VAL A 1 49  ? 2.496   12.248  -0.083  1.00 10.06 ? 49  VAL A CB  1 
ATOM   349  C  CG1 . VAL A 1 49  ? 3.057   11.133  -0.953  1.00 13.73 ? 49  VAL A CG1 1 
ATOM   350  C  CG2 . VAL A 1 49  ? 1.098   12.637  -0.550  1.00 12.41 ? 49  VAL A CG2 1 
ATOM   351  N  N   . ILE A 1 50  ? 4.039   10.220  2.358   1.00 9.40  ? 50  ILE A N   1 
ATOM   352  C  CA  . ILE A 1 50  ? 5.363   9.808   2.818   1.00 10.18 ? 50  ILE A CA  1 
ATOM   353  C  C   . ILE A 1 50  ? 6.136   9.079   1.730   1.00 12.19 ? 50  ILE A C   1 
ATOM   354  O  O   . ILE A 1 50  ? 7.293   8.707   1.920   1.00 12.26 ? 50  ILE A O   1 
ATOM   355  C  CB  . ILE A 1 50  ? 5.288   8.913   4.081   1.00 9.94  ? 50  ILE A CB  1 
ATOM   356  C  CG1 . ILE A 1 50  ? 4.495   7.634   3.798   1.00 11.52 ? 50  ILE A CG1 1 
ATOM   357  C  CG2 . ILE A 1 50  ? 4.665   9.698   5.223   1.00 11.46 ? 50  ILE A CG2 1 
ATOM   358  C  CD1 . ILE A 1 50  ? 4.507   6.654   4.963   1.00 14.68 ? 50  ILE A CD1 1 
ATOM   359  N  N   . GLY A 1 51  ? 5.493   8.884   0.586   1.00 9.99  ? 51  GLY A N   1 
ATOM   360  C  CA  . GLY A 1 51  ? 6.154   8.221   -0.519  1.00 10.85 ? 51  GLY A CA  1 
ATOM   361  C  C   . GLY A 1 51  ? 5.231   7.937   -1.684  1.00 9.45  ? 51  GLY A C   1 
ATOM   362  O  O   . GLY A 1 51  ? 4.031   7.759   -1.512  1.00 10.48 ? 51  GLY A O   1 
ATOM   363  N  N   . THR A 1 52  ? 5.800   7.922   -2.882  1.00 9.40  ? 52  THR A N   1 
ATOM   364  C  CA  . THR A 1 52  ? 5.051   7.617   -4.093  1.00 9.95  ? 52  THR A CA  1 
ATOM   365  C  C   . THR A 1 52  ? 6.081   7.114   -5.092  1.00 10.33 ? 52  THR A C   1 
ATOM   366  O  O   . THR A 1 52  ? 7.201   7.631   -5.156  1.00 11.66 ? 52  THR A O   1 
ATOM   367  C  CB  . THR A 1 52  ? 4.308   8.851   -4.646  1.00 10.13 ? 52  THR A CB  1 
ATOM   368  O  OG1 . THR A 1 52  ? 3.462   8.444   -5.729  1.00 11.70 ? 52  THR A OG1 1 
ATOM   369  C  CG2 . THR A 1 52  ? 5.289   9.900   -5.142  1.00 15.51 ? 52  THR A CG2 1 
ATOM   370  N  N   . GLN A 1 53  ? 5.720   6.099   -5.869  1.00 9.64  ? 53  GLN A N   1 
ATOM   371  C  CA  . GLN A 1 53  ? 6.676   5.532   -6.800  1.00 8.76  ? 53  GLN A CA  1 
ATOM   372  C  C   . GLN A 1 53  ? 5.966   4.700   -7.855  1.00 10.51 ? 53  GLN A C   1 
ATOM   373  O  O   . GLN A 1 53  ? 4.845   4.231   -7.638  1.00 10.16 ? 53  GLN A O   1 
ATOM   374  C  CB  . GLN A 1 53  ? 7.647   4.652   -6.003  1.00 11.19 ? 53  GLN A CB  1 
ATOM   375  C  CG  . GLN A 1 53  ? 8.938   4.270   -6.698  1.00 14.37 ? 53  GLN A CG  1 
ATOM   376  C  CD  . GLN A 1 53  ? 9.855   3.474   -5.783  1.00 17.63 ? 53  GLN A CD  1 
ATOM   377  O  OE1 . GLN A 1 53  ? 10.068  3.846   -4.626  1.00 16.93 ? 53  GLN A OE1 1 
ATOM   378  N  NE2 . GLN A 1 53  ? 10.413  2.384   -6.300  1.00 19.20 ? 53  GLN A NE2 1 
ATOM   379  N  N   . VAL A 1 54  ? 6.621   4.531   -8.998  1.00 10.22 ? 54  VAL A N   1 
ATOM   380  C  CA  . VAL A 1 54  ? 6.082   3.729   -10.087 1.00 10.11 ? 54  VAL A CA  1 
ATOM   381  C  C   . VAL A 1 54  ? 6.831   2.400   -10.092 1.00 10.61 ? 54  VAL A C   1 
ATOM   382  O  O   . VAL A 1 54  ? 8.062   2.371   -10.090 1.00 11.76 ? 54  VAL A O   1 
ATOM   383  C  CB  . VAL A 1 54  ? 6.270   4.430   -11.449 1.00 9.61  ? 54  VAL A CB  1 
ATOM   384  C  CG1 . VAL A 1 54  ? 5.795   3.519   -12.574 1.00 14.68 ? 54  VAL A CG1 1 
ATOM   385  C  CG2 . VAL A 1 54  ? 5.490   5.737   -11.470 1.00 12.49 ? 54  VAL A CG2 1 
ATOM   386  N  N   . LEU A 1 55  ? 6.084   1.303   -10.082 1.00 10.30 ? 55  LEU A N   1 
ATOM   387  C  CA  . LEU A 1 55  ? 6.676   -0.027  -10.087 1.00 9.15  ? 55  LEU A CA  1 
ATOM   388  C  C   . LEU A 1 55  ? 6.093   -0.848  -11.225 1.00 12.15 ? 55  LEU A C   1 
ATOM   389  O  O   . LEU A 1 55  ? 5.167   -0.410  -11.911 1.00 11.52 ? 55  LEU A O   1 
ATOM   390  C  CB  . LEU A 1 55  ? 6.395   -0.741  -8.760  1.00 11.19 ? 55  LEU A CB  1 
ATOM   391  C  CG  . LEU A 1 55  ? 6.964   -0.122  -7.482  1.00 11.62 ? 55  LEU A CG  1 
ATOM   392  C  CD1 . LEU A 1 55  ? 6.470   -0.899  -6.274  1.00 11.09 ? 55  LEU A CD1 1 
ATOM   393  C  CD2 . LEU A 1 55  ? 8.482   -0.125  -7.538  1.00 16.92 ? 55  LEU A CD2 1 
ATOM   394  N  N   . ASN A 1 56  ? 6.640   -2.043  -11.420 1.00 12.28 ? 56  ASN A N   1 
ATOM   395  C  CA  . ASN A 1 56  ? 6.159   -2.941  -12.460 1.00 9.76  ? 56  ASN A CA  1 
ATOM   396  C  C   . ASN A 1 56  ? 5.741   -4.233  -11.770 1.00 9.76  ? 56  ASN A C   1 
ATOM   397  O  O   . ASN A 1 56  ? 6.493   -4.785  -10.967 1.00 12.64 ? 56  ASN A O   1 
ATOM   398  C  CB  . ASN A 1 56  ? 7.263   -3.213  -13.484 1.00 11.44 ? 56  ASN A CB  1 
ATOM   399  C  CG  . ASN A 1 56  ? 6.751   -3.948  -14.706 1.00 16.95 ? 56  ASN A CG  1 
ATOM   400  O  OD1 . ASN A 1 56  ? 6.264   -5.073  -14.612 1.00 14.06 ? 56  ASN A OD1 1 
ATOM   401  N  ND2 . ASN A 1 56  ? 6.851   -3.306  -15.865 1.00 16.32 ? 56  ASN A ND2 1 
ATOM   402  N  N   . SER A 1 57  ? 4.542   -4.715  -12.082 1.00 9.76  ? 57  SER A N   1 
ATOM   403  C  CA  . SER A 1 57  ? 4.026   -5.926  -11.454 1.00 10.27 ? 57  SER A CA  1 
ATOM   404  C  C   . SER A 1 57  ? 4.818   -7.192  -11.768 1.00 9.70  ? 57  SER A C   1 
ATOM   405  O  O   . SER A 1 57  ? 4.665   -8.207  -11.090 1.00 9.98  ? 57  SER A O   1 
ATOM   406  C  CB  . SER A 1 57  ? 2.559   -6.133  -11.834 1.00 10.55 ? 57  SER A CB  1 
ATOM   407  O  OG  . SER A 1 57  ? 2.422   -6.385  -13.219 1.00 11.23 ? 57  SER A OG  1 
ATOM   408  N  N   . GLY A 1 58  ? 5.652   -7.140  -12.801 1.00 11.67 ? 58  GLY A N   1 
ATOM   409  C  CA  . GLY A 1 58  ? 6.463   -8.296  -13.148 1.00 11.89 ? 58  GLY A CA  1 
ATOM   410  C  C   . GLY A 1 58  ? 5.714   -9.502  -13.686 1.00 10.76 ? 58  GLY A C   1 
ATOM   411  O  O   . GLY A 1 58  ? 4.517   -9.445  -13.960 1.00 13.09 ? 58  GLY A O   1 
ATOM   412  N  N   . SER A 1 59  ? 6.431   -10.612 -13.819 1.00 12.08 ? 59  SER A N   1 
ATOM   413  C  CA  . SER A 1 59  ? 5.860   -11.842 -14.353 1.00 12.12 ? 59  SER A CA  1 
ATOM   414  C  C   . SER A 1 59  ? 4.756   -12.471 -13.512 1.00 10.58 ? 59  SER A C   1 
ATOM   415  O  O   . SER A 1 59  ? 3.855   -13.108 -14.056 1.00 12.41 ? 59  SER A O   1 
ATOM   416  C  CB  . SER A 1 59  ? 6.968   -12.877 -14.564 1.00 12.18 ? 59  SER A CB  1 
ATOM   417  O  OG  . SER A 1 59  ? 7.609   -13.182 -13.336 1.00 15.90 ? 59  SER A OG  1 
ATOM   418  N  N   . SER A 1 60  ? 4.815   -12.291 -12.195 1.00 10.52 ? 60  SER A N   1 
ATOM   419  C  CA  . SER A 1 60  ? 3.821   -12.891 -11.307 1.00 10.94 ? 60  SER A CA  1 
ATOM   420  C  C   . SER A 1 60  ? 2.583   -12.035 -11.082 1.00 9.82  ? 60  SER A C   1 
ATOM   421  O  O   . SER A 1 60  ? 1.498   -12.559 -10.820 1.00 12.85 ? 60  SER A O   1 
ATOM   422  C  CB  . SER A 1 60  ? 4.439   -13.185 -9.940  1.00 10.69 ? 60  SER A CB  1 
ATOM   423  O  OG  . SER A 1 60  ? 4.584   -11.989 -9.187  1.00 10.11 ? 60  SER A OG  1 
ATOM   424  N  N   . GLY A 1 61  ? 2.758   -10.720 -11.155 1.00 11.79 ? 61  GLY A N   1 
ATOM   425  C  CA  . GLY A 1 61  ? 1.651   -9.813  -10.919 1.00 10.97 ? 61  GLY A CA  1 
ATOM   426  C  C   . GLY A 1 61  ? 1.303   -9.720  -9.441  1.00 8.58  ? 61  GLY A C   1 
ATOM   427  O  O   . GLY A 1 61  ? 0.396   -8.978  -9.064  1.00 8.95  ? 61  GLY A O   1 
ATOM   428  N  N   . LYS A 1 62  ? 2.018   -10.459 -8.596  1.00 9.28  ? 62  LYS A N   1 
ATOM   429  C  CA  . LYS A 1 62  ? 1.729   -10.430 -7.165  1.00 8.30  ? 62  LYS A CA  1 
ATOM   430  C  C   . LYS A 1 62  ? 2.324   -9.214  -6.477  1.00 8.23  ? 62  LYS A C   1 
ATOM   431  O  O   . LYS A 1 62  ? 3.533   -8.993  -6.512  1.00 9.86  ? 62  LYS A O   1 
ATOM   432  C  CB  . LYS A 1 62  ? 2.247   -11.688 -6.465  1.00 8.98  ? 62  LYS A CB  1 
ATOM   433  C  CG  . LYS A 1 62  ? 1.864   -11.732 -4.987  1.00 10.81 ? 62  LYS A CG  1 
ATOM   434  C  CD  . LYS A 1 62  ? 2.423   -12.944 -4.266  1.00 10.58 ? 62  LYS A CD  1 
ATOM   435  C  CE  . LYS A 1 62  ? 1.978   -12.948 -2.808  1.00 10.28 ? 62  LYS A CE  1 
ATOM   436  N  NZ  . LYS A 1 62  ? 2.557   -14.090 -2.045  1.00 12.63 ? 62  LYS A NZ  1 
ATOM   437  N  N   . VAL A 1 63  ? 1.460   -8.430  -5.845  1.00 9.23  ? 63  VAL A N   1 
ATOM   438  C  CA  . VAL A 1 63  ? 1.889   -7.241  -5.123  1.00 8.38  ? 63  VAL A CA  1 
ATOM   439  C  C   . VAL A 1 63  ? 1.339   -7.316  -3.707  1.00 9.85  ? 63  VAL A C   1 
ATOM   440  O  O   . VAL A 1 63  ? 0.149   -7.561  -3.504  1.00 10.90 ? 63  VAL A O   1 
ATOM   441  C  CB  . VAL A 1 63  ? 1.368   -5.952  -5.796  1.00 9.51  ? 63  VAL A CB  1 
ATOM   442  C  CG1 . VAL A 1 63  ? 1.844   -4.731  -5.019  1.00 12.43 ? 63  VAL A CG1 1 
ATOM   443  C  CG2 . VAL A 1 63  ? 1.851   -5.886  -7.239  1.00 10.08 ? 63  VAL A CG2 1 
ATOM   444  N  N   . GLN A 1 64  ? 2.211   -7.126  -2.725  1.00 8.03  ? 64  GLN A N   1 
ATOM   445  C  CA  . GLN A 1 64  ? 1.786   -7.160  -1.333  1.00 8.05  ? 64  GLN A CA  1 
ATOM   446  C  C   . GLN A 1 64  ? 2.299   -5.954  -0.565  1.00 7.91  ? 64  GLN A C   1 
ATOM   447  O  O   . GLN A 1 64  ? 3.474   -5.588  -0.657  1.00 9.83  ? 64  GLN A O   1 
ATOM   448  C  CB  . GLN A 1 64  ? 2.241   -8.460  -0.656  1.00 8.64  ? 64  GLN A CB  1 
ATOM   449  C  CG  . GLN A 1 64  ? 2.046   -8.478  0.861   1.00 9.58  ? 64  GLN A CG  1 
ATOM   450  C  CD  . GLN A 1 64  ? 2.139   -9.874  1.449   1.00 9.38  ? 64  GLN A CD  1 
ATOM   451  O  OE1 . GLN A 1 64  ? 2.800   -10.750 0.895   1.00 12.27 ? 64  GLN A OE1 1 
ATOM   452  N  NE2 . GLN A 1 64  ? 1.494   -10.080 2.588   1.00 11.78 ? 64  GLN A NE2 1 
ATOM   453  N  N   . VAL A 1 65  ? 1.396   -5.328  0.178   1.00 8.09  ? 65  VAL A N   1 
ATOM   454  C  CA  . VAL A 1 65  ? 1.719   -4.161  0.979   1.00 8.16  ? 65  VAL A CA  1 
ATOM   455  C  C   . VAL A 1 65  ? 1.818   -4.551  2.447   1.00 9.28  ? 65  VAL A C   1 
ATOM   456  O  O   . VAL A 1 65  ? 0.933   -5.220  2.981   1.00 12.11 ? 65  VAL A O   1 
ATOM   457  C  CB  . VAL A 1 65  ? 0.638   -3.074  0.829   1.00 8.18  ? 65  VAL A CB  1 
ATOM   458  C  CG1 . VAL A 1 65  ? 0.940   -1.900  1.755   1.00 10.37 ? 65  VAL A CG1 1 
ATOM   459  C  CG2 . VAL A 1 65  ? 0.569   -2.610  -0.613  1.00 10.25 ? 65  VAL A CG2 1 
ATOM   460  N  N   . GLN A 1 66  ? 2.907   -4.136  3.083   1.00 10.17 ? 66  GLN A N   1 
ATOM   461  C  CA  . GLN A 1 66  ? 3.149   -4.406  4.492   1.00 13.25 ? 66  GLN A CA  1 
ATOM   462  C  C   . GLN A 1 66  ? 3.307   -3.062  5.187   1.00 10.08 ? 66  GLN A C   1 
ATOM   463  O  O   . GLN A 1 66  ? 3.896   -2.141  4.627   1.00 11.11 ? 66  GLN A O   1 
ATOM   464  C  CB  . GLN A 1 66  ? 4.445   -5.197  4.675   1.00 16.83 ? 66  GLN A CB  1 
ATOM   465  C  CG  . GLN A 1 66  ? 4.494   -6.533  3.964   1.00 22.73 ? 66  GLN A CG  1 
ATOM   466  C  CD  . GLN A 1 66  ? 5.817   -7.243  4.177   1.00 29.17 ? 66  GLN A CD  1 
ATOM   467  O  OE1 . GLN A 1 66  ? 6.870   -6.759  3.757   1.00 20.10 ? 66  GLN A OE1 1 
ATOM   468  N  NE2 . GLN A 1 66  ? 5.769   -8.391  4.841   1.00 28.19 ? 66  GLN A NE2 1 
ATOM   469  N  N   . VAL A 1 67  ? 2.771   -2.945  6.397   1.00 10.08 ? 67  VAL A N   1 
ATOM   470  C  CA  . VAL A 1 67  ? 2.899   -1.710  7.160   1.00 9.59  ? 67  VAL A CA  1 
ATOM   471  C  C   . VAL A 1 67  ? 3.292   -2.055  8.582   1.00 8.87  ? 67  VAL A C   1 
ATOM   472  O  O   . VAL A 1 67  ? 2.696   -2.935  9.201   1.00 10.14 ? 67  VAL A O   1 
ATOM   473  C  CB  . VAL A 1 67  ? 1.582   -0.906  7.216   1.00 9.10  ? 67  VAL A CB  1 
ATOM   474  C  CG1 . VAL A 1 67  ? 1.798   0.380   8.009   1.00 11.89 ? 67  VAL A CG1 1 
ATOM   475  C  CG2 . VAL A 1 67  ? 1.098   -0.593  5.811   1.00 10.91 ? 67  VAL A CG2 1 
ATOM   476  N  N   . SER A 1 68  ? 4.303   -1.367  9.094   1.00 9.04  ? 68  SER A N   1 
ATOM   477  C  CA  . SER A 1 68  ? 4.761   -1.603  10.455  1.00 11.80 ? 68  SER A CA  1 
ATOM   478  C  C   . SER A 1 68  ? 5.197   -0.301  11.106  1.00 8.88  ? 68  SER A C   1 
ATOM   479  O  O   . SER A 1 68  ? 5.547   0.665   10.425  1.00 11.14 ? 68  SER A O   1 
ATOM   480  C  CB  . SER A 1 68  ? 5.933   -2.587  10.462  1.00 14.67 ? 68  SER A CB  1 
ATOM   481  O  OG  . SER A 1 68  ? 7.038   -2.061  9.749   1.00 18.85 ? 68  SER A OG  1 
ATOM   482  N  N   . VAL A 1 69  ? 5.157   -0.287  12.432  1.00 9.05  ? 69  VAL A N   1 
ATOM   483  C  CA  . VAL A 1 69  ? 5.573   0.865   13.214  1.00 9.74  ? 69  VAL A CA  1 
ATOM   484  C  C   . VAL A 1 69  ? 6.573   0.336   14.229  1.00 11.17 ? 69  VAL A C   1 
ATOM   485  O  O   . VAL A 1 69  ? 6.248   -0.534  15.041  1.00 10.74 ? 69  VAL A O   1 
ATOM   486  C  CB  . VAL A 1 69  ? 4.386   1.520   13.951  1.00 10.65 ? 69  VAL A CB  1 
ATOM   487  C  CG1 . VAL A 1 69  ? 4.888   2.662   14.833  1.00 10.22 ? 69  VAL A CG1 1 
ATOM   488  C  CG2 . VAL A 1 69  ? 3.377   2.045   12.938  1.00 10.72 ? 69  VAL A CG2 1 
ATOM   489  N  N   . ASN A 1 70  ? 7.796   0.845   14.157  1.00 11.45 ? 70  ASN A N   1 
ATOM   490  C  CA  . ASN A 1 70  ? 8.866   0.421   15.051  1.00 12.86 ? 70  ASN A CA  1 
ATOM   491  C  C   . ASN A 1 70  ? 9.058   -1.094  14.993  1.00 13.30 ? 70  ASN A C   1 
ATOM   492  O  O   . ASN A 1 70  ? 9.323   -1.738  16.010  1.00 14.95 ? 70  ASN A O   1 
ATOM   493  C  CB  . ASN A 1 70  ? 8.573   0.866   16.487  1.00 14.28 ? 70  ASN A CB  1 
ATOM   494  C  CG  . ASN A 1 70  ? 8.325   2.358   16.592  1.00 21.29 ? 70  ASN A CG  1 
ATOM   495  O  OD1 . ASN A 1 70  ? 9.062   3.160   16.019  1.00 17.38 ? 70  ASN A OD1 1 
ATOM   496  N  ND2 . ASN A 1 70  ? 7.295   2.738   17.337  1.00 26.39 ? 70  ASN A ND2 1 
ATOM   497  N  N   . GLY A 1 71  ? 8.909   -1.658  13.795  1.00 10.40 ? 71  GLY A N   1 
ATOM   498  C  CA  . GLY A 1 71  ? 9.098   -3.086  13.612  1.00 13.09 ? 71  GLY A CA  1 
ATOM   499  C  C   . GLY A 1 71  ? 7.894   -3.963  13.899  1.00 13.62 ? 71  GLY A C   1 
ATOM   500  O  O   . GLY A 1 71  ? 7.938   -5.173  13.669  1.00 16.79 ? 71  GLY A O   1 
ATOM   501  N  N   . ARG A 1 72  ? 6.820   -3.364  14.401  1.00 12.78 ? 72  ARG A N   1 
ATOM   502  C  CA  . ARG A 1 72  ? 5.611   -4.115  14.721  1.00 13.13 ? 72  ARG A CA  1 
ATOM   503  C  C   . ARG A 1 72  ? 4.586   -4.004  13.604  1.00 12.02 ? 72  ARG A C   1 
ATOM   504  O  O   . ARG A 1 72  ? 4.173   -2.907  13.235  1.00 11.81 ? 72  ARG A O   1 
ATOM   505  C  CB  . ARG A 1 72  ? 5.000   -3.591  16.019  1.00 14.40 ? 72  ARG A CB  1 
ATOM   506  C  CG  . ARG A 1 72  ? 5.939   -3.660  17.204  1.00 20.43 ? 72  ARG A CG  1 
ATOM   507  C  CD  . ARG A 1 72  ? 5.293   -3.082  18.447  1.00 31.55 ? 72  ARG A CD  1 
ATOM   508  N  NE  . ARG A 1 72  ? 6.200   -3.105  19.589  1.00 39.68 ? 72  ARG A NE  1 
ATOM   509  C  CZ  . ARG A 1 72  ? 5.899   -2.625  20.791  1.00 36.93 ? 72  ARG A CZ  1 
ATOM   510  N  NH1 . ARG A 1 72  ? 4.708   -2.084  21.013  1.00 38.52 ? 72  ARG A NH1 1 
ATOM   511  N  NH2 . ARG A 1 72  ? 6.789   -2.686  21.772  1.00 38.12 ? 72  ARG A NH2 1 
ATOM   512  N  N   . PRO A 1 73  ? 4.160   -5.146  13.047  1.00 11.02 ? 73  PRO A N   1 
ATOM   513  C  CA  . PRO A 1 73  ? 3.172   -5.144  11.965  1.00 12.20 ? 73  PRO A CA  1 
ATOM   514  C  C   . PRO A 1 73  ? 1.830   -4.545  12.382  1.00 9.72  ? 73  PRO A C   1 
ATOM   515  O  O   . PRO A 1 73  ? 1.298   -4.869  13.446  1.00 12.46 ? 73  PRO A O   1 
ATOM   516  C  CB  . PRO A 1 73  ? 3.051   -6.629  11.620  1.00 10.88 ? 73  PRO A CB  1 
ATOM   517  C  CG  . PRO A 1 73  ? 4.431   -7.164  11.981  1.00 15.99 ? 73  PRO A CG  1 
ATOM   518  C  CD  . PRO A 1 73  ? 4.571   -6.529  13.342  1.00 13.60 ? 73  PRO A CD  1 
ATOM   519  N  N   . SER A 1 74  ? 1.294   -3.662  11.544  1.00 9.29  ? 74  SER A N   1 
ATOM   520  C  CA  . SER A 1 74  ? -0.005  -3.055  11.811  1.00 8.06  ? 74  SER A CA  1 
ATOM   521  C  C   . SER A 1 74  ? -1.066  -3.988  11.240  1.00 9.37  ? 74  SER A C   1 
ATOM   522  O  O   . SER A 1 74  ? -0.770  -4.820  10.380  1.00 10.20 ? 74  SER A O   1 
ATOM   523  C  CB  . SER A 1 74  ? -0.120  -1.693  11.122  1.00 10.65 ? 74  SER A CB  1 
ATOM   524  O  OG  . SER A 1 74  ? 0.825   -0.770  11.628  1.00 10.29 ? 74  SER A OG  1 
ATOM   525  N  N   . ASP A 1 75  ? -2.297  -3.858  11.723  1.00 9.48  ? 75  ASP A N   1 
ATOM   526  C  CA  . ASP A 1 75  ? -3.386  -4.683  11.216  1.00 9.09  ? 75  ASP A CA  1 
ATOM   527  C  C   . ASP A 1 75  ? -3.890  -4.007  9.943   1.00 8.81  ? 75  ASP A C   1 
ATOM   528  O  O   . ASP A 1 75  ? -4.160  -2.808  9.934   1.00 10.32 ? 75  ASP A O   1 
ATOM   529  C  CB  . ASP A 1 75  ? -4.506  -4.786  12.250  1.00 10.34 ? 75  ASP A CB  1 
ATOM   530  C  CG  . ASP A 1 75  ? -5.607  -5.728  11.815  1.00 9.81  ? 75  ASP A CG  1 
ATOM   531  O  OD1 . ASP A 1 75  ? -5.290  -6.895  11.498  1.00 12.44 ? 75  ASP A OD1 1 
ATOM   532  O  OD2 . ASP A 1 75  ? -6.781  -5.305  11.796  1.00 11.88 ? 75  ASP A OD2 1 
ATOM   533  N  N   . LEU A 1 76  ? -4.019  -4.781  8.874   1.00 9.13  ? 76  LEU A N   1 
ATOM   534  C  CA  . LEU A 1 76  ? -4.436  -4.230  7.590   1.00 8.66  ? 76  LEU A CA  1 
ATOM   535  C  C   . LEU A 1 76  ? -5.867  -4.514  7.151   1.00 8.32  ? 76  LEU A C   1 
ATOM   536  O  O   . LEU A 1 76  ? -6.474  -5.505  7.546   1.00 9.65  ? 76  LEU A O   1 
ATOM   537  C  CB  . LEU A 1 76  ? -3.504  -4.751  6.491   1.00 9.37  ? 76  LEU A CB  1 
ATOM   538  C  CG  . LEU A 1 76  ? -1.992  -4.620  6.677   1.00 10.18 ? 76  LEU A CG  1 
ATOM   539  C  CD1 . LEU A 1 76  ? -1.285  -5.255  5.488   1.00 10.29 ? 76  LEU A CD1 1 
ATOM   540  C  CD2 . LEU A 1 76  ? -1.609  -3.163  6.808   1.00 11.26 ? 76  LEU A CD2 1 
ATOM   541  N  N   . VAL A 1 77  ? -6.392  -3.608  6.330   1.00 8.01  ? 77  VAL A N   1 
ATOM   542  C  CA  . VAL A 1 77  ? -7.709  -3.753  5.721   1.00 8.08  ? 77  VAL A CA  1 
ATOM   543  C  C   . VAL A 1 77  ? -7.457  -3.367  4.270   1.00 8.77  ? 77  VAL A C   1 
ATOM   544  O  O   . VAL A 1 77  ? -6.662  -2.465  3.994   1.00 8.37  ? 77  VAL A O   1 
ATOM   545  C  CB  . VAL A 1 77  ? -8.788  -2.821  6.338   1.00 7.99  ? 77  VAL A CB  1 
ATOM   546  C  CG1 . VAL A 1 77  ? -9.050  -3.216  7.771   1.00 14.18 ? 77  VAL A CG1 1 
ATOM   547  C  CG2 . VAL A 1 77  ? -8.359  -1.372  6.259   1.00 11.54 ? 77  VAL A CG2 1 
ATOM   548  N  N   . SER A 1 78  ? -8.110  -4.049  3.340   1.00 8.11  ? 78  SER A N   1 
ATOM   549  C  CA  . SER A 1 78  ? -7.881  -3.760  1.934   1.00 8.38  ? 78  SER A CA  1 
ATOM   550  C  C   . SER A 1 78  ? -9.011  -4.221  1.036   1.00 7.98  ? 78  SER A C   1 
ATOM   551  O  O   . SER A 1 78  ? -9.909  -4.945  1.460   1.00 7.78  ? 78  SER A O   1 
ATOM   552  C  CB  . SER A 1 78  ? -6.591  -4.445  1.481   1.00 9.73  ? 78  SER A CB  1 
ATOM   553  O  OG  . SER A 1 78  ? -6.692  -5.853  1.634   1.00 8.65  ? 78  SER A OG  1 
ATOM   554  N  N   . ALA A 1 79  ? -8.941  -3.794  -0.219  1.00 8.13  ? 79  ALA A N   1 
ATOM   555  C  CA  . ALA A 1 79  ? -9.913  -4.170  -1.233  1.00 6.70  ? 79  ALA A CA  1 
ATOM   556  C  C   . ALA A 1 79  ? -9.460  -3.595  -2.565  1.00 8.42  ? 79  ALA A C   1 
ATOM   557  O  O   . ALA A 1 79  ? -8.645  -2.671  -2.605  1.00 8.18  ? 79  ALA A O   1 
ATOM   558  C  CB  . ALA A 1 79  ? -11.297 -3.635  -0.878  1.00 9.45  ? 79  ALA A CB  1 
ATOM   559  N  N   . GLN A 1 80  ? -9.971  -4.162  -3.650  1.00 8.47  ? 80  GLN A N   1 
ATOM   560  C  CA  . GLN A 1 80  ? -9.656  -3.677  -4.987  1.00 7.62  ? 80  GLN A CA  1 
ATOM   561  C  C   . GLN A 1 80  ? -10.968 -3.254  -5.629  1.00 7.59  ? 80  GLN A C   1 
ATOM   562  O  O   . GLN A 1 80  ? -11.976 -3.954  -5.518  1.00 7.27  ? 80  GLN A O   1 
ATOM   563  C  CB  . GLN A 1 80  ? -9.019  -4.771  -5.842  1.00 8.32  ? 80  GLN A CB  1 
ATOM   564  C  CG  . GLN A 1 80  ? -8.512  -4.269  -7.195  1.00 9.91  ? 80  GLN A CG  1 
ATOM   565  C  CD  . GLN A 1 80  ? -7.984  -5.386  -8.068  1.00 8.52  ? 80  GLN A CD  1 
ATOM   566  O  OE1 . GLN A 1 80  ? -7.464  -6.380  -7.569  1.00 9.24  ? 80  GLN A OE1 1 
ATOM   567  N  NE2 . GLN A 1 80  ? -8.089  -5.214  -9.383  1.00 9.73  ? 80  GLN A NE2 1 
ATOM   568  N  N   . VAL A 1 81  ? -10.955 -2.102  -6.286  1.00 7.99  ? 81  VAL A N   1 
ATOM   569  C  CA  . VAL A 1 81  ? -12.140 -1.598  -6.960  1.00 7.60  ? 81  VAL A CA  1 
ATOM   570  C  C   . VAL A 1 81  ? -11.758 -1.278  -8.396  1.00 7.43  ? 81  VAL A C   1 
ATOM   571  O  O   . VAL A 1 81  ? -10.700 -0.699  -8.653  1.00 8.05  ? 81  VAL A O   1 
ATOM   572  C  CB  . VAL A 1 81  ? -12.682 -0.329  -6.274  1.00 9.95  ? 81  VAL A CB  1 
ATOM   573  C  CG1 . VAL A 1 81  ? -13.926 0.167   -6.998  1.00 14.06 ? 81  VAL A CG1 1 
ATOM   574  C  CG2 . VAL A 1 81  ? -13.001 -0.621  -4.819  1.00 18.54 ? 81  VAL A CG2 1 
ATOM   575  N  N   . ILE A 1 82  ? -12.616 -1.674  -9.328  1.00 7.37  ? 82  ILE A N   1 
ATOM   576  C  CA  . ILE A 1 82  ? -12.381 -1.440  -10.746 1.00 6.38  ? 82  ILE A CA  1 
ATOM   577  C  C   . ILE A 1 82  ? -13.528 -0.609  -11.305 1.00 6.90  ? 82  ILE A C   1 
ATOM   578  O  O   . ILE A 1 82  ? -14.696 -0.974  -11.151 1.00 8.33  ? 82  ILE A O   1 
ATOM   579  C  CB  . ILE A 1 82  ? -12.318 -2.771  -11.529 1.00 7.47  ? 82  ILE A CB  1 
ATOM   580  C  CG1 . ILE A 1 82  ? -11.312 -3.716  -10.866 1.00 8.07  ? 82  ILE A CG1 1 
ATOM   581  C  CG2 . ILE A 1 82  ? -11.927 -2.505  -12.980 1.00 10.23 ? 82  ILE A CG2 1 
ATOM   582  C  CD1 . ILE A 1 82  ? -11.156 -5.051  -11.569 1.00 8.33  ? 82  ILE A CD1 1 
ATOM   583  N  N   . LEU A 1 83  ? -13.189 0.503   -11.951 1.00 7.13  ? 83  LEU A N   1 
ATOM   584  C  CA  . LEU A 1 83  ? -14.189 1.386   -12.540 1.00 8.33  ? 83  LEU A CA  1 
ATOM   585  C  C   . LEU A 1 83  ? -14.148 1.256   -14.057 1.00 6.96  ? 83  LEU A C   1 
ATOM   586  O  O   . LEU A 1 83  ? -13.074 1.158   -14.655 1.00 7.85  ? 83  LEU A O   1 
ATOM   587  C  CB  . LEU A 1 83  ? -13.935 2.836   -12.116 1.00 8.52  ? 83  LEU A CB  1 
ATOM   588  C  CG  . LEU A 1 83  ? -13.903 3.062   -10.601 1.00 6.91  ? 83  LEU A CG  1 
ATOM   589  C  CD1 . LEU A 1 83  ? -13.725 4.545   -10.309 1.00 9.95  ? 83  LEU A CD1 1 
ATOM   590  C  CD2 . LEU A 1 83  ? -15.191 2.552   -9.973  1.00 9.72  ? 83  LEU A CD2 1 
ATOM   591  N  N   . THR A 1 84  ? -15.336 1.261   -14.659 1.00 8.14  ? 84  THR A N   1 
ATOM   592  C  CA  . THR A 1 84  ? -15.538 1.107   -16.098 1.00 7.93  ? 84  THR A CA  1 
ATOM   593  C  C   . THR A 1 84  ? -14.673 -0.016  -16.688 1.00 7.95  ? 84  THR A C   1 
ATOM   594  O  O   . THR A 1 84  ? -14.168 0.074   -17.809 1.00 8.31  ? 84  THR A O   1 
ATOM   595  C  CB  . THR A 1 84  ? -15.341 2.456   -16.867 1.00 8.81  ? 84  THR A CB  1 
ATOM   596  O  OG1 . THR A 1 84  ? -15.797 2.302   -18.219 1.00 8.65  ? 84  THR A OG1 1 
ATOM   597  C  CG2 . THR A 1 84  ? -13.882 2.898   -16.871 1.00 11.80 ? 84  THR A CG2 1 
ATOM   598  N  N   . ASN A 1 85  ? -14.528 -1.082  -15.900 1.00 7.75  ? 85  ASN A N   1 
ATOM   599  C  CA  . ASN A 1 85  ? -13.790 -2.284  -16.282 1.00 8.16  ? 85  ASN A CA  1 
ATOM   600  C  C   . ASN A 1 85  ? -12.385 -1.997  -16.801 1.00 8.45  ? 85  ASN A C   1 
ATOM   601  O  O   . ASN A 1 85  ? -11.834 -2.780  -17.572 1.00 11.17 ? 85  ASN A O   1 
ATOM   602  C  CB  . ASN A 1 85  ? -14.605 -3.045  -17.341 1.00 8.52  ? 85  ASN A CB  1 
ATOM   603  C  CG  . ASN A 1 85  ? -14.134 -4.470  -17.532 1.00 7.51  ? 85  ASN A CG  1 
ATOM   604  O  OD1 . ASN A 1 85  ? -13.914 -5.190  -16.559 1.00 9.06  ? 85  ASN A OD1 1 
ATOM   605  N  ND2 . ASN A 1 85  ? -14.011 -4.897  -18.786 1.00 9.30  ? 85  ASN A ND2 1 
ATOM   606  N  N   . GLU A 1 86  ? -11.792 -0.901  -16.341 1.00 7.24  ? 86  GLU A N   1 
ATOM   607  C  CA  . GLU A 1 86  ? -10.469 -0.496  -16.809 1.00 10.95 ? 86  GLU A CA  1 
ATOM   608  C  C   . GLU A 1 86  ? -9.557  0.146   -15.769 1.00 9.08  ? 86  GLU A C   1 
ATOM   609  O  O   . GLU A 1 86  ? -8.364  -0.164  -15.696 1.00 9.85  ? 86  GLU A O   1 
ATOM   610  C  CB  . GLU A 1 86  ? -10.647 0.478   -17.982 1.00 13.93 ? 86  GLU A CB  1 
ATOM   611  C  CG  . GLU A 1 86  ? -9.420  1.311   -18.345 1.00 25.56 ? 86  GLU A CG  1 
ATOM   612  C  CD  . GLU A 1 86  ? -8.267  0.490   -18.875 1.00 34.69 ? 86  GLU A CD  1 
ATOM   613  O  OE1 . GLU A 1 86  ? -7.209  1.088   -19.167 1.00 24.11 ? 86  GLU A OE1 1 
ATOM   614  O  OE2 . GLU A 1 86  ? -8.413  -0.743  -19.005 1.00 35.22 ? 86  GLU A OE2 1 
ATOM   615  N  N   . LEU A 1 87  ? -10.121 1.053   -14.982 1.00 8.15  ? 87  LEU A N   1 
ATOM   616  C  CA  . LEU A 1 87  ? -9.367  1.786   -13.975 1.00 8.30  ? 87  LEU A CA  1 
ATOM   617  C  C   . LEU A 1 87  ? -9.341  1.035   -12.653 1.00 8.13  ? 87  LEU A C   1 
ATOM   618  O  O   . LEU A 1 87  ? -10.384 0.794   -12.048 1.00 7.93  ? 87  LEU A O   1 
ATOM   619  C  CB  . LEU A 1 87  ? -9.998  3.161   -13.785 1.00 11.00 ? 87  LEU A CB  1 
ATOM   620  C  CG  . LEU A 1 87  ? -9.231  4.135   -12.898 1.00 9.46  ? 87  LEU A CG  1 
ATOM   621  C  CD1 . LEU A 1 87  ? -7.891  4.463   -13.548 1.00 15.69 ? 87  LEU A CD1 1 
ATOM   622  C  CD2 . LEU A 1 87  ? -10.055 5.400   -12.707 1.00 8.97  ? 87  LEU A CD2 1 
ATOM   623  N  N   . ASN A 1 88  ? -8.140  0.695   -12.196 1.00 7.06  ? 88  ASN A N   1 
ATOM   624  C  CA  . ASN A 1 88  ? -7.980  -0.068  -10.969 1.00 8.00  ? 88  ASN A CA  1 
ATOM   625  C  C   . ASN A 1 88  ? -7.381  0.648   -9.777  1.00 8.16  ? 88  ASN A C   1 
ATOM   626  O  O   . ASN A 1 88  ? -6.415  1.407   -9.899  1.00 8.07  ? 88  ASN A O   1 
ATOM   627  C  CB  . ASN A 1 88  ? -7.134  -1.308  -11.231 1.00 8.22  ? 88  ASN A CB  1 
ATOM   628  C  CG  . ASN A 1 88  ? -7.788  -2.265  -12.194 1.00 10.31 ? 88  ASN A CG  1 
ATOM   629  O  OD1 . ASN A 1 88  ? -7.885  -1.998  -13.396 1.00 12.26 ? 88  ASN A OD1 1 
ATOM   630  N  ND2 . ASN A 1 88  ? -8.259  -3.384  -11.669 1.00 6.14  ? 88  ASN A ND2 1 
ATOM   631  N  N   . PHE A 1 89  ? -7.953  0.351   -8.616  1.00 7.99  ? 89  PHE A N   1 
ATOM   632  C  CA  . PHE A 1 89  ? -7.515  0.891   -7.339  1.00 8.01  ? 89  PHE A CA  1 
ATOM   633  C  C   . PHE A 1 89  ? -7.362  -0.259  -6.348  1.00 7.61  ? 89  PHE A C   1 
ATOM   634  O  O   . PHE A 1 89  ? -8.317  -0.998  -6.098  1.00 9.46  ? 89  PHE A O   1 
ATOM   635  C  CB  . PHE A 1 89  ? -8.555  1.864   -6.777  1.00 8.57  ? 89  PHE A CB  1 
ATOM   636  C  CG  . PHE A 1 89  ? -8.707  3.131   -7.566  1.00 9.44  ? 89  PHE A CG  1 
ATOM   637  C  CD1 . PHE A 1 89  ? -7.883  4.226   -7.323  1.00 9.22  ? 89  PHE A CD1 1 
ATOM   638  C  CD2 . PHE A 1 89  ? -9.689  3.234   -8.545  1.00 11.08 ? 89  PHE A CD2 1 
ATOM   639  C  CE1 . PHE A 1 89  ? -8.043  5.408   -8.043  1.00 9.38  ? 89  PHE A CE1 1 
ATOM   640  C  CE2 . PHE A 1 89  ? -9.854  4.413   -9.271  1.00 11.30 ? 89  PHE A CE2 1 
ATOM   641  C  CZ  . PHE A 1 89  ? -9.030  5.501   -9.016  1.00 13.29 ? 89  PHE A CZ  1 
ATOM   642  N  N   . ALA A 1 90  ? -6.158  -0.422  -5.810  1.00 7.98  ? 90  ALA A N   1 
ATOM   643  C  CA  . ALA A 1 90  ? -5.888  -1.437  -4.795  1.00 8.45  ? 90  ALA A CA  1 
ATOM   644  C  C   . ALA A 1 90  ? -5.681  -0.565  -3.560  1.00 7.14  ? 90  ALA A C   1 
ATOM   645  O  O   . ALA A 1 90  ? -4.734  0.223   -3.497  1.00 9.72  ? 90  ALA A O   1 
ATOM   646  C  CB  . ALA A 1 90  ? -4.630  -2.215  -5.133  1.00 10.75 ? 90  ALA A CB  1 
ATOM   647  N  N   . LEU A 1 91  ? -6.576  -0.704  -2.591  1.00 8.84  ? 91  LEU A N   1 
ATOM   648  C  CA  . LEU A 1 91  ? -6.563  0.131   -1.397  1.00 9.75  ? 91  LEU A CA  1 
ATOM   649  C  C   . LEU A 1 91  ? -6.186  -0.588  -0.114  1.00 7.82  ? 91  LEU A C   1 
ATOM   650  O  O   . LEU A 1 91  ? -6.630  -1.707  0.138   1.00 8.69  ? 91  LEU A O   1 
ATOM   651  C  CB  . LEU A 1 91  ? -7.951  0.756   -1.236  1.00 9.82  ? 91  LEU A CB  1 
ATOM   652  C  CG  . LEU A 1 91  ? -8.516  1.411   -2.503  1.00 11.99 ? 91  LEU A CG  1 
ATOM   653  C  CD1 . LEU A 1 91  ? -9.982  1.757   -2.303  1.00 18.20 ? 91  LEU A CD1 1 
ATOM   654  C  CD2 . LEU A 1 91  ? -7.702  2.641   -2.850  1.00 13.05 ? 91  LEU A CD2 1 
ATOM   655  N  N   . VAL A 1 92  ? -5.379  0.078   0.708   1.00 7.92  ? 92  VAL A N   1 
ATOM   656  C  CA  . VAL A 1 92  ? -4.950  -0.489  1.974   1.00 8.43  ? 92  VAL A CA  1 
ATOM   657  C  C   . VAL A 1 92  ? -5.024  0.526   3.106   1.00 8.68  ? 92  VAL A C   1 
ATOM   658  O  O   . VAL A 1 92  ? -4.622  1.679   2.958   1.00 9.04  ? 92  VAL A O   1 
ATOM   659  C  CB  . VAL A 1 92  ? -3.492  -1.006  1.905   1.00 8.86  ? 92  VAL A CB  1 
ATOM   660  C  CG1 . VAL A 1 92  ? -3.088  -1.617  3.246   1.00 8.96  ? 92  VAL A CG1 1 
ATOM   661  C  CG2 . VAL A 1 92  ? -3.351  -2.031  0.795   1.00 10.58 ? 92  VAL A CG2 1 
ATOM   662  N  N   . GLY A 1 93  ? -5.561  0.078   4.233   1.00 8.82  ? 93  GLY A N   1 
ATOM   663  C  CA  . GLY A 1 93  ? -5.642  0.901   5.422   1.00 8.98  ? 93  GLY A CA  1 
ATOM   664  C  C   . GLY A 1 93  ? -4.888  0.112   6.473   1.00 8.23  ? 93  GLY A C   1 
ATOM   665  O  O   . GLY A 1 93  ? -4.710  -1.097  6.322   1.00 9.55  ? 93  GLY A O   1 
ATOM   666  N  N   . SER A 1 94  ? -4.432  0.769   7.532   1.00 7.46  ? 94  SER A N   1 
ATOM   667  C  CA  . SER A 1 94  ? -3.697  0.061   8.570   1.00 8.18  ? 94  SER A CA  1 
ATOM   668  C  C   . SER A 1 94  ? -3.895  0.690   9.938   1.00 8.20  ? 94  SER A C   1 
ATOM   669  O  O   . SER A 1 94  ? -4.055  1.905   10.062  1.00 10.15 ? 94  SER A O   1 
ATOM   670  C  CB  . SER A 1 94  ? -2.205  0.024   8.230   1.00 9.83  ? 94  SER A CB  1 
ATOM   671  O  OG  . SER A 1 94  ? -1.673  1.334   8.153   1.00 10.45 ? 94  SER A OG  1 
ATOM   672  N  N   . GLU A 1 95  ? -3.896  -0.153  10.965  1.00 9.86  ? 95  GLU A N   1 
ATOM   673  C  CA  . GLU A 1 95  ? -4.075  0.311   12.330  1.00 8.78  ? 95  GLU A CA  1 
ATOM   674  C  C   . GLU A 1 95  ? -2.875  -0.097  13.171  1.00 9.20  ? 95  GLU A C   1 
ATOM   675  O  O   . GLU A 1 95  ? -2.546  -1.282  13.265  1.00 9.68  ? 95  GLU A O   1 
ATOM   676  C  CB  . GLU A 1 95  ? -5.356  -0.279  12.926  1.00 7.89  ? 95  GLU A CB  1 
ATOM   677  C  CG  . GLU A 1 95  ? -5.618  0.134   14.364  1.00 9.57  ? 95  GLU A CG  1 
ATOM   678  C  CD  . GLU A 1 95  ? -5.614  1.638   14.546  1.00 10.63 ? 95  GLU A CD  1 
ATOM   679  O  OE1 . GLU A 1 95  ? -6.342  2.333   13.810  1.00 10.99 ? 95  GLU A OE1 1 
ATOM   680  O  OE2 . GLU A 1 95  ? -4.887  2.130   15.434  1.00 9.63  ? 95  GLU A OE2 1 
ATOM   681  N  N   . ASP A 1 96  ? -2.223  0.889   13.778  1.00 8.73  ? 96  ASP A N   1 
ATOM   682  C  CA  . ASP A 1 96  ? -1.052  0.625   14.608  1.00 11.32 ? 96  ASP A CA  1 
ATOM   683  C  C   . ASP A 1 96  ? -1.373  0.668   16.093  1.00 11.57 ? 96  ASP A C   1 
ATOM   684  O  O   . ASP A 1 96  ? -0.529  0.320   16.921  1.00 12.32 ? 96  ASP A O   1 
ATOM   685  C  CB  . ASP A 1 96  ? 0.069   1.637   14.321  1.00 9.27  ? 96  ASP A CB  1 
ATOM   686  C  CG  . ASP A 1 96  ? -0.336  3.077   14.614  1.00 9.41  ? 96  ASP A CG  1 
ATOM   687  O  OD1 . ASP A 1 96  ? -1.016  3.321   15.635  1.00 12.50 ? 96  ASP A OD1 1 
ATOM   688  O  OD2 . ASP A 1 96  ? 0.056   3.973   13.838  1.00 10.46 ? 96  ASP A OD2 1 
ATOM   689  N  N   . GLY A 1 97  ? -2.592  1.081   16.429  1.00 10.74 ? 97  GLY A N   1 
ATOM   690  C  CA  . GLY A 1 97  ? -2.954  1.188   17.828  1.00 13.11 ? 97  GLY A CA  1 
ATOM   691  C  C   . GLY A 1 97  ? -4.291  0.632   18.270  1.00 10.90 ? 97  GLY A C   1 
ATOM   692  O  O   . GLY A 1 97  ? -4.672  -0.480  17.903  1.00 13.55 ? 97  GLY A O   1 
ATOM   693  N  N   . THR A 1 98  ? -5.007  1.430   19.058  1.00 11.57 ? 98  THR A N   1 
ATOM   694  C  CA  . THR A 1 98  ? -6.287  1.027   19.623  1.00 11.54 ? 98  THR A CA  1 
ATOM   695  C  C   . THR A 1 98  ? -7.520  1.843   19.227  1.00 13.73 ? 98  THR A C   1 
ATOM   696  O  O   . THR A 1 98  ? -8.641  1.439   19.538  1.00 13.51 ? 98  THR A O   1 
ATOM   697  C  CB  . THR A 1 98  ? -6.207  1.060   21.156  1.00 13.72 ? 98  THR A CB  1 
ATOM   698  O  OG1 . THR A 1 98  ? -5.874  2.389   21.577  1.00 14.95 ? 98  THR A OG1 1 
ATOM   699  C  CG2 . THR A 1 98  ? -5.139  0.100   21.660  1.00 13.99 ? 98  THR A CG2 1 
ATOM   700  N  N   . ASP A 1 99  ? -7.343  2.975   18.554  1.00 11.08 ? 99  ASP A N   1 
ATOM   701  C  CA  . ASP A 1 99  ? -8.500  3.799   18.202  1.00 11.14 ? 99  ASP A CA  1 
ATOM   702  C  C   . ASP A 1 99  ? -9.256  3.316   16.968  1.00 13.37 ? 99  ASP A C   1 
ATOM   703  O  O   . ASP A 1 99  ? -10.357 3.783   16.681  1.00 14.72 ? 99  ASP A O   1 
ATOM   704  C  CB  . ASP A 1 99  ? -8.076  5.266   18.046  1.00 11.34 ? 99  ASP A CB  1 
ATOM   705  C  CG  . ASP A 1 99  ? -7.232  5.514   16.814  1.00 11.43 ? 99  ASP A CG  1 
ATOM   706  O  OD1 . ASP A 1 99  ? -6.657  4.552   16.264  1.00 13.10 ? 99  ASP A OD1 1 
ATOM   707  O  OD2 . ASP A 1 99  ? -7.133  6.694   16.411  1.00 12.23 ? 99  ASP A OD2 1 
ATOM   708  N  N   . ASN A 1 100 ? -8.659  2.371   16.251  1.00 12.96 ? 100 ASN A N   1 
ATOM   709  C  CA  . ASN A 1 100 ? -9.257  1.781   15.058  1.00 12.71 ? 100 ASN A CA  1 
ATOM   710  C  C   . ASN A 1 100 ? -9.709  2.727   13.954  1.00 14.51 ? 100 ASN A C   1 
ATOM   711  O  O   . ASN A 1 100 ? -10.780 2.536   13.375  1.00 13.21 ? 100 ASN A O   1 
ATOM   712  C  CB  . ASN A 1 100 ? -10.433 0.876   15.447  1.00 13.94 ? 100 ASN A CB  1 
ATOM   713  C  CG  . ASN A 1 100 ? -10.010 -0.272  16.337  1.00 16.26 ? 100 ASN A CG  1 
ATOM   714  O  OD1 . ASN A 1 100 ? -9.041  -0.971  16.045  1.00 15.62 ? 100 ASN A OD1 1 
ATOM   715  N  ND2 . ASN A 1 100 ? -10.745 -0.483  17.425  1.00 22.93 ? 100 ASN A ND2 1 
ATOM   716  N  N   . ASP A 1 101 ? -8.919  3.752   13.651  1.00 12.67 ? 101 ASP A N   1 
ATOM   717  C  CA  . ASP A 1 101 ? -9.313  4.627   12.559  1.00 11.22 ? 101 ASP A CA  1 
ATOM   718  C  C   . ASP A 1 101 ? -8.749  4.071   11.250  1.00 10.15 ? 101 ASP A C   1 
ATOM   719  O  O   . ASP A 1 101 ? -9.137  4.503   10.166  1.00 11.62 ? 101 ASP A O   1 
ATOM   720  C  CB  . ASP A 1 101 ? -8.887  6.091   12.802  1.00 10.22 ? 101 ASP A CB  1 
ATOM   721  C  CG  . ASP A 1 101 ? -7.392  6.269   13.015  1.00 11.46 ? 101 ASP A CG  1 
ATOM   722  O  OD1 . ASP A 1 101 ? -6.637  5.276   13.021  1.00 12.08 ? 101 ASP A OD1 1 
ATOM   723  O  OD2 . ASP A 1 101 ? -6.977  7.440   13.184  1.00 10.94 ? 101 ASP A OD2 1 
ATOM   724  N  N   . TYR A 1 102 ? -7.861  3.082   11.371  1.00 10.13 ? 102 TYR A N   1 
ATOM   725  C  CA  . TYR A 1 102 ? -7.248  2.404   10.225  1.00 9.38  ? 102 TYR A CA  1 
ATOM   726  C  C   . TYR A 1 102 ? -6.683  3.299   9.133   1.00 9.99  ? 102 TYR A C   1 
ATOM   727  O  O   . TYR A 1 102 ? -6.625  2.912   7.962   1.00 10.28 ? 102 TYR A O   1 
ATOM   728  C  CB  . TYR A 1 102 ? -8.253  1.402   9.632   1.00 11.38 ? 102 TYR A CB  1 
ATOM   729  C  CG  . TYR A 1 102 ? -8.286  0.098   10.399  1.00 9.36  ? 102 TYR A CG  1 
ATOM   730  C  CD1 . TYR A 1 102 ? -7.409  -0.939  10.078  1.00 9.79  ? 102 TYR A CD1 1 
ATOM   731  C  CD2 . TYR A 1 102 ? -9.103  -0.055  11.521  1.00 10.51 ? 102 TYR A CD2 1 
ATOM   732  C  CE1 . TYR A 1 102 ? -7.337  -2.095  10.860  1.00 9.67  ? 102 TYR A CE1 1 
ATOM   733  C  CE2 . TYR A 1 102 ? -9.037  -1.203  12.310  1.00 11.19 ? 102 TYR A CE2 1 
ATOM   734  C  CZ  . TYR A 1 102 ? -8.149  -2.213  11.975  1.00 9.31  ? 102 TYR A CZ  1 
ATOM   735  O  OH  . TYR A 1 102 ? -8.057  -3.332  12.768  1.00 13.33 ? 102 TYR A OH  1 
ATOM   736  N  N   . ASN A 1 103 ? -6.226  4.483   9.526   1.00 8.95  ? 103 ASN A N   1 
ATOM   737  C  CA  . ASN A 1 103 ? -5.671  5.438   8.573   1.00 7.63  ? 103 ASN A CA  1 
ATOM   738  C  C   . ASN A 1 103 ? -4.223  5.774   8.912   1.00 7.77  ? 103 ASN A C   1 
ATOM   739  O  O   . ASN A 1 103 ? -3.625  6.644   8.283   1.00 8.72  ? 103 ASN A O   1 
ATOM   740  C  CB  . ASN A 1 103 ? -6.470  6.736   8.610   1.00 8.08  ? 103 ASN A CB  1 
ATOM   741  C  CG  . ASN A 1 103 ? -6.215  7.533   9.882   1.00 9.06  ? 103 ASN A CG  1 
ATOM   742  O  OD1 . ASN A 1 103 ? -5.519  7.073   10.787  1.00 10.59 ? 103 ASN A OD1 1 
ATOM   743  N  ND2 . ASN A 1 103 ? -6.778  8.729   9.956   1.00 9.46  ? 103 ASN A ND2 1 
ATOM   744  N  N   . ASP A 1 104 ? -3.666  5.093   9.908   1.00 10.63 ? 104 ASP A N   1 
ATOM   745  C  CA  . ASP A 1 104 ? -2.306  5.387   10.346  1.00 8.60  ? 104 ASP A CA  1 
ATOM   746  C  C   . ASP A 1 104 ? -1.335  5.406   9.178   1.00 9.77  ? 104 ASP A C   1 
ATOM   747  O  O   . ASP A 1 104 ? -0.440  6.249   9.107   1.00 8.30  ? 104 ASP A O   1 
ATOM   748  C  CB  . ASP A 1 104 ? -1.912  4.406   11.446  1.00 10.76 ? 104 ASP A CB  1 
ATOM   749  C  CG  . ASP A 1 104 ? -2.904  4.437   12.600  1.00 9.74  ? 104 ASP A CG  1 
ATOM   750  O  OD1 . ASP A 1 104 ? -3.333  5.554   12.963  1.00 10.25 ? 104 ASP A OD1 1 
ATOM   751  O  OD2 . ASP A 1 104 ? -3.258  3.371   13.144  1.00 9.82  ? 104 ASP A OD2 1 
ATOM   752  N  N   . ALA A 1 105 ? -1.539  4.475   8.257   1.00 10.34 ? 105 ALA A N   1 
ATOM   753  C  CA  . ALA A 1 105 ? -0.775  4.401   7.027   1.00 9.60  ? 105 ALA A CA  1 
ATOM   754  C  C   . ALA A 1 105 ? -1.832  4.010   6.002   1.00 9.51  ? 105 ALA A C   1 
ATOM   755  O  O   . ALA A 1 105 ? -2.483  2.975   6.140   1.00 10.69 ? 105 ALA A O   1 
ATOM   756  C  CB  . ALA A 1 105 ? 0.308   3.338   7.113   1.00 15.64 ? 105 ALA A CB  1 
ATOM   757  N  N   . VAL A 1 106 ? -2.042  4.868   5.010   1.00 8.97  ? 106 VAL A N   1 
ATOM   758  C  CA  . VAL A 1 106 ? -3.011  4.600   3.955   1.00 9.41  ? 106 VAL A CA  1 
ATOM   759  C  C   . VAL A 1 106 ? -2.219  4.448   2.667   1.00 8.12  ? 106 VAL A C   1 
ATOM   760  O  O   . VAL A 1 106 ? -1.426  5.322   2.312   1.00 8.84  ? 106 VAL A O   1 
ATOM   761  C  CB  . VAL A 1 106 ? -4.034  5.752   3.817   1.00 8.68  ? 106 VAL A CB  1 
ATOM   762  C  CG1 . VAL A 1 106 ? -4.952  5.502   2.627   1.00 10.67 ? 106 VAL A CG1 1 
ATOM   763  C  CG2 . VAL A 1 106 ? -4.860  5.863   5.092   1.00 9.21  ? 106 VAL A CG2 1 
ATOM   764  N  N   . VAL A 1 107 ? -2.418  3.331   1.975   1.00 9.70  ? 107 VAL A N   1 
ATOM   765  C  CA  . VAL A 1 107 ? -1.692  3.071   0.740   1.00 8.33  ? 107 VAL A CA  1 
ATOM   766  C  C   . VAL A 1 107 ? -2.648  2.907   -0.433  1.00 8.20  ? 107 VAL A C   1 
ATOM   767  O  O   . VAL A 1 107 ? -3.636  2.174   -0.351  1.00 9.96  ? 107 VAL A O   1 
ATOM   768  C  CB  . VAL A 1 107 ? -0.825  1.797   0.874   1.00 8.18  ? 107 VAL A CB  1 
ATOM   769  C  CG1 . VAL A 1 107 ? 0.033   1.611   -0.369  1.00 12.03 ? 107 VAL A CG1 1 
ATOM   770  C  CG2 . VAL A 1 107 ? 0.051   1.895   2.112   1.00 10.15 ? 107 VAL A CG2 1 
ATOM   771  N  N   . VAL A 1 108 ? -2.349  3.606   -1.521  1.00 8.26  ? 108 VAL A N   1 
ATOM   772  C  CA  . VAL A 1 108 ? -3.162  3.541   -2.723  1.00 10.19 ? 108 VAL A CA  1 
ATOM   773  C  C   . VAL A 1 108 ? -2.319  3.093   -3.900  1.00 8.51  ? 108 VAL A C   1 
ATOM   774  O  O   . VAL A 1 108 ? -1.283  3.685   -4.198  1.00 9.41  ? 108 VAL A O   1 
ATOM   775  C  CB  . VAL A 1 108 ? -3.778  4.911   -3.066  1.00 10.51 ? 108 VAL A CB  1 
ATOM   776  C  CG1 . VAL A 1 108 ? -4.534  4.825   -4.391  1.00 12.75 ? 108 VAL A CG1 1 
ATOM   777  C  CG2 . VAL A 1 108 ? -4.714  5.351   -1.953  1.00 13.61 ? 108 VAL A CG2 1 
ATOM   778  N  N   . ILE A 1 109 ? -2.766  2.027   -4.551  1.00 7.70  ? 109 ILE A N   1 
ATOM   779  C  CA  . ILE A 1 109 ? -2.099  1.488   -5.726  1.00 7.75  ? 109 ILE A CA  1 
ATOM   780  C  C   . ILE A 1 109 ? -3.057  1.723   -6.887  1.00 7.54  ? 109 ILE A C   1 
ATOM   781  O  O   . ILE A 1 109 ? -4.244  1.411   -6.787  1.00 9.41  ? 109 ILE A O   1 
ATOM   782  C  CB  . ILE A 1 109 ? -1.820  -0.022  -5.560  1.00 8.32  ? 109 ILE A CB  1 
ATOM   783  C  CG1 . ILE A 1 109 ? -0.685  -0.222  -4.551  1.00 9.72  ? 109 ILE A CG1 1 
ATOM   784  C  CG2 . ILE A 1 109 ? -1.478  -0.652  -6.903  1.00 10.64 ? 109 ILE A CG2 1 
ATOM   785  C  CD1 . ILE A 1 109 ? -0.405  -1.672  -4.208  1.00 12.20 ? 109 ILE A CD1 1 
ATOM   786  N  N   . ASN A 1 110 ? -2.558  2.297   -7.978  1.00 7.71  ? 110 ASN A N   1 
ATOM   787  C  CA  . ASN A 1 110 ? -3.418  2.554   -9.127  1.00 8.34  ? 110 ASN A CA  1 
ATOM   788  C  C   . ASN A 1 110 ? -2.768  2.167   -10.448 1.00 8.54  ? 110 ASN A C   1 
ATOM   789  O  O   . ASN A 1 110 ? -1.551  2.267   -10.609 1.00 8.51  ? 110 ASN A O   1 
ATOM   790  C  CB  . ASN A 1 110 ? -3.846  4.035   -9.174  1.00 8.57  ? 110 ASN A CB  1 
ATOM   791  C  CG  . ASN A 1 110 ? -2.693  4.987   -9.479  1.00 8.13  ? 110 ASN A CG  1 
ATOM   792  O  OD1 . ASN A 1 110 ? -1.766  5.156   -8.679  1.00 9.44  ? 110 ASN A OD1 1 
ATOM   793  N  ND2 . ASN A 1 110 ? -2.750  5.617   -10.649 1.00 10.07 ? 110 ASN A ND2 1 
ATOM   794  N  N   . TRP A 1 111 ? -3.589  1.704   -11.384 1.00 8.33  ? 111 TRP A N   1 
ATOM   795  C  CA  . TRP A 1 111 ? -3.125  1.329   -12.716 1.00 7.49  ? 111 TRP A CA  1 
ATOM   796  C  C   . TRP A 1 111 ? -4.363  1.287   -13.604 1.00 9.30  ? 111 TRP A C   1 
ATOM   797  O  O   . TRP A 1 111 ? -5.484  1.163   -13.106 1.00 9.12  ? 111 TRP A O   1 
ATOM   798  C  CB  . TRP A 1 111 ? -2.413  -0.036  -12.686 1.00 9.27  ? 111 TRP A CB  1 
ATOM   799  C  CG  . TRP A 1 111 ? -3.290  -1.261  -12.594 1.00 8.22  ? 111 TRP A CG  1 
ATOM   800  C  CD1 . TRP A 1 111 ? -3.825  -1.971  -13.635 1.00 7.53  ? 111 TRP A CD1 1 
ATOM   801  C  CD2 . TRP A 1 111 ? -3.706  -1.936  -11.397 1.00 9.36  ? 111 TRP A CD2 1 
ATOM   802  N  NE1 . TRP A 1 111 ? -4.536  -3.049  -13.162 1.00 8.59  ? 111 TRP A NE1 1 
ATOM   803  C  CE2 . TRP A 1 111 ? -4.479  -3.051  -11.792 1.00 8.44  ? 111 TRP A CE2 1 
ATOM   804  C  CE3 . TRP A 1 111 ? -3.493  -1.707  -10.030 1.00 8.80  ? 111 TRP A CE3 1 
ATOM   805  C  CZ2 . TRP A 1 111 ? -5.043  -3.938  -10.867 1.00 8.56  ? 111 TRP A CZ2 1 
ATOM   806  C  CZ3 . TRP A 1 111 ? -4.055  -2.590  -9.110  1.00 8.16  ? 111 TRP A CZ3 1 
ATOM   807  C  CH2 . TRP A 1 111 ? -4.823  -3.690  -9.537  1.00 7.17  ? 111 TRP A CH2 1 
ATOM   808  N  N   . PRO A 1 112 ? -4.188  1.414   -14.927 1.00 8.80  ? 112 PRO A N   1 
ATOM   809  C  CA  . PRO A 1 112 ? -2.937  1.597   -15.667 1.00 9.91  ? 112 PRO A CA  1 
ATOM   810  C  C   . PRO A 1 112 ? -2.397  3.019   -15.557 1.00 9.32  ? 112 PRO A C   1 
ATOM   811  O  O   . PRO A 1 112 ? -3.095  3.929   -15.103 1.00 9.00  ? 112 PRO A O   1 
ATOM   812  C  CB  . PRO A 1 112 ? -3.353  1.267   -17.091 1.00 11.21 ? 112 PRO A CB  1 
ATOM   813  C  CG  . PRO A 1 112 ? -4.713  1.916   -17.138 1.00 13.93 ? 112 PRO A CG  1 
ATOM   814  C  CD  . PRO A 1 112 ? -5.316  1.327   -15.873 1.00 13.23 ? 112 PRO A CD  1 
ATOM   815  N  N   . LEU A 1 113 ? -1.150  3.195   -15.984 1.00 9.12  ? 113 LEU A N   1 
ATOM   816  C  CA  . LEU A 1 113 ? -0.499  4.499   -15.972 1.00 8.20  ? 113 LEU A CA  1 
ATOM   817  C  C   . LEU A 1 113 ? -0.253  4.938   -17.414 1.00 10.94 ? 113 LEU A C   1 
ATOM   818  O  O   . LEU A 1 113 ? -0.512  4.190   -18.359 1.00 11.07 ? 113 LEU A O   1 
ATOM   819  C  CB  . LEU A 1 113 ? 0.846   4.427   -15.241 1.00 10.28 ? 113 LEU A CB  1 
ATOM   820  C  CG  . LEU A 1 113 ? 0.863   3.890   -13.809 1.00 9.66  ? 113 LEU A CG  1 
ATOM   821  C  CD1 . LEU A 1 113 ? 2.273   3.999   -13.255 1.00 11.44 ? 113 LEU A CD1 1 
ATOM   822  C  CD2 . LEU A 1 113 ? -0.104  4.673   -12.937 1.00 11.53 ? 113 LEU A CD2 1 
ATOM   823  N  N   . GLY A 1 114 ? 0.245   6.162   -17.563 1.00 10.15 ? 114 GLY A N   1 
ATOM   824  C  CA  . GLY A 1 114 ? 0.566   6.708   -18.872 1.00 10.86 ? 114 GLY A CA  1 
ATOM   825  C  C   . GLY A 1 114 ? -0.561  7.380   -19.632 1.00 12.84 ? 114 GLY A C   1 
ATOM   826  O  O   . GLY A 1 114 ? -1.742  7.186   -19.274 1.00 11.63 ? 114 GLY A O   1 
ATOM   827  O  OXT . GLY A 1 114 ? -0.257  8.086   -20.615 1.00 12.61 ? 114 GLY A OXT 1 
HETATM 828  C  C1  . MAN B 2 .   ? -2.568  9.108   16.878  1.00 9.32  ? 301 MAN A C1  1 
HETATM 829  C  C2  . MAN B 2 .   ? -3.692  8.650   15.917  1.00 13.28 ? 301 MAN A C2  1 
HETATM 830  C  C3  . MAN B 2 .   ? -4.030  7.168   16.127  1.00 11.77 ? 301 MAN A C3  1 
HETATM 831  C  C4  . MAN B 2 .   ? -2.760  6.326   16.052  1.00 10.40 ? 301 MAN A C4  1 
HETATM 832  C  C5  . MAN B 2 .   ? -1.817  6.847   17.125  1.00 12.02 ? 301 MAN A C5  1 
HETATM 833  C  C6  . MAN B 2 .   ? -0.552  6.030   17.321  1.00 13.28 ? 301 MAN A C6  1 
HETATM 834  O  O1  A MAN B 2 .   ? -3.054  9.177   18.172  0.35 10.92 ? 301 MAN A O1  1 
HETATM 835  O  O1  B MAN B 2 .   ? -2.145  10.370  16.523  0.65 16.42 ? 301 MAN A O1  1 
HETATM 836  O  O2  . MAN B 2 .   ? -3.306  8.849   14.565  1.00 12.19 ? 301 MAN A O2  1 
HETATM 837  O  O3  . MAN B 2 .   ? -4.939  6.734   15.129  1.00 11.93 ? 301 MAN A O3  1 
HETATM 838  O  O4  . MAN B 2 .   ? -3.066  4.950   16.265  1.00 11.76 ? 301 MAN A O4  1 
HETATM 839  O  O5  . MAN B 2 .   ? -1.444  8.209   16.804  1.00 11.77 ? 301 MAN A O5  1 
HETATM 840  O  O6  . MAN B 2 .   ? 0.128   6.421   18.508  1.00 12.74 ? 301 MAN A O6  1 
HETATM 841  CA CA  . CA  C 3 .   ? -5.041  4.318   14.529  1.00 9.21  ? 401 CA  A CA  1 
HETATM 842  CA CA  . CA  D 3 .   ? -4.604  7.635   12.901  1.00 8.84  ? 402 CA  A CA  1 
HETATM 843  O  O   . HOH E 4 .   ? -9.906  -10.488 8.218   1.00 20.88 ? 403 HOH A O   1 
HETATM 844  O  O   . HOH E 4 .   ? -12.160 -11.591 9.314   1.00 12.56 ? 404 HOH A O   1 
HETATM 845  O  O   . HOH E 4 .   ? -5.544  -10.027 8.043   1.00 16.16 ? 405 HOH A O   1 
HETATM 846  O  O   . HOH E 4 .   ? -3.281  -9.764  6.419   1.00 17.23 ? 406 HOH A O   1 
HETATM 847  O  O   . HOH E 4 .   ? -7.694  -14.983 1.205   1.00 16.58 ? 407 HOH A O   1 
HETATM 848  O  O   . HOH E 4 .   ? -7.062  -15.452 3.756   1.00 18.75 ? 408 HOH A O   1 
HETATM 849  O  O   . HOH E 4 .   ? -8.016  -16.569 -0.996  1.00 22.93 ? 409 HOH A O   1 
HETATM 850  O  O   . HOH E 4 .   ? -4.955  -15.584 0.734   1.00 22.24 ? 410 HOH A O   1 
HETATM 851  O  O   . HOH E 4 .   ? -3.531  -13.748 -0.446  1.00 15.69 ? 411 HOH A O   1 
HETATM 852  O  O   . HOH E 4 .   ? -5.563  -11.969 0.232   1.00 11.64 ? 412 HOH A O   1 
HETATM 853  O  O   . HOH E 4 .   ? -5.616  -9.210  -0.008  1.00 8.59  ? 413 HOH A O   1 
HETATM 854  O  O   . HOH E 4 .   ? -1.127  -15.311 2.715   1.00 33.74 ? 414 HOH A O   1 
HETATM 855  O  O   . HOH E 4 .   ? -3.952  -16.423 3.011   1.00 33.55 ? 415 HOH A O   1 
HETATM 856  O  O   . HOH E 4 .   ? -10.406 -8.056  6.833   0.50 19.22 ? 416 HOH A O   1 
HETATM 857  O  O   . HOH E 4 .   ? -2.785  -7.477  8.545   1.00 14.55 ? 417 HOH A O   1 
HETATM 858  O  O   . HOH E 4 .   ? -3.080  -8.561  11.064  1.00 21.39 ? 418 HOH A O   1 
HETATM 859  O  O   . HOH E 4 .   ? -0.174  -7.757  3.429   1.00 12.26 ? 419 HOH A O   1 
HETATM 860  O  O   . HOH E 4 .   ? 1.818   -12.743 4.036   1.00 26.68 ? 420 HOH A O   1 
HETATM 861  O  O   . HOH E 4 .   ? -0.108  -8.951  5.762   1.00 28.35 ? 421 HOH A O   1 
HETATM 862  O  O   . HOH E 4 .   ? 0.082   -7.530  8.144   1.00 25.96 ? 422 HOH A O   1 
HETATM 863  O  O   . HOH E 4 .   ? 3.350   -9.113  6.007   1.00 26.90 ? 423 HOH A O   1 
HETATM 864  O  O   . HOH E 4 .   ? 4.557   -10.914 -1.101  1.00 13.36 ? 424 HOH A O   1 
HETATM 865  O  O   . HOH E 4 .   ? 4.512   -9.913  -3.643  1.00 9.89  ? 425 HOH A O   1 
HETATM 866  O  O   . HOH E 4 .   ? -0.848  -12.910 -6.786  1.00 15.76 ? 426 HOH A O   1 
HETATM 867  O  O   . HOH E 4 .   ? -1.140  -14.436 -4.499  1.00 20.34 ? 427 HOH A O   1 
HETATM 868  O  O   . HOH E 4 .   ? 1.845   -13.339 0.632   1.00 12.54 ? 428 HOH A O   1 
HETATM 869  O  O   . HOH E 4 .   ? -0.925  -14.257 0.304   1.00 21.63 ? 429 HOH A O   1 
HETATM 870  O  O   . HOH E 4 .   ? -3.767  -13.940 -3.183  1.00 15.51 ? 430 HOH A O   1 
HETATM 871  O  O   . HOH E 4 .   ? -4.528  -14.434 -7.781  1.00 21.43 ? 431 HOH A O   1 
HETATM 872  O  O   . HOH E 4 .   ? -7.647  -11.141 -7.768  1.00 12.17 ? 432 HOH A O   1 
HETATM 873  O  O   . HOH E 4 .   ? -6.782  -12.886 -9.781  1.00 20.60 ? 433 HOH A O   1 
HETATM 874  O  O   . HOH E 4 .   ? -5.511  -8.610  -12.127 1.00 24.45 ? 434 HOH A O   1 
HETATM 875  O  O   . HOH E 4 .   ? -7.008  -8.721  -8.880  1.00 11.24 ? 435 HOH A O   1 
HETATM 876  O  O   . HOH E 4 .   ? -1.641  -11.120 -16.599 1.00 20.82 ? 436 HOH A O   1 
HETATM 877  O  O   . HOH E 4 .   ? 6.163   -10.330 -10.515 1.00 11.72 ? 437 HOH A O   1 
HETATM 878  O  O   . HOH E 4 .   ? -5.670  -9.336  -14.675 1.00 22.71 ? 438 HOH A O   1 
HETATM 879  O  O   . HOH E 4 .   ? -6.973  -11.283 -12.088 1.00 24.53 ? 439 HOH A O   1 
HETATM 880  O  O   . HOH E 4 .   ? -8.716  -9.449  -11.031 1.00 12.77 ? 440 HOH A O   1 
HETATM 881  O  O   . HOH E 4 .   ? -7.535  -6.455  -12.021 1.00 22.89 ? 441 HOH A O   1 
HETATM 882  O  O   . HOH E 4 .   ? -7.561  -14.316 -15.749 1.00 28.51 ? 442 HOH A O   1 
HETATM 883  O  O   . HOH E 4 .   ? -4.458  -2.746  -16.943 1.00 32.06 ? 443 HOH A O   1 
HETATM 884  O  O   . HOH E 4 .   ? -6.310  -6.935  -16.267 1.00 21.48 ? 444 HOH A O   1 
HETATM 885  O  O   . HOH E 4 .   ? -6.272  -4.795  -14.791 1.00 19.54 ? 445 HOH A O   1 
HETATM 886  O  O   . HOH E 4 .   ? -4.686  -6.029  -18.316 1.00 27.91 ? 446 HOH A O   1 
HETATM 887  O  O   . HOH E 4 .   ? -2.076  -4.826  -18.413 1.00 33.68 ? 447 HOH A O   1 
HETATM 888  O  O   . HOH E 4 .   ? -0.655  -0.572  -18.734 1.00 20.96 ? 448 HOH A O   1 
HETATM 889  O  O   . HOH E 4 .   ? 2.618   -9.963  -20.030 1.00 18.92 ? 449 HOH A O   1 
HETATM 890  O  O   . HOH E 4 .   ? 2.475   -1.073  -18.194 1.00 18.54 ? 450 HOH A O   1 
HETATM 891  O  O   . HOH E 4 .   ? 0.236   0.865   -16.557 1.00 11.61 ? 451 HOH A O   1 
HETATM 892  O  O   . HOH E 4 .   ? 8.560   -0.775  -15.981 1.00 24.94 ? 452 HOH A O   1 
HETATM 893  O  O   . HOH E 4 .   ? 5.554   -2.369  -19.010 1.00 36.74 ? 453 HOH A O   1 
HETATM 894  O  O   . HOH E 4 .   ? 5.739   6.279   -14.644 1.00 29.50 ? 454 HOH A O   1 
HETATM 895  O  O   . HOH E 4 .   ? 0.891   -2.664  -19.673 1.00 33.03 ? 455 HOH A O   1 
HETATM 896  O  O   . HOH E 4 .   ? 6.501   9.401   -11.496 1.00 18.90 ? 456 HOH A O   1 
HETATM 897  O  O   . HOH E 4 .   ? 3.690   9.366   -8.259  1.00 18.18 ? 457 HOH A O   1 
HETATM 898  O  O   . HOH E 4 .   ? 3.202   6.488   -8.788  1.00 16.84 ? 458 HOH A O   1 
HETATM 899  O  O   . HOH E 4 .   ? -0.504  5.514   -6.204  1.00 9.58  ? 459 HOH A O   1 
HETATM 900  O  O   . HOH E 4 .   ? 10.614  2.227   -9.119  1.00 21.70 ? 460 HOH A O   1 
HETATM 901  O  O   . HOH E 4 .   ? 2.326   15.652  1.577   1.00 18.41 ? 461 HOH A O   1 
HETATM 902  O  O   . HOH E 4 .   ? 8.821   8.320   -2.661  1.00 18.27 ? 462 HOH A O   1 
HETATM 903  O  O   . HOH E 4 .   ? 10.344  6.489   -4.028  1.00 23.15 ? 463 HOH A O   1 
HETATM 904  O  O   . HOH E 4 .   ? 6.032   10.388  -8.765  1.00 22.35 ? 464 HOH A O   1 
HETATM 905  O  O   . HOH E 4 .   ? 9.718   7.380   2.033   1.00 20.71 ? 465 HOH A O   1 
HETATM 906  O  O   . HOH E 4 .   ? 2.603   16.395  8.161   1.00 15.21 ? 466 HOH A O   1 
HETATM 907  O  O   . HOH E 4 .   ? 1.877   16.059  10.907  1.00 14.43 ? 467 HOH A O   1 
HETATM 908  O  O   . HOH E 4 .   ? 2.287   14.682  14.301  1.00 14.98 ? 468 HOH A O   1 
HETATM 909  O  O   . HOH E 4 .   ? 1.967   13.119  16.797  1.00 21.52 ? 469 HOH A O   1 
HETATM 910  O  O   . HOH E 4 .   ? 2.756   8.898   10.926  1.00 9.68  ? 470 HOH A O   1 
HETATM 911  O  O   . HOH E 4 .   ? -0.076  1.578   10.635  1.00 9.51  ? 471 HOH A O   1 
HETATM 912  O  O   . HOH E 4 .   ? 7.220   9.141   15.169  1.00 12.58 ? 472 HOH A O   1 
HETATM 913  O  O   . HOH E 4 .   ? 9.068   11.139  15.576  1.00 17.04 ? 473 HOH A O   1 
HETATM 914  O  O   . HOH E 4 .   ? 9.471   12.356  13.164  1.00 28.07 ? 474 HOH A O   1 
HETATM 915  O  O   . HOH E 4 .   ? 7.786   13.945  11.583  1.00 23.28 ? 475 HOH A O   1 
HETATM 916  O  O   . HOH E 4 .   ? 8.517   14.385  9.060   1.00 31.02 ? 476 HOH A O   1 
HETATM 917  O  O   . HOH E 4 .   ? 5.046   15.230  7.925   1.00 27.20 ? 477 HOH A O   1 
HETATM 918  O  O   . HOH E 4 .   ? 8.068   12.101  7.450   1.00 26.92 ? 478 HOH A O   1 
HETATM 919  O  O   . HOH E 4 .   ? 5.534   13.308  6.167   1.00 31.79 ? 479 HOH A O   1 
HETATM 920  O  O   . HOH E 4 .   ? 8.354   2.469   11.661  1.00 14.12 ? 480 HOH A O   1 
HETATM 921  O  O   . HOH E 4 .   ? 11.242  2.907   8.588   1.00 27.08 ? 481 HOH A O   1 
HETATM 922  O  O   . HOH E 4 .   ? 2.887   15.008  -3.086  1.00 30.42 ? 482 HOH A O   1 
HETATM 923  O  O   . HOH E 4 .   ? 3.334   16.496  -0.737  1.00 25.76 ? 483 HOH A O   1 
HETATM 924  O  O   . HOH E 4 .   ? -1.422  10.822  19.620  1.00 22.99 ? 484 HOH A O   1 
HETATM 925  O  O   . HOH E 4 .   ? -4.508  4.234   18.642  1.00 13.79 ? 485 HOH A O   1 
HETATM 926  O  O   . HOH E 4 .   ? -4.238  6.656   20.130  1.00 18.55 ? 486 HOH A O   1 
HETATM 927  O  O   . HOH E 4 .   ? -5.935  6.533   22.264  1.00 20.17 ? 487 HOH A O   1 
HETATM 928  O  O   . HOH E 4 .   ? -7.766  4.424   21.641  1.00 21.28 ? 488 HOH A O   1 
HETATM 929  O  O   . HOH E 4 .   ? -4.340  2.808   23.845  1.00 22.69 ? 489 HOH A O   1 
HETATM 930  O  O   . HOH E 4 .   ? 0.166   0.505   19.674  1.00 16.75 ? 490 HOH A O   1 
HETATM 931  O  O   . HOH E 4 .   ? -1.680  -0.624  21.331  1.00 22.35 ? 491 HOH A O   1 
HETATM 932  O  O   . HOH E 4 .   ? 4.713   -0.154  17.290  1.00 13.69 ? 492 HOH A O   1 
HETATM 933  O  O   . HOH E 4 .   ? 2.127   -0.286  16.504  1.00 16.60 ? 493 HOH A O   1 
HETATM 934  O  O   . HOH E 4 .   ? -3.844  13.276  15.319  1.00 21.52 ? 494 HOH A O   1 
HETATM 935  O  O   . HOH E 4 .   ? -0.549  12.415  17.760  1.00 30.28 ? 495 HOH A O   1 
HETATM 936  O  O   . HOH E 4 .   ? 7.531   5.650   15.611  1.00 11.75 ? 496 HOH A O   1 
HETATM 937  O  O   . HOH E 4 .   ? 10.014  9.748   11.954  1.00 26.51 ? 497 HOH A O   1 
HETATM 938  O  O   . HOH E 4 .   ? 10.857  7.123   14.212  1.00 32.22 ? 498 HOH A O   1 
HETATM 939  O  O   . HOH E 4 .   ? 8.800   -0.511  11.221  1.00 15.80 ? 499 HOH A O   1 
HETATM 940  O  O   . HOH E 4 .   ? 10.853  3.332   12.236  1.00 30.87 ? 500 HOH A O   1 
HETATM 941  O  O   . HOH E 4 .   ? 12.520  4.567   10.371  1.00 36.73 ? 501 HOH A O   1 
HETATM 942  O  O   . HOH E 4 .   ? 9.793   6.592   17.011  1.00 14.62 ? 502 HOH A O   1 
HETATM 943  O  O   . HOH E 4 .   ? 6.635   -2.645  6.885   1.00 20.53 ? 503 HOH A O   1 
HETATM 944  O  O   . HOH E 4 .   ? 4.300   -5.477  8.498   1.00 24.82 ? 504 HOH A O   1 
HETATM 945  O  O   . HOH E 4 .   ? 11.337  2.842   -2.357  1.00 17.28 ? 505 HOH A O   1 
HETATM 946  O  O   . HOH E 4 .   ? 12.132  -5.938  -6.465  1.00 16.94 ? 506 HOH A O   1 
HETATM 947  O  O   . HOH E 4 .   ? 10.433  -7.911  -7.082  1.00 13.67 ? 507 HOH A O   1 
HETATM 948  O  O   . HOH E 4 .   ? 11.773  -3.949  -8.304  1.00 29.89 ? 508 HOH A O   1 
HETATM 949  O  O   . HOH E 4 .   ? 9.942   -7.639  -9.661  1.00 22.66 ? 509 HOH A O   1 
HETATM 950  O  O   . HOH E 4 .   ? 8.871   -6.046  -11.429 1.00 31.43 ? 510 HOH A O   1 
HETATM 951  O  O   . HOH E 4 .   ? 8.673   -16.245 -10.016 1.00 28.34 ? 511 HOH A O   1 
HETATM 952  O  O   . HOH E 4 .   ? 8.748   -9.769  -10.862 1.00 23.64 ? 512 HOH A O   1 
HETATM 953  O  O   . HOH E 4 .   ? 9.227   -10.130 -13.609 1.00 18.95 ? 513 HOH A O   1 
HETATM 954  O  O   . HOH E 4 .   ? 11.754  -10.224 -7.916  1.00 16.27 ? 514 HOH A O   1 
HETATM 955  O  O   . HOH E 4 .   ? 13.316  -1.839  -3.475  1.00 25.97 ? 515 HOH A O   1 
HETATM 956  O  O   . HOH E 4 .   ? 13.682  1.733   -1.785  1.00 33.67 ? 516 HOH A O   1 
HETATM 957  O  O   . HOH E 4 .   ? 12.711  4.321   2.094   1.00 33.50 ? 517 HOH A O   1 
HETATM 958  O  O   . HOH E 4 .   ? 14.655  1.835   2.348   1.00 34.76 ? 518 HOH A O   1 
HETATM 959  O  O   . HOH E 4 .   ? 12.824  1.109   -4.722  1.00 28.85 ? 519 HOH A O   1 
HETATM 960  O  O   . HOH E 4 .   ? 12.101  -1.424  -7.246  1.00 23.95 ? 520 HOH A O   1 
HETATM 961  O  O   . HOH E 4 .   ? 14.540  -2.232  -6.989  1.00 31.36 ? 521 HOH A O   1 
HETATM 962  O  O   . HOH E 4 .   ? 11.721  -0.262  -9.557  1.00 32.06 ? 522 HOH A O   1 
HETATM 963  O  O   . HOH E 4 .   ? 9.426   -2.293  -10.217 1.00 25.11 ? 523 HOH A O   1 
HETATM 964  O  O   . HOH E 4 .   ? 14.679  4.593   -4.987  1.00 36.12 ? 524 HOH A O   1 
HETATM 965  O  O   . HOH E 4 .   ? 10.549  7.713   -0.604  1.00 31.58 ? 525 HOH A O   1 
HETATM 966  O  O   . HOH E 4 .   ? 11.691  5.444   -1.398  1.00 31.62 ? 526 HOH A O   1 
HETATM 967  O  O   . HOH E 4 .   ? 11.978  8.401   3.831   1.00 34.69 ? 527 HOH A O   1 
HETATM 968  O  O   . HOH E 4 .   ? 8.789   10.369  3.931   1.00 29.51 ? 528 HOH A O   1 
HETATM 969  O  O   . HOH E 4 .   ? 4.629   15.762  12.135  1.00 23.32 ? 529 HOH A O   1 
HETATM 970  O  O   . HOH E 4 .   ? -4.477  15.611  13.512  1.00 30.78 ? 530 HOH A O   1 
HETATM 971  O  O   . HOH E 4 .   ? 0.758   19.694  8.554   1.00 32.10 ? 531 HOH A O   1 
HETATM 972  O  O   . HOH E 4 .   ? 1.720   18.123  6.373   1.00 22.58 ? 532 HOH A O   1 
HETATM 973  O  O   . HOH E 4 .   ? 8.279   12.215  -5.052  1.00 33.08 ? 533 HOH A O   1 
HETATM 974  O  O   . HOH E 4 .   ? 3.975   -13.952 -16.651 1.00 18.48 ? 534 HOH A O   1 
HETATM 975  O  O   . HOH E 4 .   ? 5.992   -12.708 -18.062 1.00 20.49 ? 535 HOH A O   1 
HETATM 976  O  O   . HOH E 4 .   ? 1.760   -13.936 -18.195 1.00 24.75 ? 536 HOH A O   1 
HETATM 977  O  O   . HOH E 4 .   ? 2.603   -12.722 -20.378 0.50 18.40 ? 537 HOH A O   1 
HETATM 978  O  O   . HOH E 4 .   ? 1.040   -15.832 -14.501 1.00 35.19 ? 538 HOH A O   1 
HETATM 979  O  O   . HOH E 4 .   ? -0.483  -13.603 -16.612 1.00 34.50 ? 539 HOH A O   1 
HETATM 980  O  O   . HOH E 4 .   ? -1.670  -12.064 -13.198 1.00 34.41 ? 540 HOH A O   1 
HETATM 981  O  O   . HOH E 4 .   ? -1.531  -15.897 -9.799  1.00 35.58 ? 541 HOH A O   1 
HETATM 982  O  O   . HOH E 4 .   ? 0.365   -14.148 -8.920  1.00 19.88 ? 542 HOH A O   1 
HETATM 983  O  O   . HOH E 4 .   ? 2.412   -15.897 -8.059  1.00 28.00 ? 543 HOH A O   1 
HETATM 984  O  O   . HOH E 4 .   ? 6.254   -15.456 -12.366 1.00 26.27 ? 544 HOH A O   1 
HETATM 985  O  O   . HOH E 4 .   ? -4.610  -13.269 -13.161 1.00 34.30 ? 545 HOH A O   1 
HETATM 986  O  O   . HOH E 4 .   ? -2.999  -16.429 -5.874  1.00 36.67 ? 546 HOH A O   1 
HETATM 987  O  O   . HOH E 4 .   ? 1.304   -5.151  7.980   1.00 14.55 ? 547 HOH A O   1 
HETATM 988  O  O   . HOH E 4 .   ? 2.035   -1.342  14.033  1.00 11.80 ? 548 HOH A O   1 
HETATM 989  O  O   . HOH E 4 .   ? 1.049   -9.433  9.805   1.00 29.75 ? 549 HOH A O   1 
HETATM 990  O  O   . HOH E 4 .   ? 6.891   -5.759  11.142  1.00 36.42 ? 550 HOH A O   1 
HETATM 991  O  O   . HOH E 4 .   ? 2.525   -1.299  19.524  1.00 30.38 ? 551 HOH A O   1 
HETATM 992  O  O   . HOH E 4 .   ? 1.768   -6.880  15.242  1.00 31.39 ? 552 HOH A O   1 
HETATM 993  O  O   . HOH E 4 .   ? 1.220   -2.908  17.990  1.00 39.28 ? 553 HOH A O   1 
HETATM 994  O  O   . HOH E 4 .   ? -4.992  -4.528  15.928  1.00 30.63 ? 554 HOH A O   1 
HETATM 995  O  O   . HOH E 4 .   ? -1.220  -6.776  12.942  1.00 31.23 ? 555 HOH A O   1 
HETATM 996  O  O   . HOH E 4 .   ? -10.812 -7.503  1.456   1.00 9.31  ? 556 HOH A O   1 
HETATM 997  O  O   . HOH E 4 .   ? -8.808  -7.591  -2.769  1.00 8.72  ? 557 HOH A O   1 
HETATM 998  O  O   . HOH E 4 .   ? -7.838  -7.544  -0.113  1.00 8.06  ? 558 HOH A O   1 
HETATM 999  O  O   . HOH E 4 .   ? -7.482  -7.799  -5.195  1.00 9.24  ? 559 HOH A O   1 
HETATM 1000 O  O   . HOH E 4 .   ? -10.412 -3.610  -19.619 1.00 19.75 ? 560 HOH A O   1 
HETATM 1001 O  O   . HOH E 4 .   ? -10.727 -0.978  -20.490 1.00 38.46 ? 561 HOH A O   1 
HETATM 1002 O  O   . HOH E 4 .   ? -7.006  -2.280  -16.776 1.00 21.30 ? 562 HOH A O   1 
HETATM 1003 O  O   . HOH E 4 .   ? -8.945  -3.838  -15.450 1.00 12.56 ? 563 HOH A O   1 
HETATM 1004 O  O   . HOH E 4 .   ? -5.308  -0.222  -20.294 1.00 30.08 ? 564 HOH A O   1 
HETATM 1005 O  O   . HOH E 4 .   ? -11.762 -2.833  -21.874 1.00 32.80 ? 565 HOH A O   1 
HETATM 1006 O  O   . HOH E 4 .   ? -8.104  -3.933  -18.348 1.00 29.14 ? 566 HOH A O   1 
HETATM 1007 O  O   . HOH E 4 .   ? -6.572  3.910   -10.955 1.00 18.28 ? 567 HOH A O   1 
HETATM 1008 O  O   . HOH E 4 .   ? -4.532  4.733   -12.748 1.00 9.65  ? 568 HOH A O   1 
HETATM 1009 O  O   . HOH E 4 .   ? -7.036  -1.894  17.521  1.00 23.03 ? 569 HOH A O   1 
HETATM 1010 O  O   . HOH E 4 .   ? -3.448  1.573   -20.884 1.00 23.99 ? 570 HOH A O   1 
HETATM 1011 O  O   . HOH E 4 .   ? -2.637  3.961   -20.169 1.00 18.58 ? 571 HOH A O   1 
HETATM 1012 O  O   . HOH E 4 .   ? -2.530  -2.351  -18.525 1.00 31.83 ? 572 HOH A O   1 
HETATM 1013 O  O   . HOH E 4 .   ? -7.441  9.004   18.012  1.00 31.20 ? 573 HOH A O   1 
HETATM 1014 O  O   . HOH E 4 .   ? -7.865  11.032  15.819  1.00 31.52 ? 574 HOH A O   1 
HETATM 1015 O  O   . HOH E 4 .   ? -4.188  11.800  20.551  1.00 31.95 ? 575 HOH A O   1 
HETATM 1016 O  O   . HOH E 4 .   ? -5.712  11.288  22.946  1.00 31.00 ? 576 HOH A O   1 
HETATM 1017 O  O   . HOH E 4 .   ? 3.824   -16.235 -4.213  1.00 28.35 ? 577 HOH A O   1 
HETATM 1018 O  O   . HOH E 4 .   ? 3.908   -16.583 -0.563  1.00 25.58 ? 578 HOH A O   1 
HETATM 1019 O  O   . HOH E 4 .   ? 5.872   -18.558 -3.698  1.00 30.04 ? 579 HOH A O   1 
HETATM 1020 O  O   . HOH E 4 .   ? 10.216  -17.524 -7.385  1.00 30.68 ? 580 HOH A O   1 
HETATM 1021 O  O   . HOH E 4 .   ? 2.942   -15.075 2.351   1.00 27.44 ? 581 HOH A O   1 
HETATM 1022 O  O   . HOH E 4 .   ? 9.022   6.190   -9.475  1.00 19.13 ? 582 HOH A O   1 
HETATM 1023 O  O   . HOH E 4 .   ? 5.561   12.162  17.438  1.00 28.05 ? 583 HOH A O   1 
HETATM 1024 O  O   . HOH E 4 .   ? -12.897 -7.291  3.088   1.00 22.24 ? 584 HOH A O   1 
HETATM 1025 O  O   . HOH E 4 .   ? 11.479  8.086   8.355   1.00 25.45 ? 585 HOH A O   1 
HETATM 1026 O  O   . HOH E 4 .   ? -5.230  -13.299 -17.030 0.50 17.43 ? 586 HOH A O   1 
HETATM 1027 O  O   . HOH E 4 .   ? 8.674   7.767   -11.808 1.00 30.14 ? 587 HOH A O   1 
HETATM 1028 O  O   . HOH E 4 .   ? 10.465  -11.483 -9.872  1.00 28.23 ? 588 HOH A O   1 
HETATM 1029 O  O   . HOH E 4 .   ? 9.168   10.949  -2.938  1.00 30.85 ? 589 HOH A O   1 
HETATM 1030 O  O   . HOH E 4 .   ? 0.802   -15.967 -3.288  1.00 27.37 ? 590 HOH A O   1 
HETATM 1031 O  O   . HOH E 4 .   ? -7.975  -17.151 5.648   1.00 29.65 ? 591 HOH A O   1 
HETATM 1032 O  O   . HOH E 4 .   ? -6.767  -13.921 8.653   1.00 28.69 ? 592 HOH A O   1 
HETATM 1033 O  O   . HOH E 4 .   ? 8.172   -6.721  -16.429 1.00 27.99 ? 593 HOH A O   1 
HETATM 1034 O  O   . HOH E 4 .   ? -9.129  -1.027  20.696  1.00 28.92 ? 594 HOH A O   1 
HETATM 1035 O  O   . HOH E 4 .   ? 3.966   -17.828 3.422   1.00 42.41 ? 595 HOH A O   1 
HETATM 1036 O  O   . HOH E 4 .   ? 0.373   -8.527  -19.293 1.00 31.50 ? 596 HOH A O   1 
HETATM 1037 O  O   . HOH E 4 .   ? -5.262  -18.202 -0.742  1.00 36.29 ? 597 HOH A O   1 
HETATM 1038 O  O   . HOH E 4 .   ? 5.114   16.556  3.172   1.00 33.17 ? 598 HOH A O   1 
HETATM 1039 O  O   . HOH E 4 .   ? 10.212  -1.717  18.553  1.00 33.72 ? 599 HOH A O   1 
HETATM 1040 O  O   . HOH E 4 .   ? 8.385   10.138  -7.322  1.00 32.18 ? 600 HOH A O   1 
HETATM 1041 O  O   . HOH E 4 .   ? -11.975 6.084   15.092  1.00 42.44 ? 601 HOH A O   1 
HETATM 1042 O  O   . HOH E 4 .   ? 2.063   2.066   -18.371 1.00 35.81 ? 602 HOH A O   1 
# 
